data_8JKK
#
_entry.id   8JKK
#
_cell.length_a   86.569
_cell.length_b   127.631
_cell.length_c   212.236
_cell.angle_alpha   90.00
_cell.angle_beta   90.00
_cell.angle_gamma   90.00
#
_symmetry.space_group_name_H-M   'P 21 21 21'
#
loop_
_entity.id
_entity.type
_entity.pdbx_description
1 polymer '2OGFeDO JBP1/TET oxygenase domain-containing protein'
2 polymer "DNA (5'-D(P*CP*GP*AP*TP*CP*(5CM)P*GP*CP*TP*AP*CP*G)-3')"
3 polymer "DNA (5'-D(P*CP*GP*TP*AP*GP*CP*TP*GP*AP*TP*CP*G)-3')"
4 non-polymer 'MANGANESE (II) ION'
5 non-polymer N-OXALYLGLYCINE
6 water water
#
loop_
_entity_poly.entity_id
_entity_poly.type
_entity_poly.pdbx_seq_one_letter_code
_entity_poly.pdbx_strand_id
1 'polypeptide(L)'
;MSAIPFSTDDCSQDETLPSLLLIDEAAAVLGRMIQGLRTGIPYIHTENDSIKANPILRTALWQAAYVLEKAYRRRYRVPW
TARRYMRELTPRQDGRNANREAVMAKEFPPGAELNSDHPVQEILPAMIIDAEDHILFCYLPSCVSPAIMTIIDAAVGTLA
TTKDGHLQKKSRAREGERARVEMQKVKGKGKQEEEGQEKLGANWREALDLFRQGACKMTPGVLTFAPAWWPVGHENQLPG
PASTLKPPKGEGRMFLSDIPIASALVGAILAQINQPLFESGVKVLRELYSNSKLTKDHSTVSKIIEIWFSPFSSLSLIVN
RATPIHRDTSGPIEGMDILVTGGNYSNGVLVTPSFNRRWTYNPGCVVALLGKLVLHGVPEVDGERYCMAHFWRERLFDAA
GVPFPYPSKWQESYT
;
A,D,G,J
2 'polydeoxyribonucleotide' (DC)(DG)(DA)(DT)(DC)(5CM)(DG)(DC)(DT)(DA)(DC)(DG) B,E,H,K
3 'polydeoxyribonucleotide' (DC)(DG)(DT)(DA)(DG)(DC)(DT)(DG)(DA)(DT)(DC)(DG) C,F,I,L
#
# COMPACT_ATOMS: atom_id res chain seq x y z
N LEU A 17 6.91 -16.47 47.41
CA LEU A 17 5.66 -16.94 46.82
C LEU A 17 5.96 -18.20 46.07
N PRO A 18 5.78 -19.35 46.73
CA PRO A 18 6.14 -20.62 46.08
C PRO A 18 5.29 -20.95 44.87
N SER A 19 4.06 -20.45 44.80
CA SER A 19 3.24 -20.72 43.63
C SER A 19 3.93 -20.21 42.36
N LEU A 20 4.49 -19.00 42.42
CA LEU A 20 5.14 -18.42 41.24
C LEU A 20 6.46 -19.11 40.93
N LEU A 21 7.17 -19.59 41.96
CA LEU A 21 8.35 -20.39 41.70
C LEU A 21 7.96 -21.70 41.00
N LEU A 22 6.82 -22.27 41.38
CA LEU A 22 6.38 -23.51 40.74
C LEU A 22 6.11 -23.27 39.25
N ILE A 23 5.42 -22.18 38.92
CA ILE A 23 5.11 -21.98 37.50
C ILE A 23 6.36 -21.59 36.73
N ASP A 24 7.32 -20.90 37.37
CA ASP A 24 8.62 -20.65 36.75
C ASP A 24 9.32 -21.97 36.41
N GLU A 25 9.29 -22.93 37.34
CA GLU A 25 9.94 -24.21 37.08
C GLU A 25 9.23 -24.96 35.95
N ALA A 26 7.90 -24.91 35.94
CA ALA A 26 7.17 -25.56 34.85
C ALA A 26 7.56 -24.95 33.52
N ALA A 27 7.63 -23.62 33.45
CA ALA A 27 8.03 -22.96 32.20
C ALA A 27 9.42 -23.39 31.76
N ALA A 28 10.38 -23.40 32.70
CA ALA A 28 11.76 -23.72 32.33
C ALA A 28 11.90 -25.16 31.88
N VAL A 29 11.19 -26.08 32.56
CA VAL A 29 11.25 -27.48 32.19
C VAL A 29 10.59 -27.70 30.82
N LEU A 30 9.47 -27.03 30.56
CA LEU A 30 8.83 -27.15 29.25
C LEU A 30 9.78 -26.68 28.14
N GLY A 31 10.50 -25.58 28.39
CA GLY A 31 11.49 -25.13 27.41
C GLY A 31 12.57 -26.18 27.17
N ARG A 32 13.03 -26.84 28.24
CA ARG A 32 14.04 -27.89 28.03
C ARG A 32 13.46 -29.09 27.28
N MET A 33 12.23 -29.48 27.58
CA MET A 33 11.60 -30.56 26.82
C MET A 33 11.56 -30.23 25.34
N ILE A 34 11.13 -29.01 25.00
CA ILE A 34 10.97 -28.64 23.60
C ILE A 34 12.31 -28.65 22.89
N GLN A 35 13.31 -28.06 23.54
CA GLN A 35 14.68 -27.99 23.01
C GLN A 35 15.17 -29.41 22.68
N GLY A 36 14.93 -30.31 23.60
CA GLY A 36 15.31 -31.69 23.41
C GLY A 36 14.59 -32.35 22.25
N LEU A 37 13.30 -32.03 22.05
CA LEU A 37 12.63 -32.56 20.84
C LEU A 37 13.30 -32.04 19.56
N ARG A 38 13.73 -30.77 19.59
CA ARG A 38 14.25 -30.16 18.38
C ARG A 38 15.67 -30.58 18.06
N THR A 39 16.49 -30.87 19.06
CA THR A 39 17.87 -31.24 18.83
C THR A 39 18.06 -32.75 18.68
N GLY A 40 17.08 -33.56 19.06
CA GLY A 40 17.31 -34.97 19.05
C GLY A 40 18.01 -35.50 20.27
N ILE A 41 18.41 -34.62 21.20
CA ILE A 41 18.97 -35.00 22.49
C ILE A 41 17.86 -34.97 23.56
N PRO A 42 17.28 -36.11 23.91
CA PRO A 42 16.17 -36.13 24.87
C PRO A 42 16.54 -35.44 26.17
N TYR A 43 15.66 -34.58 26.65
CA TYR A 43 15.93 -33.87 27.90
C TYR A 43 15.74 -34.84 29.06
N ILE A 44 16.69 -34.86 29.99
CA ILE A 44 16.54 -35.73 31.14
C ILE A 44 16.39 -34.83 32.34
N HIS A 45 15.18 -34.80 32.88
CA HIS A 45 14.89 -33.98 34.04
C HIS A 45 15.35 -34.75 35.27
N THR A 46 16.23 -34.13 36.07
CA THR A 46 16.80 -34.81 37.24
C THR A 46 16.54 -34.10 38.57
N GLU A 47 16.12 -32.84 38.58
CA GLU A 47 16.08 -32.12 39.83
C GLU A 47 14.92 -32.59 40.71
N ASN A 48 15.15 -32.51 42.03
CA ASN A 48 14.11 -32.74 43.03
C ASN A 48 13.32 -31.45 43.19
N ASP A 49 12.45 -31.16 42.22
CA ASP A 49 11.69 -29.92 42.22
C ASP A 49 10.19 -30.17 42.23
N SER A 50 9.43 -29.09 41.98
CA SER A 50 7.98 -29.18 41.94
C SER A 50 7.50 -29.98 40.74
N ILE A 51 8.34 -30.15 39.72
CA ILE A 51 7.90 -30.95 38.58
C ILE A 51 8.01 -32.43 38.92
N LYS A 52 9.08 -32.83 39.61
CA LYS A 52 9.16 -34.20 40.08
C LYS A 52 8.02 -34.51 41.05
N ALA A 53 7.66 -33.53 41.87
CA ALA A 53 6.62 -33.71 42.87
C ALA A 53 5.23 -33.74 42.26
N ASN A 54 5.06 -33.27 41.04
CA ASN A 54 3.74 -33.26 40.40
C ASN A 54 3.83 -33.98 39.07
N PRO A 55 3.87 -35.32 39.09
CA PRO A 55 4.00 -36.08 37.83
C PRO A 55 2.87 -35.84 36.84
N ILE A 56 1.63 -35.61 37.31
CA ILE A 56 0.56 -35.29 36.38
C ILE A 56 0.90 -34.03 35.60
N LEU A 57 1.47 -33.04 36.28
CA LEU A 57 1.91 -31.83 35.58
C LEU A 57 3.07 -32.10 34.65
N ARG A 58 4.03 -32.94 35.08
CA ARG A 58 5.18 -33.22 34.23
C ARG A 58 4.73 -33.85 32.92
N THR A 59 3.88 -34.86 33.01
CA THR A 59 3.34 -35.52 31.82
C THR A 59 2.60 -34.52 30.93
N ALA A 60 1.79 -33.64 31.53
CA ALA A 60 1.09 -32.65 30.73
C ALA A 60 2.06 -31.68 30.06
N LEU A 61 3.18 -31.38 30.71
CA LEU A 61 4.20 -30.57 30.06
C LEU A 61 4.74 -31.31 28.84
N TRP A 62 4.96 -32.61 28.95
CA TRP A 62 5.42 -33.38 27.78
C TRP A 62 4.43 -33.28 26.62
N GLN A 63 3.14 -33.46 26.92
CA GLN A 63 2.15 -33.40 25.85
C GLN A 63 2.17 -32.01 25.19
N ALA A 64 2.22 -30.95 26.00
CA ALA A 64 2.30 -29.61 25.43
C ALA A 64 3.58 -29.45 24.59
N ALA A 65 4.68 -30.02 25.03
CA ALA A 65 5.93 -29.91 24.28
C ALA A 65 5.76 -30.42 22.87
N TYR A 66 5.11 -31.58 22.73
CA TYR A 66 4.95 -32.14 21.40
C TYR A 66 4.05 -31.27 20.52
N VAL A 67 2.98 -30.72 21.11
CA VAL A 67 2.09 -29.87 20.30
C VAL A 67 2.79 -28.58 19.88
N LEU A 68 3.51 -27.94 20.81
CA LEU A 68 4.22 -26.71 20.47
C LEU A 68 5.29 -26.96 19.41
N GLU A 69 5.99 -28.11 19.51
CA GLU A 69 7.00 -28.45 18.52
C GLU A 69 6.40 -28.52 17.13
N LYS A 70 5.19 -29.08 17.02
CA LYS A 70 4.51 -29.08 15.72
C LYS A 70 4.13 -27.66 15.29
N ALA A 71 3.58 -26.86 16.21
CA ALA A 71 3.09 -25.55 15.77
C ALA A 71 4.22 -24.70 15.21
N TYR A 72 5.43 -24.87 15.76
CA TYR A 72 6.53 -24.04 15.29
C TYR A 72 7.00 -24.38 13.87
N ARG A 73 6.60 -25.54 13.36
CA ARG A 73 6.97 -26.03 12.03
C ARG A 73 5.92 -25.68 10.98
N ARG A 74 4.94 -24.87 11.34
CA ARG A 74 3.83 -24.63 10.41
C ARG A 74 3.39 -23.19 10.59
N ARG A 75 4.10 -22.26 9.96
CA ARG A 75 3.88 -20.83 10.17
C ARG A 75 3.42 -20.19 8.87
N TYR A 76 2.19 -19.70 8.86
CA TYR A 76 1.68 -18.85 7.81
C TYR A 76 2.04 -17.41 8.13
N ARG A 77 2.32 -16.63 7.08
CA ARG A 77 2.70 -15.23 7.21
C ARG A 77 1.65 -14.34 6.56
N VAL A 78 1.26 -13.27 7.26
CA VAL A 78 0.40 -12.26 6.63
C VAL A 78 1.28 -11.16 6.02
N PRO A 79 0.82 -10.44 5.01
CA PRO A 79 1.72 -9.47 4.36
C PRO A 79 1.76 -8.10 5.02
N TRP A 80 1.49 -8.00 6.31
CA TRP A 80 1.52 -6.71 7.00
C TRP A 80 2.07 -6.91 8.40
N THR A 81 2.43 -5.82 9.05
CA THR A 81 2.95 -5.88 10.40
C THR A 81 1.81 -5.67 11.39
N ALA A 82 1.95 -6.25 12.58
CA ALA A 82 1.01 -5.93 13.65
C ALA A 82 1.04 -4.44 13.97
N ARG A 83 2.21 -3.83 13.83
CA ARG A 83 2.37 -2.40 14.16
C ARG A 83 1.39 -1.54 13.36
N ARG A 84 1.38 -1.70 12.05
CA ARG A 84 0.49 -0.94 11.19
C ARG A 84 -0.97 -1.28 11.47
N TYR A 85 -1.27 -2.57 11.65
CA TYR A 85 -2.62 -2.98 11.97
C TYR A 85 -3.12 -2.28 13.23
N MET A 86 -2.32 -2.30 14.31
CA MET A 86 -2.74 -1.65 15.54
C MET A 86 -2.83 -0.14 15.35
N ARG A 87 -1.98 0.48 14.52
CA ARG A 87 -2.13 1.92 14.28
C ARG A 87 -3.47 2.23 13.62
N GLU A 88 -3.92 1.38 12.71
CA GLU A 88 -5.21 1.65 12.05
C GLU A 88 -6.42 1.44 12.98
N LEU A 89 -6.31 0.58 13.97
CA LEU A 89 -7.44 0.32 14.85
C LEU A 89 -7.66 1.49 15.81
N THR A 90 -8.92 1.79 16.08
CA THR A 90 -9.29 2.74 17.12
C THR A 90 -9.44 2.02 18.45
N PRO A 91 -9.35 2.74 19.58
CA PRO A 91 -9.12 2.08 20.89
C PRO A 91 -10.16 1.02 21.28
N ARG A 92 -11.38 1.14 20.81
CA ARG A 92 -12.47 0.24 21.19
C ARG A 92 -13.05 -0.45 19.97
N GLN A 93 -12.24 -0.62 18.91
CA GLN A 93 -12.65 -1.27 17.66
C GLN A 93 -12.79 -2.78 17.88
N ASP A 94 -14.01 -3.23 18.18
CA ASP A 94 -14.23 -4.64 18.54
C ASP A 94 -14.87 -5.46 17.42
N GLY A 95 -15.13 -4.88 16.24
CA GLY A 95 -15.69 -5.62 15.13
C GLY A 95 -17.15 -5.35 14.83
N ARG A 96 -17.86 -4.58 15.67
CA ARG A 96 -19.29 -4.35 15.45
C ARG A 96 -19.59 -3.32 14.35
N ASN A 97 -18.62 -2.50 13.93
CA ASN A 97 -18.80 -1.49 12.90
C ASN A 97 -18.41 -2.07 11.54
N ALA A 98 -19.40 -2.43 10.71
CA ALA A 98 -19.13 -3.19 9.48
C ALA A 98 -18.33 -2.39 8.47
N ASN A 99 -18.55 -1.08 8.38
CA ASN A 99 -17.81 -0.24 7.40
C ASN A 99 -16.34 -0.17 7.77
N ARG A 100 -16.06 -0.01 9.05
CA ARG A 100 -14.68 -0.02 9.53
C ARG A 100 -14.04 -1.39 9.30
N GLU A 101 -14.81 -2.47 9.52
CA GLU A 101 -14.22 -3.79 9.35
C GLU A 101 -13.97 -4.10 7.88
N ALA A 102 -14.80 -3.56 6.97
CA ALA A 102 -14.48 -3.67 5.55
C ALA A 102 -13.19 -2.91 5.22
N VAL A 103 -13.02 -1.73 5.80
CA VAL A 103 -11.75 -1.01 5.64
C VAL A 103 -10.56 -1.87 6.10
N MET A 104 -10.68 -2.50 7.28
CA MET A 104 -9.60 -3.35 7.78
C MET A 104 -9.36 -4.55 6.87
N ALA A 105 -10.43 -5.22 6.42
CA ALA A 105 -10.28 -6.38 5.56
C ALA A 105 -9.59 -6.04 4.24
N LYS A 106 -9.89 -4.85 3.67
CA LYS A 106 -9.23 -4.45 2.43
C LYS A 106 -7.79 -4.04 2.66
N GLU A 107 -7.54 -3.23 3.69
CA GLU A 107 -6.18 -2.73 3.97
C GLU A 107 -5.23 -3.83 4.46
N PHE A 108 -5.74 -4.80 5.21
CA PHE A 108 -4.91 -5.84 5.82
C PHE A 108 -5.51 -7.20 5.47
N PRO A 109 -5.36 -7.63 4.21
CA PRO A 109 -6.01 -8.89 3.76
C PRO A 109 -5.20 -10.11 4.18
N PRO A 110 -5.74 -11.32 3.99
CA PRO A 110 -5.01 -12.51 4.45
C PRO A 110 -3.70 -12.73 3.74
N GLY A 111 -3.58 -12.33 2.47
CA GLY A 111 -2.37 -12.56 1.70
C GLY A 111 -2.38 -13.89 0.96
N ALA A 112 -1.34 -14.07 0.13
CA ALA A 112 -1.28 -15.21 -0.78
C ALA A 112 -1.21 -16.54 -0.03
N GLU A 113 -0.50 -16.58 1.09
CA GLU A 113 -0.38 -17.86 1.80
C GLU A 113 -1.70 -18.33 2.40
N LEU A 114 -2.65 -17.42 2.64
CA LEU A 114 -3.87 -17.77 3.34
C LEU A 114 -5.14 -17.56 2.52
N ASN A 115 -5.12 -16.74 1.48
CA ASN A 115 -6.35 -16.58 0.73
C ASN A 115 -6.58 -17.82 -0.12
N SER A 116 -7.84 -18.17 -0.29
CA SER A 116 -8.18 -19.46 -0.87
C SER A 116 -9.69 -19.50 -0.96
N ASP A 117 -10.21 -19.80 -2.15
CA ASP A 117 -11.63 -20.05 -2.27
C ASP A 117 -11.95 -21.33 -1.50
N HIS A 118 -12.72 -21.20 -0.43
CA HIS A 118 -13.13 -22.32 0.41
C HIS A 118 -11.94 -23.12 0.93
N PRO A 119 -11.22 -22.62 1.95
CA PRO A 119 -10.17 -23.43 2.58
C PRO A 119 -10.77 -24.43 3.54
N VAL A 120 -10.03 -25.50 3.79
CA VAL A 120 -10.48 -26.54 4.72
C VAL A 120 -10.24 -26.08 6.16
N GLN A 121 -11.09 -26.54 7.07
CA GLN A 121 -10.89 -26.33 8.50
C GLN A 121 -9.55 -26.91 8.94
N GLU A 122 -8.77 -26.13 9.68
CA GLU A 122 -7.44 -26.56 10.08
C GLU A 122 -7.49 -27.55 11.24
N ILE A 123 -6.55 -28.50 11.24
CA ILE A 123 -6.44 -29.45 12.33
C ILE A 123 -5.01 -29.60 12.86
N LEU A 124 -3.98 -29.29 12.08
CA LEU A 124 -2.61 -29.40 12.55
C LEU A 124 -2.25 -28.18 13.39
N PRO A 125 -1.45 -28.35 14.44
CA PRO A 125 -0.96 -27.20 15.20
C PRO A 125 -0.25 -26.22 14.29
N ALA A 126 -0.42 -24.91 14.56
CA ALA A 126 0.15 -23.95 13.60
C ALA A 126 0.26 -22.58 14.25
N MET A 127 0.87 -21.65 13.53
CA MET A 127 0.86 -20.26 13.96
C MET A 127 0.79 -19.33 12.77
N ILE A 128 0.39 -18.10 13.08
CA ILE A 128 0.37 -17.03 12.10
C ILE A 128 1.30 -15.93 12.60
N ILE A 129 2.22 -15.53 11.74
CA ILE A 129 3.19 -14.51 12.06
C ILE A 129 2.97 -13.36 11.09
N ASP A 130 3.41 -12.17 11.50
CA ASP A 130 3.27 -10.99 10.66
C ASP A 130 4.52 -10.85 9.79
N ALA A 131 4.60 -9.75 9.02
CA ALA A 131 5.68 -9.61 8.05
C ALA A 131 7.03 -9.42 8.72
N GLU A 132 7.05 -9.10 10.01
CA GLU A 132 8.30 -8.98 10.75
C GLU A 132 8.46 -10.07 11.80
N ASP A 133 7.75 -11.18 11.64
CA ASP A 133 7.87 -12.42 12.40
C ASP A 133 7.22 -12.43 13.78
N HIS A 134 6.44 -11.42 14.13
CA HIS A 134 5.74 -11.45 15.40
C HIS A 134 4.60 -12.48 15.35
N ILE A 135 4.48 -13.26 16.43
CA ILE A 135 3.41 -14.25 16.50
C ILE A 135 2.10 -13.56 16.85
N LEU A 136 1.12 -13.70 15.98
CA LEU A 136 -0.22 -13.13 16.17
C LEU A 136 -1.20 -14.12 16.76
N PHE A 137 -0.95 -15.41 16.53
CA PHE A 137 -1.92 -16.47 16.71
C PHE A 137 -1.15 -17.76 16.74
N CYS A 138 -1.39 -18.58 17.77
CA CYS A 138 -0.73 -19.86 17.94
C CYS A 138 -1.79 -20.91 18.30
N TYR A 139 -1.92 -21.93 17.48
CA TYR A 139 -3.02 -22.88 17.52
C TYR A 139 -2.47 -24.21 18.01
N LEU A 140 -2.98 -24.68 19.17
CA LEU A 140 -2.45 -25.84 19.88
C LEU A 140 -3.59 -26.81 20.18
N PRO A 141 -4.11 -27.48 19.17
CA PRO A 141 -5.15 -28.50 19.40
C PRO A 141 -4.61 -29.68 20.20
N SER A 142 -5.48 -30.29 21.00
CA SER A 142 -5.13 -31.46 21.81
C SER A 142 -3.91 -31.19 22.70
N CYS A 143 -3.84 -29.97 23.23
CA CYS A 143 -2.70 -29.55 24.04
C CYS A 143 -2.80 -30.02 25.49
N VAL A 144 -4.01 -30.04 26.05
CA VAL A 144 -4.18 -30.31 27.48
C VAL A 144 -4.43 -31.79 27.71
N SER A 145 -3.64 -32.39 28.60
CA SER A 145 -3.75 -33.82 28.87
C SER A 145 -5.15 -34.17 29.39
N PRO A 146 -5.62 -35.37 29.09
CA PRO A 146 -6.94 -35.79 29.61
C PRO A 146 -7.03 -35.68 31.12
N ALA A 147 -5.95 -35.96 31.83
CA ALA A 147 -5.99 -35.90 33.29
C ALA A 147 -6.31 -34.48 33.74
N ILE A 148 -5.63 -33.50 33.15
CA ILE A 148 -5.87 -32.12 33.56
C ILE A 148 -7.22 -31.65 33.06
N MET A 149 -7.66 -32.11 31.90
CA MET A 149 -9.00 -31.77 31.45
C MET A 149 -10.05 -32.31 32.42
N THR A 150 -9.80 -33.50 32.99
CA THR A 150 -10.73 -34.01 33.99
C THR A 150 -10.74 -33.12 35.22
N ILE A 151 -9.56 -32.67 35.66
CA ILE A 151 -9.47 -31.76 36.80
C ILE A 151 -10.24 -30.47 36.50
N ILE A 152 -10.05 -29.89 35.32
CA ILE A 152 -10.75 -28.65 34.99
C ILE A 152 -12.25 -28.88 34.88
N ASP A 153 -12.65 -29.98 34.22
CA ASP A 153 -14.05 -30.35 34.12
C ASP A 153 -14.70 -30.35 35.49
N ALA A 154 -14.03 -30.97 36.48
CA ALA A 154 -14.59 -31.05 37.83
C ALA A 154 -14.67 -29.68 38.49
N ALA A 155 -13.63 -28.85 38.32
CA ALA A 155 -13.66 -27.54 38.95
C ALA A 155 -14.78 -26.67 38.37
N VAL A 156 -14.92 -26.69 37.04
CA VAL A 156 -15.98 -25.94 36.39
C VAL A 156 -17.34 -26.50 36.79
N GLY A 157 -17.46 -27.84 36.84
CA GLY A 157 -18.72 -28.45 37.24
C GLY A 157 -19.15 -28.04 38.63
N THR A 158 -18.20 -28.06 39.58
CA THR A 158 -18.49 -27.57 40.93
C THR A 158 -19.01 -26.15 40.88
N LEU A 159 -18.38 -25.30 40.05
CA LEU A 159 -18.84 -23.92 40.00
C LEU A 159 -20.23 -23.80 39.39
N ALA A 160 -20.51 -24.60 38.37
CA ALA A 160 -21.71 -24.44 37.56
C ALA A 160 -22.89 -25.31 38.00
N THR A 161 -22.75 -25.96 39.13
CA THR A 161 -23.84 -26.77 39.72
C THR A 161 -24.12 -26.27 41.12
N THR A 162 -23.36 -25.31 41.61
CA THR A 162 -23.61 -24.82 42.97
C THR A 162 -25.01 -24.21 42.95
N LYS A 163 -25.80 -24.74 43.87
CA LYS A 163 -27.23 -24.53 44.11
C LYS A 163 -27.51 -23.04 44.32
N ASP A 164 -26.73 -22.35 45.12
CA ASP A 164 -27.08 -20.93 45.27
C ASP A 164 -25.96 -20.03 44.73
N GLY A 165 -25.09 -20.57 43.89
CA GLY A 165 -23.95 -19.86 43.31
C GLY A 165 -24.29 -18.83 42.25
N HIS A 166 -23.31 -18.05 41.88
CA HIS A 166 -23.51 -16.97 40.92
C HIS A 166 -24.18 -17.43 39.65
N LEU A 167 -23.75 -18.57 39.10
CA LEU A 167 -24.29 -18.97 37.80
C LEU A 167 -25.77 -19.35 37.92
N GLN A 168 -26.16 -20.11 38.96
CA GLN A 168 -27.54 -20.52 39.13
C GLN A 168 -28.41 -19.33 39.44
N LYS A 169 -27.94 -18.42 40.32
CA LYS A 169 -28.75 -17.26 40.70
C LYS A 169 -28.93 -16.30 39.54
N LYS A 170 -27.84 -16.01 38.85
CA LYS A 170 -27.86 -15.18 37.67
C LYS A 170 -28.73 -15.82 36.59
N SER A 171 -28.78 -17.16 36.55
CA SER A 171 -29.65 -17.84 35.58
C SER A 171 -31.12 -17.60 35.90
N ARG A 172 -31.52 -17.89 37.14
CA ARG A 172 -32.93 -17.82 37.59
C ARG A 172 -33.39 -16.37 37.61
N ALA A 173 -32.52 -15.51 38.14
CA ALA A 173 -32.78 -14.08 38.30
C ALA A 173 -33.07 -13.51 36.92
N ARG A 174 -32.32 -13.87 35.91
CA ARG A 174 -32.74 -13.35 34.60
C ARG A 174 -33.46 -14.41 33.78
N GLU A 175 -34.09 -15.40 34.41
CA GLU A 175 -34.95 -16.29 33.58
C GLU A 175 -36.40 -15.82 33.66
N GLY A 176 -36.60 -14.70 34.36
CA GLY A 176 -37.83 -13.93 34.48
C GLY A 176 -37.82 -12.81 33.44
N GLU A 177 -36.83 -12.83 32.54
CA GLU A 177 -36.78 -11.87 31.42
C GLU A 177 -36.97 -12.66 30.13
N ARG A 178 -37.45 -13.89 30.25
CA ARG A 178 -37.75 -14.74 29.08
C ARG A 178 -39.24 -15.08 29.15
N ALA A 202 -26.50 -4.67 23.95
CA ALA A 202 -25.55 -3.96 24.80
C ALA A 202 -24.36 -4.83 25.23
N ASN A 203 -24.46 -5.46 26.40
CA ASN A 203 -23.38 -6.27 26.98
C ASN A 203 -23.39 -7.67 26.38
N TRP A 204 -22.71 -7.81 25.23
CA TRP A 204 -22.81 -9.04 24.47
C TRP A 204 -22.25 -10.24 25.22
N ARG A 205 -21.31 -10.03 26.13
CA ARG A 205 -20.68 -11.16 26.80
C ARG A 205 -21.66 -11.97 27.65
N GLU A 206 -22.78 -11.37 28.05
CA GLU A 206 -23.79 -12.10 28.81
C GLU A 206 -25.15 -12.06 28.13
N ALA A 207 -25.18 -11.81 26.82
CA ALA A 207 -26.45 -11.72 26.12
C ALA A 207 -27.19 -13.04 26.19
N LEU A 208 -28.49 -12.95 26.50
CA LEU A 208 -29.32 -14.13 26.70
C LEU A 208 -29.24 -15.12 25.55
N ASP A 209 -29.30 -14.62 24.31
CA ASP A 209 -29.42 -15.53 23.18
C ASP A 209 -28.13 -16.29 22.88
N LEU A 210 -27.00 -15.95 23.51
CA LEU A 210 -25.77 -16.68 23.27
C LEU A 210 -25.65 -17.94 24.11
N PHE A 211 -26.44 -18.07 25.18
CA PHE A 211 -26.31 -19.21 26.06
C PHE A 211 -27.12 -20.40 25.55
N ARG A 212 -26.54 -21.60 25.68
CA ARG A 212 -27.21 -22.82 25.27
C ARG A 212 -28.53 -22.95 26.00
N GLN A 213 -29.59 -23.30 25.28
CA GLN A 213 -30.91 -23.39 25.88
C GLN A 213 -31.26 -24.84 26.23
N GLY A 214 -32.20 -24.99 27.16
CA GLY A 214 -32.64 -26.32 27.59
C GLY A 214 -31.86 -26.83 28.79
N ALA A 215 -32.03 -28.13 29.06
CA ALA A 215 -31.34 -28.80 30.15
C ALA A 215 -29.83 -28.92 29.88
N CYS A 216 -29.05 -28.54 30.90
CA CYS A 216 -27.59 -28.55 30.89
C CYS A 216 -27.04 -29.14 32.19
N LYS A 217 -25.97 -29.91 32.11
CA LYS A 217 -25.29 -30.28 33.33
C LYS A 217 -24.74 -29.05 34.03
N MET A 218 -24.21 -28.10 33.26
CA MET A 218 -23.53 -26.91 33.77
C MET A 218 -24.38 -25.70 33.42
N THR A 219 -24.88 -25.03 34.45
CA THR A 219 -25.62 -23.80 34.24
C THR A 219 -24.76 -22.80 33.44
N PRO A 220 -25.27 -22.28 32.32
CA PRO A 220 -24.50 -21.30 31.55
C PRO A 220 -24.33 -20.02 32.34
N GLY A 221 -23.28 -19.27 32.00
CA GLY A 221 -23.02 -18.00 32.66
C GLY A 221 -21.58 -17.58 32.49
N VAL A 222 -21.23 -16.51 33.19
CA VAL A 222 -19.89 -15.92 33.09
C VAL A 222 -19.44 -15.50 34.49
N LEU A 223 -18.19 -15.83 34.83
CA LEU A 223 -17.57 -15.34 36.07
C LEU A 223 -16.14 -14.95 35.80
N THR A 224 -15.72 -13.78 36.30
CA THR A 224 -14.36 -13.29 36.08
C THR A 224 -13.63 -13.05 37.40
N PHE A 225 -12.34 -13.37 37.40
CA PHE A 225 -11.51 -13.37 38.59
C PHE A 225 -10.23 -12.60 38.30
N ALA A 226 -9.77 -11.82 39.28
CA ALA A 226 -8.52 -11.10 39.17
C ALA A 226 -8.01 -10.76 40.56
N PRO A 227 -6.72 -10.95 40.84
CA PRO A 227 -6.17 -10.50 42.15
C PRO A 227 -6.31 -9.01 42.38
N ALA A 228 -6.19 -8.20 41.33
CA ALA A 228 -6.35 -6.76 41.46
C ALA A 228 -6.71 -6.19 40.10
N TRP A 229 -7.69 -5.30 40.05
CA TRP A 229 -8.09 -4.70 38.77
C TRP A 229 -8.97 -3.49 39.11
N TRP A 230 -9.46 -2.82 38.10
CA TRP A 230 -10.18 -1.57 38.37
C TRP A 230 -11.66 -1.70 38.05
N PRO A 231 -12.52 -0.94 38.72
CA PRO A 231 -13.92 -0.84 38.29
C PRO A 231 -14.01 -0.10 36.97
N VAL A 232 -15.08 -0.39 36.21
CA VAL A 232 -15.33 0.29 34.95
C VAL A 232 -15.34 1.78 35.14
N GLY A 233 -14.61 2.48 34.28
CA GLY A 233 -14.57 3.92 34.30
C GLY A 233 -13.90 4.51 35.51
N HIS A 234 -13.15 3.73 36.28
CA HIS A 234 -12.57 4.18 37.55
C HIS A 234 -11.11 3.81 37.68
N GLU A 235 -10.27 4.19 36.74
CA GLU A 235 -8.87 3.74 36.81
C GLU A 235 -7.92 4.71 37.48
N ASN A 236 -8.39 5.89 37.82
CA ASN A 236 -7.53 6.84 38.53
C ASN A 236 -7.67 6.65 40.02
N GLN A 237 -7.40 5.42 40.45
CA GLN A 237 -7.49 5.03 41.84
C GLN A 237 -6.70 3.74 41.96
N LEU A 238 -6.54 3.25 43.18
CA LEU A 238 -5.83 1.99 43.36
C LEU A 238 -6.70 0.81 42.95
N PRO A 239 -6.14 -0.18 42.26
CA PRO A 239 -6.91 -1.39 41.97
C PRO A 239 -7.14 -2.19 43.25
N GLY A 240 -8.17 -3.02 43.21
CA GLY A 240 -8.51 -3.89 44.31
C GLY A 240 -8.91 -5.26 43.82
N PRO A 241 -9.16 -6.19 44.74
CA PRO A 241 -9.51 -7.56 44.35
C PRO A 241 -10.83 -7.60 43.62
N ALA A 242 -10.95 -8.52 42.67
CA ALA A 242 -12.23 -8.74 42.04
C ALA A 242 -13.25 -9.17 43.09
N SER A 243 -14.48 -8.67 42.96
CA SER A 243 -15.51 -8.98 43.93
C SER A 243 -15.76 -10.49 44.00
N THR A 244 -15.64 -11.21 42.89
CA THR A 244 -15.81 -12.67 42.95
C THR A 244 -14.80 -13.35 43.87
N LEU A 245 -13.64 -12.74 44.10
CA LEU A 245 -12.63 -13.44 44.90
C LEU A 245 -12.55 -12.92 46.32
N LYS A 246 -13.30 -11.89 46.67
CA LYS A 246 -13.06 -11.33 48.02
C LYS A 246 -13.51 -12.25 49.12
N PRO A 247 -14.65 -12.94 49.12
CA PRO A 247 -14.97 -13.86 50.22
C PRO A 247 -13.93 -14.98 50.32
N PRO A 248 -13.27 -15.14 51.48
CA PRO A 248 -12.17 -16.12 51.55
C PRO A 248 -12.57 -17.55 51.23
N LYS A 249 -13.84 -17.87 51.48
CA LYS A 249 -14.44 -19.20 51.32
C LYS A 249 -15.63 -19.18 50.38
N GLY A 250 -15.75 -18.18 49.55
CA GLY A 250 -16.72 -18.21 48.48
C GLY A 250 -16.28 -19.13 47.34
N GLU A 251 -17.21 -19.34 46.41
CA GLU A 251 -16.93 -20.26 45.31
C GLU A 251 -15.82 -19.76 44.37
N GLY A 252 -15.58 -18.46 44.26
CA GLY A 252 -14.52 -17.99 43.39
C GLY A 252 -13.15 -18.47 43.83
N ARG A 253 -12.90 -18.32 45.11
CA ARG A 253 -11.60 -18.71 45.68
C ARG A 253 -11.47 -20.21 45.64
N MET A 254 -12.57 -20.89 45.84
CA MET A 254 -12.60 -22.35 45.75
C MET A 254 -12.29 -22.84 44.34
N PHE A 255 -12.86 -22.18 43.32
CA PHE A 255 -12.52 -22.50 41.94
C PHE A 255 -11.02 -22.30 41.69
N LEU A 256 -10.42 -21.24 42.19
CA LEU A 256 -8.96 -21.03 42.06
C LEU A 256 -8.20 -22.19 42.69
N SER A 257 -8.64 -22.65 43.84
CA SER A 257 -8.10 -23.78 44.60
C SER A 257 -8.18 -25.08 43.81
N ASP A 258 -9.16 -25.26 42.99
CA ASP A 258 -9.26 -26.51 42.24
C ASP A 258 -8.37 -26.54 40.99
N ILE A 259 -7.93 -25.42 40.47
CA ILE A 259 -7.23 -25.44 39.18
C ILE A 259 -5.74 -25.09 39.18
N PRO A 260 -4.92 -25.08 40.24
CA PRO A 260 -3.56 -24.71 40.14
C PRO A 260 -2.71 -25.48 39.12
N ILE A 261 -2.94 -26.78 39.00
CA ILE A 261 -2.21 -27.57 37.99
C ILE A 261 -2.55 -27.10 36.57
N ALA A 262 -3.76 -26.77 36.29
CA ALA A 262 -4.11 -26.30 34.96
C ALA A 262 -3.53 -24.91 34.70
N SER A 263 -3.63 -24.01 35.69
CA SER A 263 -3.10 -22.67 35.50
C SER A 263 -1.59 -22.72 35.31
N ALA A 264 -0.93 -23.64 36.02
CA ALA A 264 0.50 -23.80 35.84
C ALA A 264 0.83 -24.24 34.42
N LEU A 265 0.09 -25.22 33.90
CA LEU A 265 0.27 -25.62 32.50
C LEU A 265 0.09 -24.43 31.54
N VAL A 266 -0.99 -23.68 31.70
CA VAL A 266 -1.25 -22.55 30.80
C VAL A 266 -0.12 -21.52 30.86
N GLY A 267 0.33 -21.20 32.09
CA GLY A 267 1.45 -20.26 32.22
C GLY A 267 2.70 -20.75 31.52
N ALA A 268 3.00 -22.06 31.64
CA ALA A 268 4.21 -22.59 31.00
C ALA A 268 4.11 -22.52 29.47
N ILE A 269 2.92 -22.80 28.93
CA ILE A 269 2.71 -22.63 27.50
C ILE A 269 2.97 -21.18 27.07
N LEU A 270 2.38 -20.23 27.82
CA LEU A 270 2.65 -18.83 27.52
C LEU A 270 4.14 -18.58 27.44
N ALA A 271 4.89 -19.10 28.42
CA ALA A 271 6.33 -18.86 28.45
C ALA A 271 7.03 -19.37 27.21
N GLN A 272 6.52 -20.44 26.62
CA GLN A 272 7.14 -20.87 25.36
C GLN A 272 6.79 -19.92 24.22
N ILE A 273 5.66 -19.22 24.28
CA ILE A 273 5.31 -18.39 23.12
C ILE A 273 5.86 -16.98 23.22
N ASN A 274 5.82 -16.38 24.41
CA ASN A 274 6.30 -15.02 24.66
C ASN A 274 6.93 -15.04 26.05
N GLN A 275 8.20 -15.44 26.11
CA GLN A 275 8.89 -15.48 27.38
C GLN A 275 8.99 -14.13 28.07
N PRO A 276 9.32 -13.02 27.38
CA PRO A 276 9.31 -11.74 28.09
C PRO A 276 7.96 -11.44 28.76
N LEU A 277 6.85 -11.73 28.10
CA LEU A 277 5.55 -11.42 28.69
C LEU A 277 5.29 -12.28 29.93
N PHE A 278 5.66 -13.56 29.88
CA PHE A 278 5.52 -14.41 31.05
C PHE A 278 6.34 -13.89 32.23
N GLU A 279 7.62 -13.59 31.98
CA GLU A 279 8.48 -13.13 33.06
C GLU A 279 8.00 -11.81 33.63
N SER A 280 7.50 -10.93 32.75
CA SER A 280 6.99 -9.64 33.19
C SER A 280 5.72 -9.80 34.02
N GLY A 281 4.81 -10.67 33.59
CA GLY A 281 3.61 -10.90 34.38
C GLY A 281 3.92 -11.44 35.76
N VAL A 282 4.88 -12.37 35.84
CA VAL A 282 5.26 -12.92 37.13
C VAL A 282 5.90 -11.83 38.01
N LYS A 283 6.75 -11.00 37.40
CA LYS A 283 7.36 -9.90 38.14
C LYS A 283 6.32 -8.93 38.68
N VAL A 284 5.30 -8.61 37.86
CA VAL A 284 4.23 -7.73 38.29
C VAL A 284 3.50 -8.31 39.50
N LEU A 285 3.17 -9.60 39.46
CA LEU A 285 2.46 -10.16 40.61
C LEU A 285 3.34 -10.13 41.85
N ARG A 286 4.64 -10.39 41.70
CA ARG A 286 5.53 -10.30 42.86
C ARG A 286 5.53 -8.88 43.43
N GLU A 287 5.54 -7.89 42.56
CA GLU A 287 5.53 -6.52 43.05
C GLU A 287 4.22 -6.18 43.76
N LEU A 288 3.09 -6.60 43.21
CA LEU A 288 1.82 -6.32 43.87
C LEU A 288 1.76 -7.02 45.22
N TYR A 289 2.39 -8.20 45.32
CA TYR A 289 2.47 -8.89 46.60
C TYR A 289 3.33 -8.12 47.58
N SER A 290 4.47 -7.60 47.13
CA SER A 290 5.46 -7.04 48.03
C SER A 290 5.07 -5.65 48.53
N ASN A 291 4.54 -4.80 47.66
CA ASN A 291 4.30 -3.38 47.96
C ASN A 291 2.84 -3.14 48.30
N SER A 292 2.54 -2.99 49.60
CA SER A 292 1.16 -2.78 50.04
C SER A 292 0.59 -1.43 49.61
N LYS A 293 1.41 -0.50 49.14
CA LYS A 293 0.91 0.79 48.67
C LYS A 293 0.23 0.72 47.30
N LEU A 294 0.31 -0.41 46.59
CA LEU A 294 -0.12 -0.45 45.20
C LEU A 294 -1.59 -0.83 45.02
N THR A 295 -2.24 -1.40 46.03
CA THR A 295 -3.62 -1.84 45.86
C THR A 295 -4.48 -1.41 47.04
N LYS A 296 -5.77 -1.34 46.82
CA LYS A 296 -6.69 -1.27 47.95
C LYS A 296 -6.82 -2.68 48.51
N ASP A 297 -7.09 -2.77 49.80
CA ASP A 297 -7.36 -4.05 50.45
C ASP A 297 -6.22 -5.05 50.24
N HIS A 298 -5.00 -4.59 50.48
CA HIS A 298 -3.81 -5.37 50.09
C HIS A 298 -3.73 -6.73 50.77
N SER A 299 -4.29 -6.88 51.98
CA SER A 299 -4.23 -8.19 52.64
C SER A 299 -4.99 -9.26 51.86
N THR A 300 -6.16 -8.89 51.31
CA THR A 300 -6.92 -9.82 50.49
C THR A 300 -6.20 -10.09 49.16
N VAL A 301 -5.69 -9.05 48.50
CA VAL A 301 -4.91 -9.22 47.28
C VAL A 301 -3.79 -10.22 47.52
N SER A 302 -3.10 -10.10 48.67
CA SER A 302 -1.99 -11.00 48.96
C SER A 302 -2.49 -12.42 49.14
N LYS A 303 -3.62 -12.61 49.86
CA LYS A 303 -4.07 -13.98 50.02
C LYS A 303 -4.53 -14.56 48.69
N ILE A 304 -5.03 -13.73 47.76
CA ILE A 304 -5.43 -14.26 46.45
C ILE A 304 -4.20 -14.59 45.60
N ILE A 305 -3.21 -13.71 45.59
CA ILE A 305 -2.01 -13.97 44.81
C ILE A 305 -1.37 -15.28 45.25
N GLU A 306 -1.44 -15.59 46.55
CA GLU A 306 -0.85 -16.84 47.03
C GLU A 306 -1.46 -18.09 46.39
N ILE A 307 -2.67 -18.02 45.84
CA ILE A 307 -3.25 -19.17 45.18
C ILE A 307 -3.47 -18.90 43.69
N TRP A 308 -2.77 -17.92 43.13
CA TRP A 308 -2.88 -17.54 41.72
C TRP A 308 -1.71 -18.16 40.97
N PHE A 309 -1.92 -19.34 40.38
CA PHE A 309 -0.80 -20.06 39.77
C PHE A 309 -0.66 -19.69 38.28
N SER A 310 -0.54 -18.40 38.00
CA SER A 310 -0.71 -17.93 36.62
C SER A 310 0.04 -16.63 36.46
N PRO A 311 0.60 -16.38 35.25
CA PRO A 311 1.21 -15.06 35.01
C PRO A 311 0.21 -13.98 34.61
N PHE A 312 -1.05 -14.35 34.35
CA PHE A 312 -1.98 -13.40 33.77
C PHE A 312 -2.57 -12.45 34.80
N SER A 313 -3.07 -11.31 34.32
CA SER A 313 -3.79 -10.39 35.20
C SER A 313 -5.16 -10.91 35.59
N SER A 314 -5.82 -11.66 34.71
CA SER A 314 -7.23 -11.98 34.94
C SER A 314 -7.57 -13.27 34.24
N LEU A 315 -8.63 -13.89 34.73
CA LEU A 315 -9.17 -15.14 34.19
C LEU A 315 -10.68 -15.01 34.14
N SER A 316 -11.29 -15.34 33.01
CA SER A 316 -12.74 -15.36 32.91
C SER A 316 -13.20 -16.76 32.48
N LEU A 317 -14.21 -17.27 33.17
CA LEU A 317 -14.83 -18.56 32.84
C LEU A 317 -16.16 -18.30 32.14
N ILE A 318 -16.28 -18.79 30.91
CA ILE A 318 -17.47 -18.61 30.10
C ILE A 318 -18.10 -19.99 29.92
N VAL A 319 -19.26 -20.24 30.53
CA VAL A 319 -19.87 -21.56 30.55
C VAL A 319 -21.07 -21.59 29.59
N ASN A 320 -21.01 -22.52 28.64
CA ASN A 320 -22.11 -22.83 27.71
C ASN A 320 -22.60 -21.58 26.97
N ARG A 321 -21.65 -20.81 26.44
CA ARG A 321 -21.98 -19.62 25.68
C ARG A 321 -21.27 -19.62 24.33
N ALA A 322 -22.04 -19.38 23.27
CA ALA A 322 -21.43 -19.11 21.99
C ALA A 322 -20.78 -17.72 22.02
N THR A 323 -19.84 -17.51 21.10
CA THR A 323 -19.03 -16.30 21.09
C THR A 323 -19.04 -15.67 19.69
N PRO A 324 -19.73 -14.56 19.48
CA PRO A 324 -19.71 -13.92 18.16
C PRO A 324 -18.33 -13.39 17.86
N ILE A 325 -18.07 -13.18 16.56
CA ILE A 325 -16.80 -12.62 16.11
C ILE A 325 -16.59 -11.29 16.81
N HIS A 326 -15.39 -11.08 17.35
CA HIS A 326 -15.10 -9.86 18.10
C HIS A 326 -13.59 -9.72 18.27
N ARG A 327 -13.17 -8.52 18.67
CA ARG A 327 -11.89 -8.30 19.31
C ARG A 327 -12.14 -7.89 20.76
N ASP A 328 -11.21 -8.23 21.65
CA ASP A 328 -11.24 -7.84 23.04
C ASP A 328 -10.44 -6.56 23.18
N THR A 329 -11.10 -5.49 23.64
CA THR A 329 -10.54 -4.14 23.60
C THR A 329 -10.01 -3.61 24.94
N SER A 330 -10.25 -4.31 26.05
CA SER A 330 -9.92 -3.77 27.38
C SER A 330 -8.49 -4.04 27.81
N GLY A 331 -7.78 -4.95 27.18
CA GLY A 331 -6.41 -5.19 27.56
C GLY A 331 -5.47 -4.40 26.67
N PRO A 332 -4.18 -4.62 26.85
CA PRO A 332 -3.22 -4.01 25.94
C PRO A 332 -3.19 -4.75 24.62
N ILE A 333 -3.14 -3.99 23.52
CA ILE A 333 -3.07 -4.64 22.22
C ILE A 333 -1.80 -5.48 22.07
N GLU A 334 -0.73 -5.15 22.80
CA GLU A 334 0.44 -6.02 22.79
C GLU A 334 0.22 -7.32 23.57
N GLY A 335 -0.89 -7.45 24.29
CA GLY A 335 -1.06 -8.59 25.17
C GLY A 335 -1.54 -9.81 24.40
N MET A 336 -0.94 -10.95 24.71
CA MET A 336 -1.31 -12.25 24.15
C MET A 336 -2.18 -12.96 25.17
N ASP A 337 -3.44 -13.16 24.82
CA ASP A 337 -4.39 -13.89 25.63
C ASP A 337 -4.31 -15.40 25.33
N ILE A 338 -4.79 -16.21 26.27
CA ILE A 338 -4.84 -17.63 26.00
C ILE A 338 -6.22 -18.17 26.30
N LEU A 339 -6.79 -18.90 25.35
CA LEU A 339 -8.08 -19.54 25.46
C LEU A 339 -7.86 -21.03 25.63
N VAL A 340 -8.60 -21.62 26.59
CA VAL A 340 -8.67 -23.07 26.76
C VAL A 340 -10.14 -23.45 26.67
N THR A 341 -10.46 -24.45 25.87
CA THR A 341 -11.86 -24.87 25.72
C THR A 341 -12.02 -26.31 26.18
N GLY A 342 -13.17 -26.59 26.81
CA GLY A 342 -13.45 -27.91 27.34
C GLY A 342 -14.91 -28.27 27.27
N GLY A 343 -15.22 -29.51 27.67
CA GLY A 343 -16.58 -29.95 27.81
C GLY A 343 -16.84 -31.25 27.08
N ASN A 344 -18.12 -31.53 26.87
CA ASN A 344 -18.59 -32.72 26.17
C ASN A 344 -19.32 -32.25 24.92
N TYR A 345 -18.55 -32.06 23.85
CA TYR A 345 -19.03 -31.65 22.54
C TYR A 345 -17.98 -32.10 21.55
N SER A 346 -18.29 -32.01 20.27
CA SER A 346 -17.35 -32.57 19.30
C SER A 346 -17.20 -31.77 18.01
N ASN A 347 -17.91 -30.68 17.84
CA ASN A 347 -17.84 -29.97 16.56
C ASN A 347 -17.39 -28.53 16.74
N GLY A 348 -16.50 -28.28 17.70
CA GLY A 348 -16.07 -26.91 17.97
C GLY A 348 -15.23 -26.32 16.84
N VAL A 349 -15.48 -25.04 16.56
CA VAL A 349 -14.78 -24.30 15.52
C VAL A 349 -14.48 -22.92 16.05
N LEU A 350 -13.24 -22.46 15.88
CA LEU A 350 -12.88 -21.09 16.15
C LEU A 350 -12.58 -20.39 14.84
N VAL A 351 -13.24 -19.27 14.59
CA VAL A 351 -13.22 -18.59 13.29
C VAL A 351 -12.34 -17.36 13.40
N THR A 352 -11.35 -17.24 12.51
CA THR A 352 -10.50 -16.05 12.40
C THR A 352 -10.64 -15.52 10.97
N PRO A 353 -11.57 -14.59 10.74
CA PRO A 353 -11.86 -14.16 9.35
C PRO A 353 -10.72 -13.39 8.72
N SER A 354 -9.95 -12.63 9.49
CA SER A 354 -8.84 -11.90 8.90
C SER A 354 -7.76 -12.83 8.37
N PHE A 355 -7.75 -14.09 8.79
CA PHE A 355 -6.79 -15.06 8.31
C PHE A 355 -7.40 -16.01 7.32
N ASN A 356 -8.66 -15.79 6.94
CA ASN A 356 -9.39 -16.70 6.09
C ASN A 356 -9.28 -18.13 6.61
N ARG A 357 -9.47 -18.28 7.93
CA ARG A 357 -9.32 -19.63 8.49
C ARG A 357 -10.38 -19.96 9.53
N ARG A 358 -10.71 -21.25 9.56
CA ARG A 358 -11.47 -21.87 10.64
C ARG A 358 -10.62 -22.99 11.23
N TRP A 359 -10.65 -23.11 12.56
CA TRP A 359 -9.76 -23.97 13.31
C TRP A 359 -10.58 -24.93 14.17
N THR A 360 -10.25 -26.22 14.09
CA THR A 360 -10.90 -27.21 14.94
C THR A 360 -10.61 -26.88 16.41
N TYR A 361 -11.67 -26.80 17.21
CA TYR A 361 -11.60 -26.20 18.53
C TYR A 361 -12.38 -27.08 19.51
N ASN A 362 -11.92 -28.31 19.67
CA ASN A 362 -12.53 -29.34 20.49
C ASN A 362 -11.87 -29.37 21.87
N PRO A 363 -12.45 -30.11 22.83
CA PRO A 363 -11.92 -30.07 24.21
C PRO A 363 -10.41 -30.30 24.24
N GLY A 364 -9.75 -29.57 25.13
CA GLY A 364 -8.32 -29.66 25.28
C GLY A 364 -7.54 -28.78 24.32
N CYS A 365 -8.21 -28.05 23.43
CA CYS A 365 -7.52 -27.15 22.53
C CYS A 365 -7.12 -25.87 23.25
N VAL A 366 -5.92 -25.38 22.95
CA VAL A 366 -5.39 -24.12 23.50
C VAL A 366 -5.09 -23.18 22.35
N VAL A 367 -5.52 -21.92 22.47
CA VAL A 367 -5.26 -20.92 21.43
C VAL A 367 -4.63 -19.71 22.11
N ALA A 368 -3.46 -19.31 21.65
CA ALA A 368 -2.87 -18.07 22.11
C ALA A 368 -3.02 -17.03 21.01
N LEU A 369 -3.42 -15.81 21.37
CA LEU A 369 -3.68 -14.86 20.28
C LEU A 369 -3.63 -13.44 20.82
N LEU A 370 -3.28 -12.52 19.92
CA LEU A 370 -3.40 -11.10 20.21
C LEU A 370 -4.88 -10.76 20.03
N GLY A 371 -5.66 -10.95 21.09
CA GLY A 371 -7.11 -10.82 20.99
C GLY A 371 -7.62 -9.40 20.76
N LYS A 372 -6.78 -8.39 20.89
CA LYS A 372 -7.19 -7.03 20.56
C LYS A 372 -6.93 -6.70 19.09
N LEU A 373 -6.14 -7.52 18.41
CA LEU A 373 -5.92 -7.36 16.98
C LEU A 373 -6.75 -8.36 16.19
N VAL A 374 -6.73 -9.62 16.61
CA VAL A 374 -7.28 -10.73 15.85
C VAL A 374 -8.76 -10.89 16.14
N LEU A 375 -9.59 -10.69 15.11
CA LEU A 375 -11.00 -11.06 15.20
C LEU A 375 -11.12 -12.57 15.40
N HIS A 376 -11.95 -12.99 16.37
CA HIS A 376 -12.15 -14.41 16.64
C HIS A 376 -13.57 -14.66 17.12
N GLY A 377 -14.09 -15.85 16.81
CA GLY A 377 -15.41 -16.23 17.29
C GLY A 377 -15.53 -17.74 17.38
N VAL A 378 -16.51 -18.19 18.17
CA VAL A 378 -16.77 -19.61 18.37
C VAL A 378 -18.28 -19.85 18.27
N PRO A 379 -18.75 -20.49 17.20
CA PRO A 379 -20.19 -20.75 17.06
C PRO A 379 -20.74 -21.69 18.12
N GLU A 380 -22.06 -21.68 18.26
CA GLU A 380 -22.74 -22.66 19.10
C GLU A 380 -22.30 -24.08 18.74
N VAL A 381 -22.17 -24.94 19.75
CA VAL A 381 -21.75 -26.33 19.53
C VAL A 381 -22.85 -27.27 19.98
N ASP A 382 -22.80 -28.50 19.48
CA ASP A 382 -23.79 -29.53 19.82
C ASP A 382 -23.36 -30.32 21.07
N GLY A 383 -23.39 -29.62 22.19
CA GLY A 383 -23.02 -30.23 23.45
C GLY A 383 -22.70 -29.13 24.44
N GLU A 384 -22.12 -29.54 25.56
CA GLU A 384 -21.81 -28.58 26.61
C GLU A 384 -20.34 -28.23 26.54
N ARG A 385 -20.05 -26.96 26.78
CA ARG A 385 -18.72 -26.39 26.57
C ARG A 385 -18.47 -25.32 27.62
N TYR A 386 -17.19 -25.15 27.98
CA TYR A 386 -16.75 -24.00 28.74
C TYR A 386 -15.44 -23.51 28.15
N CYS A 387 -15.13 -22.25 28.45
CA CYS A 387 -13.90 -21.62 28.00
C CYS A 387 -13.25 -20.89 29.17
N MET A 388 -11.95 -21.06 29.32
CA MET A 388 -11.14 -20.27 30.25
C MET A 388 -10.33 -19.30 29.43
N ALA A 389 -10.58 -18.01 29.61
CA ALA A 389 -9.91 -16.96 28.86
C ALA A 389 -9.00 -16.19 29.81
N HIS A 390 -7.70 -16.16 29.48
CA HIS A 390 -6.67 -15.53 30.28
C HIS A 390 -6.23 -14.24 29.61
N PHE A 391 -6.19 -13.14 30.36
CA PHE A 391 -5.95 -11.84 29.72
C PHE A 391 -5.28 -10.89 30.72
N TRP A 392 -5.10 -9.63 30.29
CA TRP A 392 -4.12 -8.69 30.82
C TRP A 392 -4.74 -7.34 31.20
N ARG A 393 -4.14 -6.70 32.20
CA ARG A 393 -4.44 -5.31 32.53
C ARG A 393 -3.10 -4.56 32.55
N GLU A 394 -2.87 -3.74 31.51
CA GLU A 394 -1.58 -3.06 31.31
C GLU A 394 -1.19 -2.15 32.47
N ARG A 395 -2.15 -1.47 33.08
CA ARG A 395 -1.80 -0.52 34.13
C ARG A 395 -1.31 -1.21 35.40
N LEU A 396 -1.57 -2.51 35.60
CA LEU A 396 -0.88 -3.19 36.69
C LEU A 396 0.63 -3.22 36.41
N PHE A 397 1.00 -3.35 35.12
CA PHE A 397 2.41 -3.26 34.77
C PHE A 397 2.97 -1.87 35.05
N ASP A 398 2.23 -0.82 34.64
CA ASP A 398 2.67 0.54 34.97
C ASP A 398 2.85 0.73 36.47
N ALA A 399 1.85 0.32 37.24
CA ALA A 399 1.88 0.50 38.69
C ALA A 399 3.03 -0.25 39.33
N ALA A 400 3.43 -1.39 38.76
CA ALA A 400 4.54 -2.16 39.31
C ALA A 400 5.88 -1.74 38.76
N GLY A 401 5.91 -0.78 37.83
CA GLY A 401 7.16 -0.35 37.21
C GLY A 401 7.78 -1.36 36.27
N VAL A 402 6.97 -2.20 35.64
CA VAL A 402 7.44 -3.26 34.76
C VAL A 402 6.93 -2.90 33.30
N PRO A 403 7.83 -2.76 32.37
CA PRO A 403 7.34 -2.41 31.01
C PRO A 403 6.53 -3.55 30.45
N PHE A 404 5.49 -3.20 29.71
CA PHE A 404 4.74 -4.22 29.01
C PHE A 404 5.46 -4.53 27.68
N PRO A 405 5.93 -5.76 27.48
CA PRO A 405 6.73 -6.05 26.27
C PRO A 405 5.91 -6.08 24.99
N TYR A 406 6.57 -5.80 23.89
CA TYR A 406 5.93 -5.91 22.60
C TYR A 406 5.86 -7.39 22.21
N PRO A 407 4.87 -7.79 21.43
CA PRO A 407 4.72 -9.22 21.06
C PRO A 407 6.02 -9.82 20.52
N SER A 408 6.28 -11.05 20.94
CA SER A 408 7.48 -11.79 20.61
C SER A 408 7.48 -12.26 19.14
N LYS A 409 8.67 -12.51 18.62
CA LYS A 409 8.89 -13.11 17.31
C LYS A 409 9.12 -14.62 17.45
N TRP A 410 8.86 -15.36 16.36
CA TRP A 410 8.97 -16.82 16.43
C TRP A 410 10.41 -17.28 16.63
N GLN A 411 11.42 -16.52 16.18
CA GLN A 411 12.81 -16.95 16.36
C GLN A 411 13.21 -17.03 17.82
N GLU A 412 12.48 -16.34 18.70
CA GLU A 412 12.78 -16.38 20.13
C GLU A 412 12.62 -17.78 20.70
N SER A 413 11.82 -18.62 20.05
CA SER A 413 11.70 -20.01 20.49
C SER A 413 13.02 -20.79 20.35
N TYR A 414 13.91 -20.37 19.44
CA TYR A 414 15.13 -21.11 19.13
C TYR A 414 16.39 -20.46 19.71
N THR A 415 16.23 -19.55 20.67
CA THR A 415 17.37 -19.05 21.44
C THR A 415 17.50 -19.88 22.72
N LEU D 17 37.67 -22.90 -14.46
CA LEU D 17 36.30 -23.28 -14.83
C LEU D 17 35.21 -22.31 -14.45
N PRO D 18 34.82 -21.51 -15.45
CA PRO D 18 33.77 -20.51 -15.22
C PRO D 18 32.41 -21.11 -14.94
N SER D 19 32.15 -22.33 -15.44
CA SER D 19 30.86 -22.97 -15.18
C SER D 19 30.68 -23.26 -13.69
N LEU D 20 31.71 -23.86 -13.07
CA LEU D 20 31.62 -24.17 -11.65
C LEU D 20 31.68 -22.89 -10.82
N LEU D 21 32.38 -21.87 -11.32
CA LEU D 21 32.39 -20.58 -10.63
C LEU D 21 31.01 -19.93 -10.66
N LEU D 22 30.31 -20.01 -11.79
CA LEU D 22 28.97 -19.41 -11.83
C LEU D 22 28.05 -20.12 -10.86
N ILE D 23 28.11 -21.46 -10.82
CA ILE D 23 27.15 -22.11 -9.94
C ILE D 23 27.54 -21.95 -8.46
N ASP D 24 28.85 -21.90 -8.14
CA ASP D 24 29.23 -21.57 -6.76
C ASP D 24 28.67 -20.19 -6.35
N GLU D 25 28.81 -19.19 -7.23
CA GLU D 25 28.37 -17.84 -6.87
C GLU D 25 26.85 -17.78 -6.74
N ALA D 26 26.13 -18.46 -7.65
CA ALA D 26 24.67 -18.49 -7.56
C ALA D 26 24.22 -19.14 -6.27
N ALA D 27 24.86 -20.25 -5.87
CA ALA D 27 24.48 -20.90 -4.61
C ALA D 27 24.69 -19.97 -3.41
N ALA D 28 25.85 -19.30 -3.36
CA ALA D 28 26.11 -18.45 -2.20
C ALA D 28 25.18 -17.24 -2.17
N VAL D 29 24.92 -16.63 -3.32
CA VAL D 29 24.05 -15.46 -3.34
C VAL D 29 22.63 -15.84 -2.95
N LEU D 30 22.15 -17.01 -3.40
CA LEU D 30 20.84 -17.46 -2.96
C LEU D 30 20.81 -17.65 -1.44
N GLY D 31 21.87 -18.23 -0.87
CA GLY D 31 21.90 -18.35 0.59
C GLY D 31 21.81 -17.00 1.29
N ARG D 32 22.54 -16.00 0.76
CA ARG D 32 22.51 -14.67 1.41
C ARG D 32 21.14 -14.02 1.28
N MET D 33 20.49 -14.24 0.14
CA MET D 33 19.13 -13.74 -0.04
C MET D 33 18.18 -14.34 1.01
N ILE D 34 18.26 -15.67 1.20
CA ILE D 34 17.37 -16.35 2.15
C ILE D 34 17.64 -15.90 3.59
N GLN D 35 18.90 -15.71 3.89
CA GLN D 35 19.31 -15.23 5.19
C GLN D 35 18.75 -13.82 5.39
N GLY D 36 18.82 -12.96 4.41
CA GLY D 36 18.23 -11.65 4.57
C GLY D 36 16.75 -11.73 4.85
N LEU D 37 16.04 -12.63 4.15
CA LEU D 37 14.60 -12.76 4.37
C LEU D 37 14.31 -13.26 5.78
N ARG D 38 15.13 -14.17 6.29
CA ARG D 38 14.81 -14.79 7.58
C ARG D 38 15.16 -13.87 8.75
N THR D 39 16.21 -13.05 8.61
CA THR D 39 16.61 -12.16 9.70
C THR D 39 15.90 -10.81 9.67
N GLY D 40 15.35 -10.40 8.53
CA GLY D 40 14.79 -9.07 8.35
C GLY D 40 15.78 -8.01 7.89
N ILE D 41 17.05 -8.36 7.77
CA ILE D 41 18.03 -7.44 7.21
C ILE D 41 18.13 -7.73 5.71
N PRO D 42 17.45 -6.98 4.86
CA PRO D 42 17.44 -7.32 3.42
C PRO D 42 18.85 -7.37 2.87
N TYR D 43 19.12 -8.42 2.11
CA TYR D 43 20.40 -8.55 1.43
C TYR D 43 20.38 -7.70 0.16
N ILE D 44 21.47 -6.98 -0.07
CA ILE D 44 21.64 -6.20 -1.28
C ILE D 44 22.87 -6.73 -1.98
N HIS D 45 22.72 -7.15 -3.24
CA HIS D 45 23.86 -7.69 -3.97
C HIS D 45 24.70 -6.54 -4.54
N THR D 46 25.99 -6.48 -4.15
CA THR D 46 26.89 -5.39 -4.55
C THR D 46 28.19 -5.79 -5.27
N GLU D 47 28.61 -7.06 -5.25
CA GLU D 47 29.90 -7.50 -5.78
C GLU D 47 29.93 -7.57 -7.31
N ASN D 48 31.16 -7.58 -7.79
CA ASN D 48 31.32 -7.77 -9.23
C ASN D 48 31.42 -9.28 -9.48
N ASP D 49 30.38 -10.10 -9.26
CA ASP D 49 30.50 -11.48 -9.61
C ASP D 49 29.66 -11.71 -10.86
N SER D 50 29.50 -12.99 -11.21
CA SER D 50 28.70 -13.36 -12.36
C SER D 50 27.24 -13.05 -12.12
N ILE D 51 26.85 -12.82 -10.85
CA ILE D 51 25.46 -12.53 -10.55
C ILE D 51 25.11 -11.08 -10.87
N LYS D 52 26.03 -10.17 -10.72
CA LYS D 52 25.74 -8.80 -11.16
C LYS D 52 25.77 -8.73 -12.68
N ALA D 53 26.46 -9.64 -13.33
CA ALA D 53 26.52 -9.69 -14.78
C ALA D 53 25.27 -10.31 -15.41
N ASN D 54 24.44 -11.04 -14.65
CA ASN D 54 23.26 -11.71 -15.17
C ASN D 54 22.01 -11.27 -14.41
N PRO D 55 21.43 -10.12 -14.76
CA PRO D 55 20.21 -9.68 -14.04
C PRO D 55 19.06 -10.69 -14.10
N ILE D 56 18.89 -11.40 -15.20
CA ILE D 56 17.83 -12.40 -15.28
C ILE D 56 18.04 -13.50 -14.24
N LEU D 57 19.29 -13.95 -14.08
CA LEU D 57 19.56 -14.94 -13.05
C LEU D 57 19.33 -14.36 -11.67
N ARG D 58 19.73 -13.10 -11.46
CA ARG D 58 19.58 -12.48 -10.15
C ARG D 58 18.11 -12.42 -9.75
N THR D 59 17.28 -11.95 -10.68
CA THR D 59 15.84 -11.92 -10.45
C THR D 59 15.32 -13.31 -10.13
N ALA D 60 15.79 -14.33 -10.85
CA ALA D 60 15.30 -15.70 -10.62
C ALA D 60 15.74 -16.22 -9.27
N LEU D 61 16.96 -15.90 -8.85
CA LEU D 61 17.40 -16.26 -7.52
C LEU D 61 16.50 -15.64 -6.46
N TRP D 62 16.13 -14.37 -6.64
CA TRP D 62 15.23 -13.74 -5.66
C TRP D 62 13.89 -14.50 -5.58
N GLN D 63 13.32 -14.84 -6.74
CA GLN D 63 12.04 -15.55 -6.73
C GLN D 63 12.17 -16.89 -5.99
N ALA D 64 13.24 -17.63 -6.27
CA ALA D 64 13.47 -18.89 -5.57
C ALA D 64 13.67 -18.66 -4.07
N ALA D 65 14.35 -17.57 -3.71
CA ALA D 65 14.56 -17.28 -2.30
C ALA D 65 13.23 -17.22 -1.56
N TYR D 66 12.25 -16.51 -2.13
CA TYR D 66 10.98 -16.38 -1.40
C TYR D 66 10.26 -17.72 -1.28
N VAL D 67 10.31 -18.53 -2.34
CA VAL D 67 9.62 -19.82 -2.25
C VAL D 67 10.29 -20.73 -1.23
N LEU D 68 11.63 -20.75 -1.20
CA LEU D 68 12.35 -21.58 -0.25
C LEU D 68 12.08 -21.13 1.19
N GLU D 69 12.06 -19.82 1.42
CA GLU D 69 11.74 -19.33 2.75
C GLU D 69 10.36 -19.81 3.19
N LYS D 70 9.40 -19.87 2.26
CA LYS D 70 8.11 -20.42 2.64
C LYS D 70 8.21 -21.90 2.97
N ALA D 71 8.94 -22.66 2.15
CA ALA D 71 8.96 -24.11 2.36
C ALA D 71 9.55 -24.46 3.72
N TYR D 72 10.52 -23.67 4.19
CA TYR D 72 11.11 -24.00 5.48
C TYR D 72 10.14 -23.82 6.65
N ARG D 73 9.03 -23.12 6.46
CA ARG D 73 8.07 -22.82 7.51
C ARG D 73 6.90 -23.78 7.52
N ARG D 74 6.97 -24.86 6.71
CA ARG D 74 5.84 -25.76 6.56
C ARG D 74 6.41 -27.16 6.41
N ARG D 75 6.78 -27.76 7.53
CA ARG D 75 7.46 -29.04 7.53
C ARG D 75 6.55 -30.06 8.20
N TYR D 76 6.09 -31.04 7.43
CA TYR D 76 5.41 -32.21 7.98
C TYR D 76 6.44 -33.28 8.31
N ARG D 77 6.16 -34.05 9.36
CA ARG D 77 7.06 -35.11 9.81
C ARG D 77 6.35 -36.45 9.69
N VAL D 78 7.05 -37.45 9.15
CA VAL D 78 6.58 -38.83 9.12
C VAL D 78 7.13 -39.55 10.35
N PRO D 79 6.46 -40.60 10.82
CA PRO D 79 6.87 -41.21 12.09
C PRO D 79 7.95 -42.28 11.98
N TRP D 80 8.81 -42.21 10.97
CA TRP D 80 9.91 -43.16 10.81
C TRP D 80 11.12 -42.39 10.32
N THR D 81 12.28 -43.06 10.35
CA THR D 81 13.53 -42.48 9.85
C THR D 81 13.79 -42.93 8.42
N ALA D 82 14.52 -42.12 7.66
CA ALA D 82 14.88 -42.55 6.32
C ALA D 82 15.73 -43.81 6.34
N ARG D 83 16.65 -43.95 7.32
CA ARG D 83 17.56 -45.09 7.18
C ARG D 83 16.85 -46.41 7.47
N ARG D 84 15.89 -46.43 8.40
CA ARG D 84 15.12 -47.65 8.56
C ARG D 84 14.36 -47.99 7.26
N TYR D 85 13.75 -46.97 6.64
CA TYR D 85 13.10 -47.14 5.35
C TYR D 85 14.08 -47.70 4.31
N MET D 86 15.29 -47.14 4.28
CA MET D 86 16.32 -47.59 3.35
C MET D 86 16.69 -49.04 3.61
N ARG D 87 16.76 -49.46 4.89
CA ARG D 87 17.08 -50.87 5.16
C ARG D 87 15.98 -51.80 4.66
N GLU D 88 14.72 -51.40 4.75
CA GLU D 88 13.71 -52.33 4.23
C GLU D 88 13.72 -52.38 2.71
N LEU D 89 14.11 -51.30 2.02
CA LEU D 89 14.08 -51.32 0.56
C LEU D 89 15.20 -52.22 0.04
N THR D 90 14.90 -52.97 -1.02
CA THR D 90 15.88 -53.75 -1.76
C THR D 90 16.41 -52.95 -2.95
N PRO D 91 17.60 -53.32 -3.48
CA PRO D 91 18.28 -52.44 -4.45
C PRO D 91 17.49 -52.07 -5.70
N ARG D 92 16.51 -52.88 -6.13
CA ARG D 92 15.76 -52.58 -7.36
C ARG D 92 14.26 -52.41 -7.06
N GLN D 93 13.93 -52.05 -5.82
CA GLN D 93 12.52 -51.88 -5.44
C GLN D 93 12.04 -50.55 -6.03
N ASP D 94 11.51 -50.60 -7.26
CA ASP D 94 11.13 -49.38 -7.95
C ASP D 94 9.64 -49.14 -7.88
N GLY D 95 8.91 -50.00 -7.18
CA GLY D 95 7.48 -49.85 -6.97
C GLY D 95 6.59 -50.78 -7.78
N ARG D 96 7.14 -51.56 -8.74
CA ARG D 96 6.28 -52.42 -9.54
C ARG D 96 5.78 -53.66 -8.80
N ASN D 97 6.35 -53.99 -7.65
CA ASN D 97 5.92 -55.18 -6.92
C ASN D 97 4.85 -54.78 -5.90
N ALA D 98 3.58 -55.11 -6.18
CA ALA D 98 2.47 -54.66 -5.35
C ALA D 98 2.51 -55.28 -3.94
N ASN D 99 2.95 -56.54 -3.82
CA ASN D 99 3.04 -57.16 -2.49
C ASN D 99 4.03 -56.43 -1.62
N ARG D 100 5.21 -56.13 -2.18
CA ARG D 100 6.22 -55.39 -1.44
C ARG D 100 5.76 -53.99 -1.09
N GLU D 101 5.03 -53.32 -2.01
CA GLU D 101 4.63 -51.95 -1.71
C GLU D 101 3.54 -51.94 -0.64
N ALA D 102 2.73 -53.00 -0.56
CA ALA D 102 1.81 -53.12 0.56
C ALA D 102 2.56 -53.28 1.88
N VAL D 103 3.64 -54.09 1.88
CA VAL D 103 4.45 -54.19 3.09
C VAL D 103 4.99 -52.81 3.47
N MET D 104 5.56 -52.10 2.50
CA MET D 104 6.09 -50.76 2.80
C MET D 104 5.01 -49.82 3.34
N ALA D 105 3.79 -49.85 2.77
CA ALA D 105 2.72 -48.94 3.23
C ALA D 105 2.31 -49.26 4.65
N LYS D 106 2.32 -50.54 5.02
CA LYS D 106 1.96 -50.91 6.39
C LYS D 106 3.08 -50.54 7.37
N GLU D 107 4.30 -50.91 7.02
CA GLU D 107 5.45 -50.69 7.90
C GLU D 107 5.79 -49.20 8.05
N PHE D 108 5.66 -48.40 6.99
CA PHE D 108 6.06 -46.99 7.02
C PHE D 108 4.88 -46.15 6.58
N PRO D 109 3.89 -45.98 7.45
CA PRO D 109 2.68 -45.27 7.07
C PRO D 109 2.92 -43.77 7.11
N PRO D 110 1.96 -42.96 6.63
CA PRO D 110 2.17 -41.51 6.58
C PRO D 110 2.25 -40.85 7.95
N GLY D 111 1.57 -41.39 8.96
CA GLY D 111 1.58 -40.81 10.28
C GLY D 111 0.48 -39.78 10.49
N ALA D 112 0.37 -39.34 11.76
CA ALA D 112 -0.74 -38.49 12.20
C ALA D 112 -0.76 -37.13 11.50
N GLU D 113 0.42 -36.56 11.21
CA GLU D 113 0.45 -35.23 10.58
C GLU D 113 -0.05 -35.26 9.14
N LEU D 114 0.01 -36.42 8.48
CA LEU D 114 -0.29 -36.50 7.07
C LEU D 114 -1.53 -37.32 6.76
N ASN D 115 -1.98 -38.19 7.66
CA ASN D 115 -3.18 -38.93 7.34
C ASN D 115 -4.42 -38.05 7.53
N SER D 116 -5.41 -38.32 6.72
CA SER D 116 -6.60 -37.50 6.56
C SER D 116 -7.46 -38.25 5.56
N ASP D 117 -8.73 -38.44 5.86
CA ASP D 117 -9.64 -38.93 4.84
C ASP D 117 -9.77 -37.86 3.76
N HIS D 118 -9.30 -38.17 2.55
CA HIS D 118 -9.36 -37.26 1.41
C HIS D 118 -8.68 -35.93 1.70
N PRO D 119 -7.35 -35.86 1.69
CA PRO D 119 -6.69 -34.56 1.83
C PRO D 119 -6.77 -33.80 0.52
N VAL D 120 -6.76 -32.46 0.62
CA VAL D 120 -6.82 -31.62 -0.56
C VAL D 120 -5.45 -31.58 -1.21
N GLN D 121 -5.43 -31.38 -2.52
CA GLN D 121 -4.18 -31.18 -3.24
C GLN D 121 -3.39 -30.01 -2.63
N GLU D 122 -2.10 -30.21 -2.36
CA GLU D 122 -1.32 -29.14 -1.75
C GLU D 122 -0.97 -28.03 -2.76
N ILE D 123 -0.88 -26.81 -2.27
CA ILE D 123 -0.46 -25.69 -3.13
C ILE D 123 0.65 -24.85 -2.51
N LEU D 124 0.82 -24.81 -1.17
CA LEU D 124 1.84 -24.00 -0.52
C LEU D 124 3.18 -24.71 -0.52
N PRO D 125 4.28 -23.97 -0.65
CA PRO D 125 5.60 -24.59 -0.49
C PRO D 125 5.69 -25.31 0.84
N ALA D 126 6.40 -26.42 0.86
CA ALA D 126 6.42 -27.22 2.08
C ALA D 126 7.57 -28.18 2.00
N MET D 127 7.83 -28.86 3.10
CA MET D 127 8.76 -29.97 3.03
C MET D 127 8.27 -31.08 3.93
N ILE D 128 8.78 -32.27 3.66
CA ILE D 128 8.56 -33.44 4.48
C ILE D 128 9.90 -33.92 4.98
N ILE D 129 9.98 -34.12 6.32
CA ILE D 129 11.16 -34.52 7.05
C ILE D 129 10.87 -35.82 7.78
N ASP D 130 11.93 -36.58 8.08
CA ASP D 130 11.74 -37.83 8.78
C ASP D 130 11.80 -37.58 10.28
N ALA D 131 11.78 -38.65 11.08
CA ALA D 131 11.71 -38.52 12.54
C ALA D 131 13.00 -37.92 13.10
N GLU D 132 14.07 -37.87 12.31
CA GLU D 132 15.32 -37.28 12.73
C GLU D 132 15.70 -36.03 11.94
N ASP D 133 14.72 -35.37 11.32
CA ASP D 133 14.84 -34.08 10.64
C ASP D 133 15.50 -34.15 9.27
N HIS D 134 15.74 -35.33 8.72
CA HIS D 134 16.28 -35.41 7.36
C HIS D 134 15.22 -34.98 6.36
N ILE D 135 15.63 -34.18 5.37
CA ILE D 135 14.70 -33.70 4.35
C ILE D 135 14.43 -34.80 3.33
N LEU D 136 13.19 -35.23 3.24
CA LEU D 136 12.83 -36.26 2.27
C LEU D 136 12.27 -35.66 1.01
N PHE D 137 11.66 -34.48 1.12
CA PHE D 137 10.86 -33.99 0.02
C PHE D 137 10.68 -32.50 0.24
N CYS D 138 11.00 -31.69 -0.77
CA CYS D 138 10.90 -30.24 -0.67
C CYS D 138 10.14 -29.76 -1.90
N TYR D 139 9.00 -29.13 -1.66
CA TYR D 139 8.01 -28.76 -2.66
C TYR D 139 8.04 -27.25 -2.87
N LEU D 140 8.34 -26.82 -4.11
CA LEU D 140 8.59 -25.43 -4.47
C LEU D 140 7.76 -25.02 -5.67
N PRO D 141 6.45 -24.85 -5.51
CA PRO D 141 5.63 -24.35 -6.64
C PRO D 141 6.05 -22.93 -7.03
N SER D 142 5.90 -22.62 -8.32
CA SER D 142 6.19 -21.28 -8.85
C SER D 142 7.61 -20.82 -8.53
N CYS D 143 8.55 -21.77 -8.53
CA CYS D 143 9.92 -21.44 -8.14
C CYS D 143 10.72 -20.77 -9.26
N VAL D 144 10.51 -21.15 -10.52
CA VAL D 144 11.33 -20.68 -11.64
C VAL D 144 10.67 -19.45 -12.27
N SER D 145 11.43 -18.37 -12.40
CA SER D 145 10.89 -17.13 -12.93
C SER D 145 10.42 -17.35 -14.37
N PRO D 146 9.42 -16.57 -14.80
CA PRO D 146 8.95 -16.67 -16.20
C PRO D 146 10.06 -16.50 -17.23
N ALA D 147 11.05 -15.65 -16.96
CA ALA D 147 12.13 -15.48 -17.93
C ALA D 147 12.92 -16.78 -18.12
N ILE D 148 13.28 -17.44 -17.01
CA ILE D 148 14.06 -18.66 -17.16
C ILE D 148 13.20 -19.79 -17.73
N MET D 149 11.92 -19.83 -17.38
CA MET D 149 11.05 -20.80 -18.02
C MET D 149 10.98 -20.55 -19.53
N THR D 150 10.99 -19.29 -19.95
CA THR D 150 10.99 -18.99 -21.39
C THR D 150 12.26 -19.49 -22.05
N ILE D 151 13.39 -19.30 -21.39
CA ILE D 151 14.66 -19.81 -21.92
C ILE D 151 14.59 -21.33 -22.07
N ILE D 152 14.06 -22.01 -21.07
CA ILE D 152 13.94 -23.50 -21.06
C ILE D 152 12.94 -23.93 -22.11
N ASP D 153 11.85 -23.23 -22.26
CA ASP D 153 10.88 -23.60 -23.31
C ASP D 153 11.53 -23.53 -24.69
N ALA D 154 12.32 -22.52 -24.98
CA ALA D 154 13.00 -22.40 -26.27
C ALA D 154 14.01 -23.53 -26.48
N ALA D 155 14.78 -23.84 -25.48
CA ALA D 155 15.77 -24.91 -25.59
C ALA D 155 15.11 -26.28 -25.79
N VAL D 156 14.07 -26.60 -25.06
CA VAL D 156 13.36 -27.89 -25.24
C VAL D 156 12.70 -27.88 -26.62
N GLY D 157 12.14 -26.76 -27.01
CA GLY D 157 11.49 -26.64 -28.31
C GLY D 157 12.43 -26.91 -29.48
N THR D 158 13.62 -26.39 -29.42
CA THR D 158 14.67 -26.57 -30.43
C THR D 158 15.13 -28.02 -30.48
N LEU D 159 15.37 -28.65 -29.34
CA LEU D 159 15.79 -30.06 -29.27
C LEU D 159 14.68 -30.97 -29.81
N ALA D 160 13.45 -30.64 -29.55
CA ALA D 160 12.31 -31.48 -29.90
C ALA D 160 11.73 -31.12 -31.26
N THR D 161 12.41 -30.30 -32.03
CA THR D 161 12.03 -30.08 -33.43
C THR D 161 13.23 -30.37 -34.30
N THR D 162 14.28 -30.93 -33.76
CA THR D 162 15.47 -31.13 -34.58
C THR D 162 15.12 -32.17 -35.62
N LYS D 163 15.26 -31.83 -36.88
CA LYS D 163 14.96 -32.74 -37.98
C LYS D 163 16.09 -33.74 -38.03
N ASP D 164 15.72 -34.98 -37.99
CA ASP D 164 16.57 -36.17 -37.95
C ASP D 164 17.33 -36.23 -36.62
N GLY D 165 16.81 -35.62 -35.57
CA GLY D 165 17.38 -35.69 -34.22
C GLY D 165 16.95 -36.95 -33.52
N HIS D 166 17.50 -37.23 -32.36
CA HIS D 166 17.19 -38.46 -31.61
C HIS D 166 15.69 -38.56 -31.34
N LEU D 167 15.03 -37.48 -30.97
CA LEU D 167 13.61 -37.50 -30.65
C LEU D 167 12.74 -37.80 -31.87
N GLN D 168 13.05 -37.21 -33.01
CA GLN D 168 12.27 -37.48 -34.23
C GLN D 168 12.41 -38.95 -34.63
N LYS D 169 13.59 -39.50 -34.55
CA LYS D 169 13.80 -40.89 -34.92
C LYS D 169 13.00 -41.82 -34.00
N LYS D 170 13.04 -41.60 -32.71
CA LYS D 170 12.30 -42.46 -31.78
C LYS D 170 10.80 -42.30 -31.98
N SER D 171 10.34 -41.11 -32.24
CA SER D 171 8.92 -40.85 -32.45
C SER D 171 8.38 -41.51 -33.71
N ARG D 172 9.12 -41.48 -34.80
CA ARG D 172 8.71 -42.12 -36.06
C ARG D 172 8.58 -43.63 -35.84
N ALA D 173 9.46 -44.24 -35.09
CA ALA D 173 9.33 -45.67 -34.76
C ALA D 173 8.04 -45.88 -33.97
N ARG D 174 7.75 -45.01 -33.03
CA ARG D 174 6.51 -45.13 -32.26
C ARG D 174 5.31 -44.93 -33.18
N GLU D 175 5.38 -44.01 -34.12
CA GLU D 175 4.27 -43.76 -35.06
C GLU D 175 4.00 -45.01 -35.90
N GLY D 176 5.05 -45.68 -36.33
CA GLY D 176 4.92 -46.94 -37.05
C GLY D 176 4.21 -47.97 -36.20
N GLU D 177 4.57 -48.08 -34.93
CA GLU D 177 3.89 -49.04 -34.04
C GLU D 177 2.42 -48.69 -33.97
N ARG D 178 2.08 -47.42 -33.85
CA ARG D 178 0.68 -46.98 -33.76
C ARG D 178 -0.10 -47.29 -35.05
N ALA D 179 0.49 -47.04 -36.20
CA ALA D 179 -0.13 -47.24 -37.52
C ALA D 179 -0.45 -48.72 -37.79
N ARG D 180 0.43 -49.57 -37.31
CA ARG D 180 0.44 -51.03 -37.38
C ARG D 180 -0.83 -51.55 -36.72
N VAL D 181 -1.32 -50.95 -35.66
CA VAL D 181 -2.53 -51.50 -35.04
C VAL D 181 -3.71 -50.57 -35.17
N GLU D 182 -3.57 -49.45 -35.85
CA GLU D 182 -4.62 -48.42 -35.88
C GLU D 182 -5.94 -48.87 -36.47
N MET D 183 -5.97 -49.63 -37.55
CA MET D 183 -7.28 -49.99 -38.14
C MET D 183 -8.05 -50.88 -37.20
N GLN D 184 -7.37 -51.78 -36.51
CA GLN D 184 -8.06 -52.58 -35.51
C GLN D 184 -8.60 -51.62 -34.43
N LYS D 185 -7.86 -50.61 -33.99
CA LYS D 185 -8.37 -49.68 -32.94
C LYS D 185 -9.62 -48.88 -33.33
N VAL D 186 -9.75 -48.32 -34.53
CA VAL D 186 -10.99 -47.59 -34.92
C VAL D 186 -12.17 -48.55 -34.82
N LEU D 200 4.32 -51.43 -14.46
CA LEU D 200 5.68 -51.01 -14.84
C LEU D 200 6.32 -52.18 -15.57
N GLY D 201 6.64 -51.96 -16.82
CA GLY D 201 7.19 -53.07 -17.58
C GLY D 201 8.56 -52.76 -18.11
N ALA D 202 8.88 -53.46 -19.19
CA ALA D 202 10.19 -53.27 -19.81
C ALA D 202 10.34 -51.86 -20.36
N ASN D 203 11.43 -51.23 -20.02
CA ASN D 203 11.79 -49.87 -20.52
C ASN D 203 10.58 -48.91 -20.44
N TRP D 204 10.01 -48.79 -19.25
CA TRP D 204 8.84 -47.94 -18.95
C TRP D 204 9.11 -46.44 -19.18
N ARG D 205 10.33 -46.02 -18.95
CA ARG D 205 10.71 -44.60 -19.16
C ARG D 205 10.51 -44.20 -20.64
N GLU D 206 10.44 -45.17 -21.55
CA GLU D 206 10.23 -44.89 -22.98
C GLU D 206 8.97 -45.59 -23.50
N ALA D 207 8.07 -45.94 -22.62
CA ALA D 207 6.85 -46.71 -22.98
C ALA D 207 5.87 -45.95 -23.86
N LEU D 208 5.36 -46.65 -24.85
CA LEU D 208 4.49 -46.05 -25.88
C LEU D 208 3.23 -45.41 -25.29
N ASP D 209 2.56 -46.04 -24.38
CA ASP D 209 1.31 -45.55 -23.77
C ASP D 209 1.53 -44.35 -22.84
N LEU D 210 2.73 -44.09 -22.39
CA LEU D 210 3.09 -42.90 -21.60
C LEU D 210 3.11 -41.62 -22.43
N PHE D 211 3.49 -41.69 -23.67
CA PHE D 211 3.63 -40.50 -24.53
C PHE D 211 2.30 -39.91 -24.95
N ARG D 212 2.24 -38.61 -25.03
CA ARG D 212 1.05 -37.83 -25.43
C ARG D 212 0.65 -38.26 -26.85
N GLN D 213 -0.60 -38.55 -27.07
CA GLN D 213 -1.01 -39.10 -28.36
C GLN D 213 -1.55 -38.08 -29.35
N GLY D 214 -1.89 -36.90 -28.92
CA GLY D 214 -2.47 -35.95 -29.85
C GLY D 214 -1.47 -35.03 -30.52
N ALA D 215 -1.96 -33.93 -31.02
CA ALA D 215 -1.08 -32.96 -31.70
C ALA D 215 -0.04 -32.43 -30.72
N CYS D 216 1.20 -32.42 -31.10
CA CYS D 216 2.25 -31.89 -30.23
C CYS D 216 3.18 -30.97 -31.01
N LYS D 217 3.44 -29.78 -30.53
CA LYS D 217 4.52 -28.92 -31.03
C LYS D 217 5.83 -29.55 -30.60
N MET D 218 5.90 -30.15 -29.44
CA MET D 218 7.15 -30.78 -28.98
C MET D 218 7.10 -32.29 -29.17
N THR D 219 8.00 -32.81 -29.98
CA THR D 219 8.06 -34.26 -30.18
C THR D 219 8.34 -34.90 -28.83
N PRO D 220 7.51 -35.86 -28.46
CA PRO D 220 7.66 -36.63 -27.27
C PRO D 220 8.87 -37.56 -27.30
N GLY D 221 9.50 -37.74 -26.17
CA GLY D 221 10.66 -38.60 -26.05
C GLY D 221 11.49 -38.32 -24.84
N VAL D 222 12.61 -38.99 -24.76
CA VAL D 222 13.54 -38.89 -23.61
C VAL D 222 14.96 -38.79 -24.10
N LEU D 223 15.75 -37.93 -23.51
CA LEU D 223 17.18 -37.79 -23.74
C LEU D 223 17.88 -37.58 -22.41
N THR D 224 18.89 -38.37 -22.20
CA THR D 224 19.66 -38.22 -20.98
C THR D 224 21.08 -37.76 -21.34
N PHE D 225 21.65 -36.91 -20.53
CA PHE D 225 22.99 -36.33 -20.70
C PHE D 225 23.82 -36.44 -19.44
N ALA D 226 25.07 -36.79 -19.60
CA ALA D 226 26.00 -36.87 -18.47
C ALA D 226 27.41 -36.68 -18.99
N PRO D 227 28.27 -35.91 -18.30
CA PRO D 227 29.65 -35.78 -18.66
C PRO D 227 30.37 -37.13 -18.60
N ALA D 228 30.06 -37.91 -17.59
CA ALA D 228 30.63 -39.24 -17.36
C ALA D 228 29.62 -40.18 -16.69
N TRP D 229 29.50 -41.38 -17.24
CA TRP D 229 28.62 -42.45 -16.72
C TRP D 229 28.94 -43.82 -17.32
N TRP D 230 28.22 -44.79 -16.86
CA TRP D 230 28.40 -46.18 -17.25
C TRP D 230 27.26 -46.63 -18.12
N PRO D 231 27.47 -47.50 -19.09
CA PRO D 231 26.39 -48.10 -19.78
C PRO D 231 25.73 -49.14 -18.89
N VAL D 232 24.47 -49.45 -19.10
CA VAL D 232 23.74 -50.46 -18.28
C VAL D 232 24.48 -51.78 -18.32
N GLY D 233 24.68 -52.37 -17.17
CA GLY D 233 25.41 -53.64 -17.03
C GLY D 233 26.90 -53.52 -17.33
N HIS D 234 27.50 -52.34 -17.35
CA HIS D 234 28.92 -52.26 -17.71
C HIS D 234 29.65 -51.39 -16.71
N GLU D 235 29.54 -51.74 -15.45
CA GLU D 235 30.12 -51.10 -14.25
C GLU D 235 31.64 -51.21 -14.17
N ASN D 236 32.21 -52.32 -14.61
CA ASN D 236 33.63 -52.63 -14.40
C ASN D 236 34.50 -52.09 -15.49
N GLN D 237 34.44 -50.80 -15.70
CA GLN D 237 35.23 -50.08 -16.73
C GLN D 237 35.24 -48.60 -16.38
N LEU D 238 36.03 -47.82 -17.05
CA LEU D 238 36.01 -46.40 -16.76
C LEU D 238 34.74 -45.82 -17.33
N PRO D 239 34.14 -44.86 -16.65
CA PRO D 239 33.01 -44.15 -17.16
C PRO D 239 33.42 -43.24 -18.30
N GLY D 240 32.48 -42.98 -19.20
CA GLY D 240 32.72 -42.15 -20.37
C GLY D 240 31.56 -41.23 -20.66
N PRO D 241 31.66 -40.34 -21.62
CA PRO D 241 30.62 -39.42 -21.89
C PRO D 241 29.38 -40.08 -22.44
N ALA D 242 28.29 -39.47 -22.08
CA ALA D 242 26.97 -39.89 -22.53
C ALA D 242 26.97 -39.73 -24.04
N SER D 243 26.34 -40.67 -24.66
CA SER D 243 26.27 -40.73 -26.12
C SER D 243 25.61 -39.49 -26.72
N THR D 244 24.62 -38.89 -26.09
CA THR D 244 23.93 -37.66 -26.50
C THR D 244 24.92 -36.49 -26.58
N LEU D 245 25.88 -36.44 -25.72
CA LEU D 245 26.85 -35.36 -25.70
C LEU D 245 28.12 -35.65 -26.49
N LYS D 246 28.27 -36.80 -27.15
CA LYS D 246 29.53 -37.12 -27.83
C LYS D 246 29.79 -36.21 -29.02
N PRO D 247 28.84 -35.96 -29.91
CA PRO D 247 29.06 -35.07 -31.00
C PRO D 247 29.21 -33.63 -30.58
N PRO D 248 30.27 -32.94 -30.97
CA PRO D 248 30.47 -31.58 -30.56
C PRO D 248 29.47 -30.55 -31.06
N LYS D 249 28.85 -30.81 -32.18
CA LYS D 249 27.89 -29.89 -32.78
C LYS D 249 26.48 -30.48 -32.72
N GLY D 250 26.33 -31.55 -31.99
CA GLY D 250 25.02 -32.17 -31.87
C GLY D 250 24.02 -31.39 -31.04
N GLU D 251 22.80 -31.84 -31.14
CA GLU D 251 21.66 -31.23 -30.44
C GLU D 251 21.87 -31.26 -28.92
N GLY D 252 22.46 -32.28 -28.34
CA GLY D 252 22.71 -32.37 -26.90
C GLY D 252 23.59 -31.27 -26.37
N ARG D 253 24.70 -30.98 -27.01
CA ARG D 253 25.60 -29.92 -26.58
C ARG D 253 24.93 -28.58 -26.78
N MET D 254 24.20 -28.45 -27.86
CA MET D 254 23.46 -27.24 -28.20
C MET D 254 22.44 -27.00 -27.07
N PHE D 255 21.74 -28.03 -26.62
CA PHE D 255 20.75 -27.89 -25.53
C PHE D 255 21.41 -27.45 -24.23
N LEU D 256 22.56 -27.99 -23.90
CA LEU D 256 23.30 -27.64 -22.68
C LEU D 256 23.71 -26.18 -22.76
N SER D 257 24.13 -25.75 -23.93
CA SER D 257 24.56 -24.39 -24.23
C SER D 257 23.38 -23.42 -24.17
N ASP D 258 22.18 -23.91 -24.36
CA ASP D 258 21.00 -23.03 -24.27
C ASP D 258 20.53 -22.86 -22.84
N ILE D 259 20.95 -23.71 -21.94
CA ILE D 259 20.38 -23.65 -20.58
C ILE D 259 21.34 -23.34 -19.43
N PRO D 260 22.49 -22.72 -19.57
CA PRO D 260 23.36 -22.53 -18.44
C PRO D 260 22.76 -21.76 -17.27
N ILE D 261 21.96 -20.77 -17.53
CA ILE D 261 21.38 -19.99 -16.44
C ILE D 261 20.30 -20.76 -15.70
N ALA D 262 19.56 -21.61 -16.36
CA ALA D 262 18.59 -22.47 -15.70
C ALA D 262 19.27 -23.51 -14.84
N SER D 263 20.33 -24.08 -15.34
CA SER D 263 21.07 -25.10 -14.60
C SER D 263 21.71 -24.44 -13.41
N ALA D 264 22.15 -23.22 -13.55
CA ALA D 264 22.73 -22.52 -12.40
C ALA D 264 21.68 -22.31 -11.33
N LEU D 265 20.47 -21.91 -11.72
CA LEU D 265 19.37 -21.77 -10.75
C LEU D 265 19.13 -23.09 -10.01
N VAL D 266 19.04 -24.19 -10.76
CA VAL D 266 18.75 -25.49 -10.17
C VAL D 266 19.84 -25.88 -9.17
N GLY D 267 21.10 -25.69 -9.57
CA GLY D 267 22.20 -25.97 -8.66
C GLY D 267 22.14 -25.14 -7.39
N ALA D 268 21.77 -23.87 -7.52
CA ALA D 268 21.71 -22.97 -6.36
C ALA D 268 20.63 -23.41 -5.38
N ILE D 269 19.50 -23.86 -5.92
CA ILE D 269 18.43 -24.41 -5.09
C ILE D 269 18.93 -25.64 -4.33
N LEU D 270 19.60 -26.55 -5.05
CA LEU D 270 20.13 -27.74 -4.37
C LEU D 270 20.99 -27.34 -3.20
N ALA D 271 21.86 -26.34 -3.41
CA ALA D 271 22.75 -25.90 -2.33
C ALA D 271 21.97 -25.42 -1.10
N GLN D 272 20.79 -24.82 -1.32
CA GLN D 272 20.01 -24.43 -0.15
C GLN D 272 19.44 -25.65 0.58
N ILE D 273 19.18 -26.74 -0.14
CA ILE D 273 18.57 -27.87 0.57
C ILE D 273 19.62 -28.82 1.15
N ASN D 274 20.71 -29.09 0.43
CA ASN D 274 21.76 -30.02 0.88
C ASN D 274 23.10 -29.43 0.43
N GLN D 275 23.63 -28.50 1.23
CA GLN D 275 24.89 -27.86 0.88
C GLN D 275 26.05 -28.85 0.77
N PRO D 276 26.22 -29.81 1.67
CA PRO D 276 27.26 -30.82 1.46
C PRO D 276 27.14 -31.54 0.11
N LEU D 277 25.94 -31.90 -0.31
CA LEU D 277 25.80 -32.59 -1.60
C LEU D 277 26.21 -31.67 -2.74
N PHE D 278 25.82 -30.41 -2.67
CA PHE D 278 26.21 -29.46 -3.72
C PHE D 278 27.73 -29.35 -3.82
N GLU D 279 28.40 -29.14 -2.67
CA GLU D 279 29.85 -28.92 -2.67
C GLU D 279 30.60 -30.16 -3.09
N SER D 280 30.13 -31.33 -2.64
CA SER D 280 30.78 -32.57 -3.07
C SER D 280 30.59 -32.79 -4.56
N GLY D 281 29.40 -32.51 -5.09
CA GLY D 281 29.19 -32.67 -6.51
C GLY D 281 30.12 -31.77 -7.30
N VAL D 282 30.33 -30.54 -6.82
CA VAL D 282 31.24 -29.63 -7.50
C VAL D 282 32.67 -30.17 -7.46
N LYS D 283 33.09 -30.66 -6.28
CA LYS D 283 34.44 -31.21 -6.17
C LYS D 283 34.63 -32.40 -7.11
N VAL D 284 33.63 -33.28 -7.18
CA VAL D 284 33.70 -34.42 -8.10
C VAL D 284 33.89 -33.92 -9.52
N LEU D 285 33.14 -32.89 -9.91
CA LEU D 285 33.28 -32.36 -11.26
C LEU D 285 34.67 -31.79 -11.51
N ARG D 286 35.25 -31.11 -10.51
CA ARG D 286 36.62 -30.60 -10.66
C ARG D 286 37.61 -31.75 -10.85
N GLU D 287 37.43 -32.84 -10.10
CA GLU D 287 38.33 -33.98 -10.20
C GLU D 287 38.18 -34.70 -11.54
N LEU D 288 36.96 -34.85 -12.03
CA LEU D 288 36.78 -35.46 -13.34
C LEU D 288 37.37 -34.59 -14.44
N TYR D 289 37.30 -33.26 -14.28
CA TYR D 289 37.94 -32.37 -15.25
C TYR D 289 39.46 -32.50 -15.22
N SER D 290 40.04 -32.49 -14.02
CA SER D 290 41.50 -32.38 -13.91
C SER D 290 42.22 -33.72 -14.12
N ASN D 291 41.68 -34.83 -13.58
CA ASN D 291 42.38 -36.12 -13.53
C ASN D 291 41.92 -37.00 -14.69
N SER D 292 42.71 -37.03 -15.77
CA SER D 292 42.32 -37.77 -16.95
C SER D 292 42.33 -39.28 -16.77
N LYS D 293 42.89 -39.81 -15.68
CA LYS D 293 42.89 -41.25 -15.47
C LYS D 293 41.51 -41.79 -15.07
N LEU D 294 40.55 -40.92 -14.76
CA LEU D 294 39.30 -41.42 -14.19
C LEU D 294 38.24 -41.77 -15.23
N THR D 295 38.38 -41.28 -16.46
CA THR D 295 37.35 -41.48 -17.46
C THR D 295 37.94 -41.94 -18.79
N LYS D 296 37.08 -42.57 -19.57
CA LYS D 296 37.30 -42.83 -20.98
C LYS D 296 37.02 -41.57 -21.78
N ASP D 297 37.76 -41.38 -22.88
CA ASP D 297 37.51 -40.29 -23.80
C ASP D 297 37.56 -38.93 -23.07
N HIS D 298 38.61 -38.76 -22.26
CA HIS D 298 38.66 -37.64 -21.30
C HIS D 298 38.62 -36.27 -21.95
N SER D 299 39.13 -36.12 -23.18
CA SER D 299 39.07 -34.81 -23.82
C SER D 299 37.61 -34.38 -24.05
N THR D 300 36.76 -35.34 -24.44
CA THR D 300 35.34 -35.06 -24.60
C THR D 300 34.67 -34.78 -23.26
N VAL D 301 34.97 -35.59 -22.24
CA VAL D 301 34.44 -35.36 -20.89
C VAL D 301 34.74 -33.94 -20.42
N SER D 302 35.99 -33.52 -20.57
CA SER D 302 36.36 -32.19 -20.09
C SER D 302 35.69 -31.09 -20.91
N LYS D 303 35.61 -31.28 -22.20
CA LYS D 303 34.92 -30.27 -23.03
C LYS D 303 33.45 -30.15 -22.60
N ILE D 304 32.84 -31.24 -22.20
CA ILE D 304 31.45 -31.21 -21.76
C ILE D 304 31.34 -30.53 -20.39
N ILE D 305 32.26 -30.84 -19.46
CA ILE D 305 32.21 -30.22 -18.14
C ILE D 305 32.27 -28.70 -18.26
N GLU D 306 33.01 -28.20 -19.26
CA GLU D 306 33.10 -26.75 -19.43
C GLU D 306 31.75 -26.10 -19.74
N ILE D 307 30.75 -26.87 -20.18
CA ILE D 307 29.41 -26.34 -20.39
C ILE D 307 28.38 -27.05 -19.51
N TRP D 308 28.82 -27.66 -18.42
CA TRP D 308 27.95 -28.35 -17.47
C TRP D 308 27.74 -27.41 -16.29
N PHE D 309 26.66 -26.63 -16.36
CA PHE D 309 26.40 -25.60 -15.36
C PHE D 309 25.56 -26.13 -14.20
N SER D 310 26.03 -27.22 -13.60
CA SER D 310 25.19 -28.01 -12.72
C SER D 310 26.10 -28.80 -11.80
N PRO D 311 25.69 -29.05 -10.56
CA PRO D 311 26.45 -29.97 -9.70
C PRO D 311 26.09 -31.44 -9.88
N PHE D 312 25.02 -31.74 -10.62
CA PHE D 312 24.50 -33.11 -10.65
C PHE D 312 25.35 -33.99 -11.58
N SER D 313 25.22 -35.31 -11.38
CA SER D 313 25.88 -36.25 -12.28
C SER D 313 25.19 -36.31 -13.63
N SER D 314 23.87 -36.13 -13.67
CA SER D 314 23.13 -36.44 -14.88
C SER D 314 21.87 -35.59 -14.95
N LEU D 315 21.39 -35.42 -16.17
CA LEU D 315 20.16 -34.69 -16.43
C LEU D 315 19.40 -35.46 -17.50
N SER D 316 18.12 -35.71 -17.28
CA SER D 316 17.28 -36.34 -18.28
C SER D 316 16.14 -35.40 -18.61
N LEU D 317 15.90 -35.23 -19.89
CA LEU D 317 14.79 -34.44 -20.40
C LEU D 317 13.72 -35.40 -20.87
N ILE D 318 12.54 -35.34 -20.24
CA ILE D 318 11.40 -36.19 -20.53
C ILE D 318 10.32 -35.28 -21.12
N VAL D 319 10.03 -35.44 -22.41
CA VAL D 319 9.15 -34.55 -23.17
C VAL D 319 7.81 -35.24 -23.43
N ASN D 320 6.73 -34.62 -22.98
CA ASN D 320 5.36 -35.06 -23.28
C ASN D 320 5.13 -36.52 -22.93
N ARG D 321 5.56 -36.90 -21.73
CA ARG D 321 5.39 -38.25 -21.22
C ARG D 321 4.78 -38.20 -19.82
N ALA D 322 3.72 -38.96 -19.60
CA ALA D 322 3.23 -39.18 -18.25
C ALA D 322 4.20 -40.07 -17.49
N THR D 323 4.09 -40.05 -16.16
CA THR D 323 5.04 -40.75 -15.30
C THR D 323 4.33 -41.62 -14.26
N PRO D 324 4.38 -42.93 -14.38
CA PRO D 324 3.75 -43.79 -13.37
C PRO D 324 4.48 -43.69 -12.03
N ILE D 325 3.77 -44.10 -10.97
CA ILE D 325 4.34 -44.11 -9.62
C ILE D 325 5.54 -45.03 -9.60
N HIS D 326 6.66 -44.56 -9.05
CA HIS D 326 7.90 -45.33 -9.10
C HIS D 326 8.87 -44.69 -8.10
N ARG D 327 9.94 -45.44 -7.80
CA ARG D 327 11.19 -44.91 -7.25
C ARG D 327 12.27 -45.12 -8.29
N ASP D 328 13.28 -44.24 -8.29
CA ASP D 328 14.42 -44.36 -9.19
C ASP D 328 15.49 -45.16 -8.48
N THR D 329 15.87 -46.30 -9.06
CA THR D 329 16.72 -47.24 -8.34
C THR D 329 18.18 -47.17 -8.74
N SER D 330 18.53 -46.45 -9.80
CA SER D 330 19.91 -46.53 -10.26
C SER D 330 20.87 -45.58 -9.52
N GLY D 331 20.37 -44.60 -8.77
CA GLY D 331 21.26 -43.67 -8.08
C GLY D 331 21.52 -44.07 -6.65
N PRO D 332 22.25 -43.23 -5.90
CA PRO D 332 22.43 -43.50 -4.48
C PRO D 332 21.18 -43.12 -3.71
N ILE D 333 20.81 -43.95 -2.73
CA ILE D 333 19.63 -43.63 -1.93
C ILE D 333 19.81 -42.35 -1.13
N GLU D 334 21.04 -41.97 -0.81
CA GLU D 334 21.28 -40.69 -0.17
C GLU D 334 21.08 -39.51 -1.12
N GLY D 335 20.85 -39.76 -2.41
CA GLY D 335 20.91 -38.69 -3.39
C GLY D 335 19.64 -37.88 -3.42
N MET D 336 19.78 -36.57 -3.40
CA MET D 336 18.64 -35.67 -3.49
C MET D 336 18.54 -35.25 -4.94
N ASP D 337 17.47 -35.72 -5.62
CA ASP D 337 17.20 -35.39 -7.01
C ASP D 337 16.36 -34.12 -7.13
N ILE D 338 16.42 -33.47 -8.28
CA ILE D 338 15.56 -32.30 -8.48
C ILE D 338 14.82 -32.40 -9.81
N LEU D 339 13.50 -32.23 -9.76
CA LEU D 339 12.60 -32.19 -10.91
C LEU D 339 12.17 -30.76 -11.19
N VAL D 340 12.20 -30.37 -12.46
CA VAL D 340 11.65 -29.09 -12.93
C VAL D 340 10.63 -29.43 -14.01
N THR D 341 9.43 -28.87 -13.94
CA THR D 341 8.42 -29.16 -14.94
C THR D 341 7.97 -27.89 -15.64
N GLY D 342 7.66 -28.01 -16.93
CA GLY D 342 7.26 -26.89 -17.76
C GLY D 342 6.29 -27.30 -18.86
N GLY D 343 5.85 -26.32 -19.63
CA GLY D 343 5.03 -26.54 -20.79
C GLY D 343 3.83 -25.61 -20.77
N ASN D 344 2.82 -25.96 -21.56
CA ASN D 344 1.55 -25.23 -21.62
C ASN D 344 0.48 -26.23 -21.17
N TYR D 345 0.25 -26.26 -19.87
CA TYR D 345 -0.78 -27.11 -19.28
C TYR D 345 -1.13 -26.45 -17.97
N SER D 346 -2.21 -26.89 -17.35
CA SER D 346 -2.67 -26.23 -16.14
C SER D 346 -3.23 -27.16 -15.07
N ASN D 347 -3.26 -28.48 -15.29
CA ASN D 347 -3.81 -29.42 -14.32
C ASN D 347 -2.75 -30.40 -13.82
N GLY D 348 -1.51 -29.95 -13.66
CA GLY D 348 -0.43 -30.84 -13.24
C GLY D 348 -0.55 -31.26 -11.78
N VAL D 349 -0.23 -32.54 -11.51
CA VAL D 349 -0.24 -33.12 -10.18
C VAL D 349 0.96 -34.04 -10.05
N LEU D 350 1.68 -33.96 -8.94
CA LEU D 350 2.71 -34.92 -8.57
C LEU D 350 2.20 -35.68 -7.36
N VAL D 351 2.18 -37.01 -7.44
CA VAL D 351 1.56 -37.88 -6.45
C VAL D 351 2.66 -38.55 -5.63
N THR D 352 2.58 -38.44 -4.29
CA THR D 352 3.46 -39.14 -3.36
C THR D 352 2.54 -39.93 -2.43
N PRO D 353 2.27 -41.20 -2.77
CA PRO D 353 1.30 -41.99 -1.98
C PRO D 353 1.77 -42.32 -0.57
N SER D 354 3.09 -42.51 -0.36
CA SER D 354 3.57 -42.77 0.99
C SER D 354 3.36 -41.58 1.91
N PHE D 355 3.16 -40.38 1.37
CA PHE D 355 2.88 -39.22 2.19
C PHE D 355 1.41 -38.89 2.19
N ASN D 356 0.60 -39.72 1.54
CA ASN D 356 -0.82 -39.42 1.39
C ASN D 356 -0.99 -37.99 0.85
N ARG D 357 -0.23 -37.67 -0.20
CA ARG D 357 -0.35 -36.32 -0.74
C ARG D 357 -0.29 -36.27 -2.26
N ARG D 358 -1.01 -35.29 -2.80
CA ARG D 358 -0.93 -34.83 -4.18
C ARG D 358 -0.52 -33.37 -4.17
N TRP D 359 0.36 -32.98 -5.07
CA TRP D 359 0.96 -31.66 -5.06
C TRP D 359 0.69 -30.99 -6.39
N THR D 360 0.22 -29.74 -6.34
CA THR D 360 0.04 -28.99 -7.59
C THR D 360 1.38 -28.83 -8.28
N TYR D 361 1.42 -29.19 -9.56
CA TYR D 361 2.68 -29.42 -10.27
C TYR D 361 2.58 -28.79 -11.65
N ASN D 362 2.43 -27.48 -11.65
CA ASN D 362 2.22 -26.70 -12.85
C ASN D 362 3.55 -26.09 -13.30
N PRO D 363 3.60 -25.52 -14.51
CA PRO D 363 4.88 -25.02 -15.06
C PRO D 363 5.61 -24.14 -14.05
N GLY D 364 6.93 -24.32 -13.97
CA GLY D 364 7.74 -23.59 -13.03
C GLY D 364 7.86 -24.20 -11.65
N CYS D 365 7.21 -25.33 -11.41
CA CYS D 365 7.32 -25.99 -10.11
C CYS D 365 8.66 -26.73 -10.03
N VAL D 366 9.25 -26.71 -8.85
CA VAL D 366 10.48 -27.45 -8.61
C VAL D 366 10.25 -28.38 -7.42
N VAL D 367 10.70 -29.64 -7.54
CA VAL D 367 10.57 -30.61 -6.46
C VAL D 367 11.93 -31.23 -6.23
N ALA D 368 12.43 -31.14 -5.00
CA ALA D 368 13.63 -31.88 -4.61
C ALA D 368 13.20 -33.07 -3.78
N LEU D 369 13.79 -34.24 -4.02
CA LEU D 369 13.31 -35.40 -3.28
C LEU D 369 14.34 -36.52 -3.28
N LEU D 370 14.29 -37.36 -2.24
CA LEU D 370 15.06 -38.60 -2.23
C LEU D 370 14.31 -39.60 -3.11
N GLY D 371 14.57 -39.52 -4.41
CA GLY D 371 13.80 -40.27 -5.39
C GLY D 371 13.98 -41.77 -5.35
N LYS D 372 15.00 -42.25 -4.66
CA LYS D 372 15.16 -43.69 -4.50
C LYS D 372 14.38 -44.19 -3.30
N LEU D 373 13.91 -43.30 -2.44
CA LEU D 373 13.06 -43.60 -1.30
C LEU D 373 11.60 -43.27 -1.54
N VAL D 374 11.33 -42.10 -2.12
CA VAL D 374 9.98 -41.54 -2.21
C VAL D 374 9.31 -41.97 -3.50
N LEU D 375 8.22 -42.73 -3.39
CA LEU D 375 7.41 -43.03 -4.56
C LEU D 375 6.83 -41.74 -5.14
N HIS D 376 6.97 -41.56 -6.45
CA HIS D 376 6.43 -40.37 -7.06
C HIS D 376 5.92 -40.70 -8.45
N GLY D 377 4.85 -40.01 -8.85
CA GLY D 377 4.30 -40.16 -10.18
C GLY D 377 3.62 -38.86 -10.60
N VAL D 378 3.47 -38.71 -11.91
CA VAL D 378 2.84 -37.54 -12.53
C VAL D 378 1.89 -37.98 -13.64
N PRO D 379 0.59 -37.88 -13.45
CA PRO D 379 -0.35 -38.29 -14.51
C PRO D 379 -0.26 -37.40 -15.75
N GLU D 380 -0.86 -37.92 -16.81
CA GLU D 380 -1.10 -37.16 -18.03
C GLU D 380 -1.74 -35.80 -17.73
N VAL D 381 -1.36 -34.77 -18.48
CA VAL D 381 -1.89 -33.42 -18.30
C VAL D 381 -2.61 -32.98 -19.57
N ASP D 382 -3.42 -31.92 -19.45
CA ASP D 382 -4.22 -31.36 -20.54
C ASP D 382 -3.46 -30.37 -21.41
N GLY D 383 -2.33 -30.78 -21.94
CA GLY D 383 -1.52 -29.86 -22.69
C GLY D 383 -0.14 -30.46 -22.81
N GLU D 384 0.81 -29.64 -23.23
CA GLU D 384 2.14 -30.18 -23.45
C GLU D 384 3.00 -29.90 -22.24
N ARG D 385 3.92 -30.83 -21.97
CA ARG D 385 4.70 -30.79 -20.75
C ARG D 385 6.10 -31.33 -21.04
N TYR D 386 7.07 -30.86 -20.28
CA TYR D 386 8.37 -31.50 -20.21
C TYR D 386 8.85 -31.46 -18.77
N CYS D 387 9.80 -32.33 -18.47
CA CYS D 387 10.44 -32.39 -17.18
C CYS D 387 11.95 -32.47 -17.37
N MET D 388 12.67 -31.70 -16.57
CA MET D 388 14.11 -31.87 -16.41
C MET D 388 14.39 -32.52 -15.07
N ALA D 389 14.94 -33.73 -15.10
CA ALA D 389 15.22 -34.50 -13.90
C ALA D 389 16.73 -34.58 -13.70
N HIS D 390 17.19 -34.11 -12.54
CA HIS D 390 18.61 -34.01 -12.19
C HIS D 390 18.95 -35.06 -11.14
N PHE D 391 20.00 -35.85 -11.39
CA PHE D 391 20.28 -36.98 -10.51
C PHE D 391 21.78 -37.32 -10.47
N TRP D 392 22.09 -38.42 -9.78
CA TRP D 392 23.43 -38.69 -9.26
C TRP D 392 23.92 -40.09 -9.67
N ARG D 393 25.23 -40.23 -9.82
CA ARG D 393 25.89 -41.53 -9.94
C ARG D 393 26.98 -41.61 -8.88
N GLU D 394 26.73 -42.41 -7.83
CA GLU D 394 27.62 -42.47 -6.66
C GLU D 394 29.04 -42.90 -7.04
N ARG D 395 29.16 -43.81 -8.00
CA ARG D 395 30.48 -44.34 -8.31
C ARG D 395 31.41 -43.31 -8.93
N LEU D 396 30.88 -42.20 -9.48
CA LEU D 396 31.74 -41.06 -9.81
C LEU D 396 32.33 -40.42 -8.56
N PHE D 397 31.56 -40.39 -7.46
CA PHE D 397 32.13 -39.89 -6.20
C PHE D 397 33.24 -40.79 -5.73
N ASP D 398 33.00 -42.11 -5.78
CA ASP D 398 34.06 -43.06 -5.48
C ASP D 398 35.32 -42.80 -6.33
N ALA D 399 35.15 -42.67 -7.64
CA ALA D 399 36.31 -42.48 -8.51
C ALA D 399 37.04 -41.18 -8.22
N ALA D 400 36.33 -40.14 -7.81
CA ALA D 400 36.95 -38.85 -7.51
C ALA D 400 37.48 -38.75 -6.09
N GLY D 401 37.31 -39.80 -5.28
CA GLY D 401 37.75 -39.74 -3.90
C GLY D 401 36.94 -38.78 -3.02
N VAL D 402 35.71 -38.54 -3.35
CA VAL D 402 34.80 -37.67 -2.56
C VAL D 402 33.77 -38.47 -1.93
N PRO D 403 33.60 -38.53 -0.61
CA PRO D 403 32.57 -39.28 0.06
C PRO D 403 31.20 -38.71 -0.33
N PHE D 404 30.22 -39.60 -0.51
CA PHE D 404 28.86 -39.15 -0.79
C PHE D 404 28.18 -38.79 0.52
N PRO D 405 27.73 -37.56 0.70
CA PRO D 405 27.19 -37.16 2.01
C PRO D 405 25.84 -37.80 2.29
N TYR D 406 25.54 -37.95 3.55
CA TYR D 406 24.24 -38.44 3.96
C TYR D 406 23.21 -37.31 3.83
N PRO D 407 21.93 -37.63 3.61
CA PRO D 407 20.93 -36.57 3.43
C PRO D 407 21.00 -35.54 4.54
N SER D 408 20.84 -34.30 4.18
CA SER D 408 20.89 -33.19 5.14
C SER D 408 19.63 -33.03 5.99
N LYS D 409 19.77 -32.39 7.12
CA LYS D 409 18.61 -32.14 7.95
C LYS D 409 18.11 -30.73 7.74
N TRP D 410 16.92 -30.48 8.24
CA TRP D 410 16.35 -29.13 8.17
C TRP D 410 17.18 -28.07 8.93
N GLN D 411 17.75 -28.27 10.09
CA GLN D 411 18.53 -27.19 10.73
C GLN D 411 19.74 -26.59 9.91
N GLU D 412 20.29 -27.25 8.92
CA GLU D 412 21.43 -26.73 8.12
C GLU D 412 21.07 -25.42 7.43
N LEU G 17 27.38 -2.29 -35.29
CA LEU G 17 26.65 -1.86 -34.09
C LEU G 17 25.56 -2.83 -33.67
N PRO G 18 25.88 -3.62 -32.65
CA PRO G 18 24.95 -4.67 -32.21
C PRO G 18 23.62 -4.11 -31.70
N SER G 19 23.63 -2.90 -31.15
CA SER G 19 22.37 -2.31 -30.67
C SER G 19 21.39 -2.11 -31.81
N LEU G 20 21.85 -1.54 -32.92
CA LEU G 20 20.98 -1.31 -34.07
C LEU G 20 20.72 -2.59 -34.86
N LEU G 21 21.68 -3.51 -34.87
CA LEU G 21 21.47 -4.79 -35.53
C LEU G 21 20.35 -5.56 -34.84
N LEU G 22 20.28 -5.50 -33.50
CA LEU G 22 19.21 -6.22 -32.80
C LEU G 22 17.84 -5.64 -33.13
N ILE G 23 17.70 -4.31 -33.14
CA ILE G 23 16.35 -3.82 -33.41
C ILE G 23 15.98 -4.02 -34.87
N ASP G 24 16.96 -3.92 -35.80
CA ASP G 24 16.69 -4.21 -37.21
C ASP G 24 16.22 -5.65 -37.41
N GLU G 25 16.93 -6.60 -36.82
CA GLU G 25 16.55 -7.99 -37.00
C GLU G 25 15.23 -8.31 -36.31
N ALA G 26 15.00 -7.74 -35.12
CA ALA G 26 13.73 -7.97 -34.45
C ALA G 26 12.58 -7.44 -35.28
N ALA G 27 12.75 -6.25 -35.87
CA ALA G 27 11.73 -5.69 -36.75
C ALA G 27 11.46 -6.62 -37.93
N ALA G 28 12.52 -7.12 -38.56
CA ALA G 28 12.30 -7.98 -39.72
C ALA G 28 11.62 -9.30 -39.33
N VAL G 29 12.03 -9.87 -38.19
CA VAL G 29 11.47 -11.16 -37.78
C VAL G 29 10.00 -11.01 -37.39
N LEU G 30 9.67 -9.94 -36.66
CA LEU G 30 8.29 -9.69 -36.32
C LEU G 30 7.43 -9.51 -37.58
N GLY G 31 7.97 -8.79 -38.58
CA GLY G 31 7.24 -8.66 -39.84
C GLY G 31 6.99 -9.99 -40.53
N ARG G 32 8.00 -10.87 -40.54
CA ARG G 32 7.80 -12.17 -41.15
C ARG G 32 6.77 -13.00 -40.38
N MET G 33 6.78 -12.91 -39.03
CA MET G 33 5.78 -13.63 -38.24
C MET G 33 4.36 -13.17 -38.60
N ILE G 34 4.16 -11.86 -38.65
CA ILE G 34 2.85 -11.32 -38.98
C ILE G 34 2.43 -11.74 -40.39
N GLN G 35 3.36 -11.65 -41.35
CA GLN G 35 3.06 -12.09 -42.71
C GLN G 35 2.65 -13.57 -42.74
N GLY G 36 3.36 -14.40 -41.97
CA GLY G 36 2.97 -15.80 -41.90
C GLY G 36 1.57 -15.98 -41.36
N LEU G 37 1.20 -15.18 -40.35
CA LEU G 37 -0.15 -15.27 -39.83
C LEU G 37 -1.17 -14.92 -40.90
N ARG G 38 -0.83 -13.94 -41.74
CA ARG G 38 -1.78 -13.45 -42.72
C ARG G 38 -1.89 -14.35 -43.95
N THR G 39 -0.80 -14.99 -44.36
CA THR G 39 -0.86 -15.83 -45.55
C THR G 39 -1.26 -17.27 -45.25
N GLY G 40 -1.18 -17.69 -44.00
CA GLY G 40 -1.39 -19.07 -43.63
C GLY G 40 -0.16 -19.94 -43.73
N ILE G 41 0.95 -19.40 -44.24
CA ILE G 41 2.21 -20.15 -44.28
C ILE G 41 2.99 -19.81 -43.01
N PRO G 42 2.99 -20.67 -41.99
CA PRO G 42 3.65 -20.34 -40.73
C PRO G 42 5.13 -20.06 -40.91
N TYR G 43 5.60 -18.98 -40.31
CA TYR G 43 7.01 -18.66 -40.30
C TYR G 43 7.74 -19.43 -39.21
N ILE G 44 8.90 -19.98 -39.54
CA ILE G 44 9.79 -20.59 -38.56
C ILE G 44 11.13 -19.88 -38.67
N HIS G 45 11.61 -19.35 -37.55
CA HIS G 45 12.87 -18.62 -37.57
C HIS G 45 14.01 -19.62 -37.59
N THR G 46 14.85 -19.54 -38.62
CA THR G 46 15.97 -20.46 -38.81
C THR G 46 17.32 -19.78 -38.92
N GLU G 47 17.37 -18.46 -39.10
CA GLU G 47 18.64 -17.81 -39.37
C GLU G 47 19.50 -17.77 -38.11
N ASN G 48 20.82 -17.80 -38.31
CA ASN G 48 21.80 -17.62 -37.23
C ASN G 48 22.04 -16.13 -37.00
N ASP G 49 21.07 -15.49 -36.37
CA ASP G 49 21.15 -14.05 -36.14
C ASP G 49 21.03 -13.73 -34.65
N SER G 50 20.85 -12.44 -34.35
CA SER G 50 20.70 -12.05 -32.96
C SER G 50 19.37 -12.49 -32.38
N ILE G 51 18.38 -12.78 -33.21
CA ILE G 51 17.08 -13.21 -32.70
C ILE G 51 17.10 -14.67 -32.27
N LYS G 52 17.83 -15.52 -32.99
CA LYS G 52 18.03 -16.89 -32.53
C LYS G 52 18.74 -16.91 -31.18
N ALA G 53 19.64 -15.95 -30.97
CA ALA G 53 20.46 -15.81 -29.77
C ALA G 53 19.68 -15.25 -28.57
N ASN G 54 18.48 -14.67 -28.77
CA ASN G 54 17.69 -14.07 -27.69
C ASN G 54 16.31 -14.73 -27.61
N PRO G 55 16.21 -15.88 -26.95
CA PRO G 55 14.92 -16.59 -26.88
C PRO G 55 13.78 -15.80 -26.24
N ILE G 56 14.06 -15.03 -25.19
CA ILE G 56 13.00 -14.25 -24.55
C ILE G 56 12.41 -13.26 -25.55
N LEU G 57 13.28 -12.60 -26.32
CA LEU G 57 12.80 -11.65 -27.32
C LEU G 57 12.03 -12.36 -28.44
N ARG G 58 12.52 -13.50 -28.92
CA ARG G 58 11.85 -14.22 -30.01
C ARG G 58 10.42 -14.63 -29.61
N THR G 59 10.29 -15.23 -28.43
CA THR G 59 8.95 -15.58 -27.94
C THR G 59 8.07 -14.35 -27.77
N ALA G 60 8.62 -13.25 -27.22
CA ALA G 60 7.83 -12.04 -27.05
C ALA G 60 7.43 -11.43 -28.39
N LEU G 61 8.29 -11.55 -29.40
CA LEU G 61 7.91 -11.11 -30.74
C LEU G 61 6.69 -11.88 -31.22
N TRP G 62 6.63 -13.20 -30.96
CA TRP G 62 5.45 -13.97 -31.34
C TRP G 62 4.18 -13.41 -30.67
N GLN G 63 4.24 -13.17 -29.36
CA GLN G 63 3.07 -12.62 -28.66
C GLN G 63 2.63 -11.29 -29.26
N ALA G 64 3.60 -10.41 -29.55
CA ALA G 64 3.27 -9.13 -30.19
C ALA G 64 2.68 -9.35 -31.58
N ALA G 65 3.17 -10.35 -32.32
CA ALA G 65 2.65 -10.60 -33.67
C ALA G 65 1.16 -10.87 -33.61
N TYR G 66 0.73 -11.70 -32.66
CA TYR G 66 -0.70 -11.99 -32.59
C TYR G 66 -1.50 -10.74 -32.21
N VAL G 67 -0.98 -9.94 -31.28
CA VAL G 67 -1.76 -8.77 -30.86
C VAL G 67 -1.89 -7.78 -32.02
N LEU G 68 -0.81 -7.55 -32.75
CA LEU G 68 -0.84 -6.62 -33.87
C LEU G 68 -1.76 -7.12 -34.98
N GLU G 69 -1.70 -8.42 -35.27
CA GLU G 69 -2.58 -8.98 -36.30
C GLU G 69 -4.04 -8.73 -35.94
N LYS G 70 -4.38 -8.84 -34.65
CA LYS G 70 -5.74 -8.52 -34.24
C LYS G 70 -6.05 -7.03 -34.37
N ALA G 71 -5.12 -6.16 -33.94
CA ALA G 71 -5.44 -4.73 -33.98
C ALA G 71 -5.67 -4.25 -35.41
N TYR G 72 -4.97 -4.85 -36.38
CA TYR G 72 -5.15 -4.36 -37.74
C TYR G 72 -6.51 -4.73 -38.33
N ARG G 73 -7.25 -5.65 -37.73
CA ARG G 73 -8.55 -6.03 -38.25
C ARG G 73 -9.70 -5.34 -37.53
N ARG G 74 -9.41 -4.36 -36.66
CA ARG G 74 -10.44 -3.74 -35.82
C ARG G 74 -10.16 -2.24 -35.83
N ARG G 75 -10.61 -1.58 -36.89
CA ARG G 75 -10.28 -0.20 -37.19
C ARG G 75 -11.52 0.68 -37.10
N TYR G 76 -11.49 1.66 -36.21
CA TYR G 76 -12.44 2.75 -36.21
C TYR G 76 -11.91 3.90 -37.06
N ARG G 77 -12.82 4.56 -37.79
CA ARG G 77 -12.43 5.67 -38.66
C ARG G 77 -13.11 6.94 -38.19
N VAL G 78 -12.35 8.02 -38.11
CA VAL G 78 -12.90 9.34 -37.80
C VAL G 78 -13.21 10.03 -39.12
N PRO G 79 -14.17 10.95 -39.16
CA PRO G 79 -14.56 11.55 -40.44
C PRO G 79 -13.71 12.76 -40.83
N TRP G 80 -12.47 12.82 -40.36
CA TRP G 80 -11.61 13.94 -40.72
C TRP G 80 -10.20 13.41 -40.95
N THR G 81 -9.38 14.26 -41.56
CA THR G 81 -7.99 13.93 -41.85
C THR G 81 -7.08 14.45 -40.75
N ALA G 82 -5.95 13.76 -40.58
CA ALA G 82 -4.92 14.27 -39.70
C ALA G 82 -4.45 15.64 -40.15
N ARG G 83 -4.46 15.89 -41.48
CA ARG G 83 -3.95 17.14 -41.99
C ARG G 83 -4.82 18.32 -41.56
N ARG G 84 -6.15 18.21 -41.69
CA ARG G 84 -7.01 19.31 -41.22
C ARG G 84 -6.87 19.51 -39.71
N TYR G 85 -6.89 18.42 -38.94
CA TYR G 85 -6.70 18.57 -37.50
C TYR G 85 -5.38 19.29 -37.19
N MET G 86 -4.29 18.89 -37.86
CA MET G 86 -2.98 19.51 -37.61
C MET G 86 -2.98 20.98 -37.98
N ARG G 87 -3.54 21.34 -39.13
CA ARG G 87 -3.71 22.76 -39.40
C ARG G 87 -4.56 23.51 -38.41
N GLU G 88 -5.62 22.97 -37.87
CA GLU G 88 -6.39 23.80 -36.95
C GLU G 88 -5.65 23.96 -35.63
N LEU G 89 -4.78 23.05 -35.29
CA LEU G 89 -4.07 23.20 -34.04
C LEU G 89 -3.04 24.34 -34.11
N THR G 90 -2.84 25.03 -32.99
CA THR G 90 -1.72 25.96 -32.93
C THR G 90 -0.45 25.18 -32.51
N PRO G 91 0.74 25.69 -32.84
CA PRO G 91 1.96 24.84 -32.78
C PRO G 91 2.23 24.15 -31.44
N ARG G 92 1.77 24.68 -30.30
CA ARG G 92 1.97 24.06 -28.99
C ARG G 92 0.65 23.87 -28.26
N GLN G 93 -0.43 23.60 -28.99
CA GLN G 93 -1.75 23.42 -28.38
C GLN G 93 -1.77 22.10 -27.59
N ASP G 94 -1.60 22.20 -26.27
CA ASP G 94 -1.40 21.03 -25.42
C ASP G 94 -2.64 20.53 -24.69
N GLY G 95 -3.81 21.15 -24.87
CA GLY G 95 -5.00 20.71 -24.17
C GLY G 95 -5.31 21.61 -23.00
N ARG G 96 -4.45 22.56 -22.67
CA ARG G 96 -4.68 23.40 -21.46
C ARG G 96 -5.79 24.44 -21.60
N ASN G 97 -6.06 24.91 -22.81
CA ASN G 97 -7.13 25.90 -23.01
C ASN G 97 -8.43 25.18 -23.37
N ALA G 98 -9.36 25.07 -22.40
CA ALA G 98 -10.57 24.29 -22.63
C ALA G 98 -11.46 24.90 -23.74
N ASN G 99 -11.48 26.23 -23.85
CA ASN G 99 -12.28 26.85 -24.91
C ASN G 99 -11.75 26.47 -26.28
N ARG G 100 -10.43 26.51 -26.45
CA ARG G 100 -9.84 26.08 -27.70
C ARG G 100 -10.15 24.61 -27.96
N GLU G 101 -10.17 23.78 -26.90
CA GLU G 101 -10.43 22.35 -27.08
C GLU G 101 -11.88 22.08 -27.44
N ALA G 102 -12.81 22.90 -26.92
CA ALA G 102 -14.19 22.79 -27.35
C ALA G 102 -14.34 23.19 -28.82
N VAL G 103 -13.64 24.24 -29.24
CA VAL G 103 -13.61 24.60 -30.66
C VAL G 103 -13.12 23.43 -31.50
N MET G 104 -12.03 22.78 -31.08
CA MET G 104 -11.54 21.60 -31.81
C MET G 104 -12.56 20.47 -31.83
N ALA G 105 -13.19 20.16 -30.69
CA ALA G 105 -14.18 19.07 -30.65
C ALA G 105 -15.36 19.36 -31.58
N LYS G 106 -15.81 20.62 -31.61
CA LYS G 106 -16.76 21.07 -32.63
C LYS G 106 -16.30 20.74 -34.04
N GLU G 107 -15.10 21.19 -34.44
CA GLU G 107 -14.75 20.95 -35.83
C GLU G 107 -14.49 19.47 -36.11
N PHE G 108 -13.98 18.72 -35.14
CA PHE G 108 -13.54 17.35 -35.37
C PHE G 108 -14.19 16.41 -34.37
N PRO G 109 -15.44 16.04 -34.61
CA PRO G 109 -16.16 15.17 -33.68
C PRO G 109 -15.75 13.71 -33.88
N PRO G 110 -16.19 12.81 -32.98
CA PRO G 110 -15.78 11.40 -33.11
C PRO G 110 -16.24 10.72 -34.38
N GLY G 111 -17.36 11.15 -34.96
CA GLY G 111 -17.90 10.50 -36.14
C GLY G 111 -18.84 9.37 -35.77
N ALA G 112 -19.53 8.84 -36.79
CA ALA G 112 -20.60 7.88 -36.56
C ALA G 112 -20.11 6.59 -35.95
N GLU G 113 -18.92 6.11 -36.36
CA GLU G 113 -18.43 4.84 -35.84
C GLU G 113 -18.10 4.94 -34.36
N LEU G 114 -17.84 6.15 -33.84
CA LEU G 114 -17.39 6.31 -32.46
C LEU G 114 -18.29 7.16 -31.58
N ASN G 115 -19.09 8.08 -32.11
CA ASN G 115 -19.98 8.86 -31.26
C ASN G 115 -21.17 7.96 -30.86
N SER G 116 -21.48 7.87 -29.58
CA SER G 116 -22.42 6.87 -29.07
C SER G 116 -22.57 7.13 -27.59
N ASP G 117 -23.81 7.21 -27.12
CA ASP G 117 -24.11 7.44 -25.71
C ASP G 117 -23.58 6.33 -24.80
N HIS G 118 -22.65 6.71 -23.93
CA HIS G 118 -22.02 5.86 -22.94
C HIS G 118 -21.42 4.63 -23.59
N PRO G 119 -20.27 4.73 -24.24
CA PRO G 119 -19.62 3.52 -24.77
C PRO G 119 -18.86 2.78 -23.69
N VAL G 120 -18.71 1.48 -23.90
CA VAL G 120 -18.01 0.62 -22.94
C VAL G 120 -16.50 0.79 -23.12
N GLN G 121 -15.77 0.61 -22.02
CA GLN G 121 -14.31 0.58 -22.04
C GLN G 121 -13.83 -0.51 -23.01
N GLU G 122 -12.90 -0.15 -23.89
CA GLU G 122 -12.39 -1.10 -24.89
C GLU G 122 -11.39 -2.08 -24.27
N ILE G 123 -11.39 -3.31 -24.78
CA ILE G 123 -10.46 -4.32 -24.28
C ILE G 123 -9.76 -5.06 -25.41
N LEU G 124 -10.38 -5.11 -26.59
CA LEU G 124 -9.81 -5.81 -27.72
C LEU G 124 -8.77 -4.94 -28.44
N PRO G 125 -7.71 -5.56 -28.98
CA PRO G 125 -6.74 -4.80 -29.79
C PRO G 125 -7.45 -4.06 -30.92
N ALA G 126 -6.99 -2.86 -31.22
CA ALA G 126 -7.73 -2.08 -32.21
C ALA G 126 -6.84 -0.95 -32.70
N MET G 127 -7.32 -0.22 -33.70
CA MET G 127 -6.68 1.04 -34.08
C MET G 127 -7.76 2.03 -34.49
N ILE G 128 -7.39 3.31 -34.44
CA ILE G 128 -8.20 4.40 -34.95
C ILE G 128 -7.42 5.06 -36.07
N ILE G 129 -8.07 5.18 -37.24
CA ILE G 129 -7.51 5.70 -38.48
C ILE G 129 -8.32 6.91 -38.93
N ASP G 130 -7.69 7.75 -39.75
CA ASP G 130 -8.34 8.97 -40.19
C ASP G 130 -9.06 8.74 -41.54
N ALA G 131 -9.59 9.82 -42.12
CA ALA G 131 -10.41 9.70 -43.32
C ALA G 131 -9.60 9.25 -44.53
N GLU G 132 -8.27 9.36 -44.49
CA GLU G 132 -7.42 8.92 -45.58
C GLU G 132 -6.54 7.74 -45.19
N ASP G 133 -6.95 6.98 -44.17
CA ASP G 133 -6.36 5.72 -43.75
C ASP G 133 -5.08 5.84 -42.91
N HIS G 134 -4.69 7.04 -42.49
CA HIS G 134 -3.53 7.17 -41.62
C HIS G 134 -3.86 6.68 -40.22
N ILE G 135 -2.96 5.88 -39.64
CA ILE G 135 -3.16 5.37 -38.28
C ILE G 135 -2.87 6.49 -37.30
N LEU G 136 -3.87 6.82 -36.47
CA LEU G 136 -3.70 7.82 -35.43
C LEU G 136 -3.39 7.20 -34.09
N PHE G 137 -3.85 5.97 -33.87
CA PHE G 137 -3.85 5.41 -32.53
C PHE G 137 -3.99 3.91 -32.67
N CYS G 138 -3.11 3.16 -32.00
CA CYS G 138 -3.07 1.71 -32.09
C CYS G 138 -2.98 1.16 -30.68
N TYR G 139 -3.94 0.31 -30.32
CA TYR G 139 -4.17 -0.19 -28.98
C TYR G 139 -3.79 -1.67 -28.95
N LEU G 140 -2.83 -2.02 -28.09
CA LEU G 140 -2.22 -3.35 -28.03
C LEU G 140 -2.17 -3.85 -26.59
N PRO G 141 -3.31 -4.23 -26.01
CA PRO G 141 -3.30 -4.79 -24.66
C PRO G 141 -2.54 -6.12 -24.64
N SER G 142 -1.90 -6.40 -23.50
CA SER G 142 -1.17 -7.66 -23.28
C SER G 142 -0.15 -7.91 -24.39
N CYS G 143 0.53 -6.85 -24.82
CA CYS G 143 1.47 -6.97 -25.93
C CYS G 143 2.81 -7.51 -25.46
N VAL G 144 3.23 -7.15 -24.25
CA VAL G 144 4.55 -7.49 -23.74
C VAL G 144 4.48 -8.77 -22.93
N SER G 145 5.36 -9.73 -23.25
CA SER G 145 5.40 -11.01 -22.58
C SER G 145 5.65 -10.83 -21.08
N PRO G 146 5.09 -11.71 -20.27
CA PRO G 146 5.38 -11.64 -18.82
C PRO G 146 6.88 -11.66 -18.49
N ALA G 147 7.68 -12.42 -19.24
CA ALA G 147 9.11 -12.44 -18.97
C ALA G 147 9.73 -11.05 -19.17
N ILE G 148 9.35 -10.37 -20.25
CA ILE G 148 9.94 -9.07 -20.49
C ILE G 148 9.40 -8.09 -19.47
N MET G 149 8.14 -8.23 -19.06
CA MET G 149 7.67 -7.38 -17.98
C MET G 149 8.47 -7.59 -16.68
N THR G 150 8.89 -8.84 -16.39
CA THR G 150 9.72 -9.01 -15.20
C THR G 150 11.05 -8.31 -15.37
N ILE G 151 11.64 -8.38 -16.58
CA ILE G 151 12.90 -7.67 -16.80
C ILE G 151 12.74 -6.17 -16.57
N ILE G 152 11.66 -5.59 -17.09
CA ILE G 152 11.44 -4.16 -16.92
C ILE G 152 11.14 -3.83 -15.47
N ASP G 153 10.30 -4.66 -14.80
CA ASP G 153 10.05 -4.45 -13.38
C ASP G 153 11.35 -4.38 -12.61
N ALA G 154 12.29 -5.30 -12.86
CA ALA G 154 13.53 -5.28 -12.10
C ALA G 154 14.36 -4.03 -12.39
N ALA G 155 14.47 -3.64 -13.66
CA ALA G 155 15.31 -2.46 -13.97
C ALA G 155 14.72 -1.20 -13.36
N VAL G 156 13.41 -1.03 -13.49
CA VAL G 156 12.74 0.13 -12.92
C VAL G 156 12.83 0.11 -11.40
N GLY G 157 12.62 -1.06 -10.79
CA GLY G 157 12.74 -1.18 -9.35
C GLY G 157 14.11 -0.77 -8.85
N THR G 158 15.16 -1.22 -9.55
CA THR G 158 16.51 -0.79 -9.20
C THR G 158 16.60 0.73 -9.21
N LEU G 159 16.04 1.35 -10.24
CA LEU G 159 16.15 2.79 -10.35
C LEU G 159 15.38 3.48 -9.22
N ALA G 160 14.25 2.92 -8.83
CA ALA G 160 13.37 3.58 -7.89
C ALA G 160 13.57 3.16 -6.43
N THR G 161 14.51 2.28 -6.13
CA THR G 161 14.81 1.98 -4.74
C THR G 161 16.25 2.22 -4.31
N THR G 162 17.10 2.70 -5.21
CA THR G 162 18.48 3.05 -4.83
C THR G 162 18.48 4.28 -3.92
N LYS G 163 19.07 4.14 -2.72
CA LYS G 163 19.06 5.22 -1.72
C LYS G 163 19.60 6.54 -2.27
N ASP G 164 20.63 6.52 -3.08
CA ASP G 164 21.20 7.81 -3.52
C ASP G 164 21.00 7.99 -5.02
N GLY G 165 19.92 7.42 -5.53
CA GLY G 165 19.57 7.61 -6.94
C GLY G 165 18.79 8.87 -7.13
N HIS G 166 18.59 9.24 -8.37
CA HIS G 166 17.89 10.50 -8.72
C HIS G 166 16.49 10.54 -8.11
N LEU G 167 15.76 9.46 -8.22
CA LEU G 167 14.35 9.44 -7.77
C LEU G 167 14.23 9.65 -6.24
N GLN G 168 15.11 9.05 -5.48
CA GLN G 168 15.09 9.18 -4.02
C GLN G 168 15.68 10.53 -3.57
N LYS G 169 16.67 11.04 -4.26
CA LYS G 169 17.32 12.30 -3.88
C LYS G 169 16.40 13.46 -4.22
N LYS G 170 15.76 13.38 -5.36
CA LYS G 170 14.77 14.42 -5.72
C LYS G 170 13.58 14.33 -4.76
N SER G 171 13.17 13.13 -4.38
CA SER G 171 12.07 13.05 -3.38
C SER G 171 12.51 13.62 -2.03
N ARG G 172 13.74 13.41 -1.62
CA ARG G 172 14.18 13.83 -0.27
C ARG G 172 14.38 15.33 -0.26
N ALA G 173 14.66 15.89 -1.41
CA ALA G 173 14.82 17.34 -1.54
C ALA G 173 13.45 17.99 -1.78
N ARG G 174 12.45 17.25 -2.21
CA ARG G 174 11.14 17.90 -2.38
C ARG G 174 10.42 17.86 -1.03
N GLU G 175 11.09 17.33 -0.02
CA GLU G 175 10.42 17.22 1.31
C GLU G 175 10.34 18.61 1.93
N GLY G 176 9.14 19.03 2.30
CA GLY G 176 8.90 20.39 2.81
C GLY G 176 7.85 21.09 1.97
N LEU G 200 -2.27 21.41 -16.00
CA LEU G 200 -1.15 21.54 -16.96
C LEU G 200 -0.31 22.78 -16.68
N GLY G 201 -0.01 23.01 -15.41
CA GLY G 201 0.78 24.17 -14.96
C GLY G 201 2.26 23.90 -15.05
N ALA G 202 3.06 24.81 -14.53
CA ALA G 202 4.52 24.65 -14.64
C ALA G 202 4.98 23.31 -14.06
N ASN G 203 5.76 22.62 -14.87
CA ASN G 203 6.35 21.34 -14.50
C ASN G 203 5.26 20.33 -14.11
N TRP G 204 4.16 20.27 -14.83
CA TRP G 204 3.10 19.30 -14.48
C TRP G 204 3.65 17.88 -14.61
N ARG G 205 4.59 17.67 -15.49
CA ARG G 205 5.15 16.33 -15.64
C ARG G 205 5.78 15.84 -14.35
N GLU G 206 6.10 16.75 -13.41
CA GLU G 206 6.62 16.37 -12.10
C GLU G 206 5.80 16.95 -10.93
N ALA G 207 4.54 17.31 -11.15
CA ALA G 207 3.74 17.90 -10.07
C ALA G 207 3.50 16.92 -8.92
N LEU G 208 3.70 17.40 -7.69
CA LEU G 208 3.48 16.58 -6.49
C LEU G 208 2.09 15.97 -6.44
N ASP G 209 1.07 16.73 -6.82
CA ASP G 209 -0.25 16.15 -6.60
C ASP G 209 -0.55 14.99 -7.54
N LEU G 210 0.26 14.79 -8.58
CA LEU G 210 0.07 13.67 -9.49
C LEU G 210 0.78 12.41 -9.05
N PHE G 211 1.78 12.51 -8.17
CA PHE G 211 2.52 11.33 -7.80
C PHE G 211 1.76 10.54 -6.75
N ARG G 212 1.81 9.22 -6.86
CA ARG G 212 1.18 8.39 -5.85
C ARG G 212 1.73 8.73 -4.46
N GLN G 213 0.78 8.88 -3.55
CA GLN G 213 1.02 9.24 -2.15
C GLN G 213 0.95 8.01 -1.25
N GLY G 214 1.58 8.09 -0.10
CA GLY G 214 1.61 7.00 0.85
C GLY G 214 2.88 6.20 0.66
N ALA G 215 2.94 5.06 1.34
CA ALA G 215 4.08 4.17 1.21
C ALA G 215 4.10 3.54 -0.17
N CYS G 216 5.25 3.63 -0.84
CA CYS G 216 5.44 3.10 -2.18
C CYS G 216 6.69 2.25 -2.16
N LYS G 217 6.62 1.07 -2.80
CA LYS G 217 7.83 0.30 -3.03
C LYS G 217 8.72 0.97 -4.06
N MET G 218 8.15 1.71 -5.00
CA MET G 218 8.92 2.44 -6.01
C MET G 218 8.73 3.93 -5.78
N THR G 219 9.82 4.61 -5.48
CA THR G 219 9.75 6.05 -5.32
C THR G 219 9.20 6.70 -6.58
N PRO G 220 8.17 7.53 -6.48
CA PRO G 220 7.64 8.21 -7.67
C PRO G 220 8.66 9.16 -8.26
N GLY G 221 8.55 9.42 -9.55
CA GLY G 221 9.44 10.37 -10.18
C GLY G 221 9.51 10.19 -11.68
N VAL G 222 10.44 10.95 -12.28
CA VAL G 222 10.62 10.97 -13.73
C VAL G 222 12.11 11.00 -14.05
N LEU G 223 12.52 10.21 -15.04
CA LEU G 223 13.88 10.29 -15.58
C LEU G 223 13.79 10.14 -17.09
N THR G 224 14.50 11.00 -17.81
CA THR G 224 14.48 11.00 -19.27
C THR G 224 15.89 10.83 -19.83
N PHE G 225 15.98 10.09 -20.92
CA PHE G 225 17.23 9.65 -21.52
C PHE G 225 17.18 9.92 -23.02
N ALA G 226 18.33 10.33 -23.56
CA ALA G 226 18.48 10.58 -24.99
C ALA G 226 19.96 10.56 -25.34
N PRO G 227 20.35 9.89 -26.42
CA PRO G 227 21.74 9.99 -26.88
C PRO G 227 22.13 11.41 -27.30
N ALA G 228 21.21 12.20 -27.87
CA ALA G 228 21.54 13.55 -28.27
C ALA G 228 20.26 14.38 -28.39
N TRP G 229 20.25 15.57 -27.77
CA TRP G 229 19.02 16.35 -27.79
C TRP G 229 19.44 17.76 -27.36
N TRP G 230 18.46 18.68 -27.27
CA TRP G 230 18.81 20.08 -27.06
C TRP G 230 18.35 20.58 -25.69
N PRO G 231 19.03 21.56 -25.10
CA PRO G 231 18.48 22.20 -23.90
C PRO G 231 17.24 22.98 -24.25
N VAL G 232 16.32 23.08 -23.29
CA VAL G 232 15.11 23.85 -23.51
C VAL G 232 15.48 25.23 -24.01
N GLY G 233 14.89 25.58 -25.14
CA GLY G 233 15.17 26.86 -25.76
C GLY G 233 16.54 26.98 -26.37
N HIS G 234 17.21 25.92 -26.73
CA HIS G 234 18.58 26.12 -27.25
C HIS G 234 18.70 25.28 -28.49
N GLU G 235 17.74 25.47 -29.36
CA GLU G 235 17.56 24.75 -30.63
C GLU G 235 18.70 25.03 -31.59
N ASN G 236 19.26 26.22 -31.61
CA ASN G 236 20.25 26.48 -32.66
C ASN G 236 21.66 26.27 -32.18
N GLN G 237 22.00 25.05 -31.84
CA GLN G 237 23.32 24.66 -31.50
C GLN G 237 23.34 23.17 -31.70
N LEU G 238 24.53 22.64 -31.54
CA LEU G 238 24.68 21.23 -31.70
C LEU G 238 24.04 20.54 -30.51
N PRO G 239 23.32 19.45 -30.73
CA PRO G 239 22.77 18.67 -29.63
C PRO G 239 23.87 17.93 -28.89
N GLY G 240 23.59 17.59 -27.65
CA GLY G 240 24.52 16.84 -26.83
C GLY G 240 23.81 15.76 -26.06
N PRO G 241 24.57 14.92 -25.36
CA PRO G 241 23.96 13.81 -24.64
C PRO G 241 23.11 14.31 -23.50
N ALA G 242 22.02 13.58 -23.23
CA ALA G 242 21.21 13.90 -22.06
C ALA G 242 22.05 13.72 -20.80
N SER G 243 21.89 14.65 -19.86
CA SER G 243 22.72 14.63 -18.66
C SER G 243 22.55 13.35 -17.86
N THR G 244 21.35 12.75 -17.89
CA THR G 244 21.15 11.48 -17.18
C THR G 244 22.07 10.38 -17.67
N LEU G 245 22.57 10.49 -18.90
CA LEU G 245 23.43 9.50 -19.50
C LEU G 245 24.88 9.94 -19.57
N LYS G 246 25.11 11.19 -19.24
CA LYS G 246 26.48 11.68 -19.39
C LYS G 246 27.43 10.90 -18.53
N PRO G 247 27.26 10.45 -17.13
CA PRO G 247 28.24 9.68 -16.29
C PRO G 247 28.37 8.23 -16.77
N PRO G 248 29.59 7.81 -17.11
CA PRO G 248 29.79 6.44 -17.65
C PRO G 248 29.37 5.35 -16.69
N LYS G 249 29.31 5.62 -15.37
CA LYS G 249 28.89 4.61 -14.41
C LYS G 249 27.65 5.05 -13.66
N GLY G 250 26.88 5.96 -14.25
CA GLY G 250 25.62 6.35 -13.65
C GLY G 250 24.56 5.29 -13.73
N GLU G 251 23.49 5.51 -12.95
CA GLU G 251 22.34 4.61 -13.00
C GLU G 251 21.62 4.70 -14.34
N GLY G 252 21.75 5.83 -15.06
CA GLY G 252 21.08 5.95 -16.34
C GLY G 252 21.56 4.92 -17.35
N ARG G 253 22.89 4.84 -17.54
CA ARG G 253 23.42 3.86 -18.46
C ARG G 253 23.13 2.44 -17.98
N MET G 254 23.10 2.25 -16.66
CA MET G 254 22.81 0.91 -16.14
C MET G 254 21.38 0.49 -16.45
N PHE G 255 20.44 1.43 -16.35
CA PHE G 255 19.06 1.15 -16.74
C PHE G 255 18.99 0.76 -18.22
N LEU G 256 19.61 1.55 -19.10
CA LEU G 256 19.57 1.21 -20.52
C LEU G 256 20.18 -0.17 -20.76
N SER G 257 21.31 -0.44 -20.11
CA SER G 257 21.97 -1.73 -20.24
C SER G 257 21.12 -2.87 -19.70
N ASP G 258 20.15 -2.63 -18.86
CA ASP G 258 19.33 -3.73 -18.30
C ASP G 258 18.09 -3.98 -19.14
N ILE G 259 17.71 -3.05 -20.00
CA ILE G 259 16.48 -3.19 -20.79
C ILE G 259 16.60 -3.41 -22.31
N PRO G 260 17.71 -3.82 -22.94
CA PRO G 260 17.76 -3.94 -24.35
C PRO G 260 16.71 -4.84 -25.01
N ILE G 261 16.30 -5.90 -24.34
CA ILE G 261 15.27 -6.77 -24.92
C ILE G 261 13.94 -6.04 -25.04
N ALA G 262 13.62 -5.24 -24.01
CA ALA G 262 12.37 -4.48 -23.99
C ALA G 262 12.40 -3.38 -25.03
N SER G 263 13.53 -2.68 -25.13
CA SER G 263 13.61 -1.60 -26.11
C SER G 263 13.56 -2.15 -27.54
N ALA G 264 14.19 -3.31 -27.78
CA ALA G 264 14.13 -3.91 -29.11
C ALA G 264 12.70 -4.32 -29.47
N LEU G 265 11.97 -4.93 -28.53
CA LEU G 265 10.57 -5.26 -28.74
C LEU G 265 9.76 -4.02 -29.12
N VAL G 266 9.93 -2.93 -28.36
CA VAL G 266 9.17 -1.70 -28.65
C VAL G 266 9.49 -1.18 -30.06
N GLY G 267 10.78 -1.15 -30.41
CA GLY G 267 11.14 -0.72 -31.74
C GLY G 267 10.53 -1.59 -32.82
N ALA G 268 10.50 -2.91 -32.60
CA ALA G 268 9.97 -3.82 -33.61
C ALA G 268 8.47 -3.59 -33.82
N ILE G 269 7.76 -3.30 -32.73
CA ILE G 269 6.35 -2.94 -32.83
C ILE G 269 6.21 -1.70 -33.71
N LEU G 270 7.03 -0.68 -33.45
CA LEU G 270 7.00 0.51 -34.28
C LEU G 270 7.19 0.15 -35.75
N ALA G 271 8.18 -0.69 -36.03
CA ALA G 271 8.48 -1.03 -37.42
C ALA G 271 7.27 -1.67 -38.09
N GLN G 272 6.43 -2.39 -37.32
CA GLN G 272 5.22 -2.95 -37.94
C GLN G 272 4.16 -1.90 -38.20
N ILE G 273 4.10 -0.85 -37.39
CA ILE G 273 3.03 0.13 -37.58
C ILE G 273 3.42 1.21 -38.58
N ASN G 274 4.69 1.67 -38.55
CA ASN G 274 5.20 2.75 -39.40
C ASN G 274 6.64 2.35 -39.75
N GLN G 275 6.79 1.53 -40.77
CA GLN G 275 8.13 1.10 -41.19
C GLN G 275 9.01 2.26 -41.66
N PRO G 276 8.53 3.22 -42.47
CA PRO G 276 9.39 4.39 -42.80
C PRO G 276 9.95 5.10 -41.57
N LEU G 277 9.13 5.31 -40.54
CA LEU G 277 9.62 6.01 -39.35
C LEU G 277 10.69 5.20 -38.65
N PHE G 278 10.50 3.89 -38.55
CA PHE G 278 11.50 3.02 -37.93
C PHE G 278 12.81 3.07 -38.69
N GLU G 279 12.77 2.88 -40.01
CA GLU G 279 14.01 2.84 -40.79
C GLU G 279 14.69 4.22 -40.80
N SER G 280 13.90 5.29 -40.83
CA SER G 280 14.49 6.62 -40.78
C SER G 280 15.14 6.88 -39.41
N GLY G 281 14.50 6.46 -38.31
CA GLY G 281 15.10 6.63 -37.00
C GLY G 281 16.42 5.88 -36.86
N VAL G 282 16.48 4.67 -37.41
CA VAL G 282 17.74 3.92 -37.38
C VAL G 282 18.78 4.64 -38.24
N LYS G 283 18.38 5.18 -39.39
CA LYS G 283 19.32 5.91 -40.23
C LYS G 283 19.87 7.13 -39.48
N VAL G 284 18.99 7.86 -38.81
CA VAL G 284 19.41 9.01 -38.02
C VAL G 284 20.41 8.60 -36.96
N LEU G 285 20.14 7.50 -36.24
CA LEU G 285 21.07 7.04 -35.21
C LEU G 285 22.42 6.64 -35.80
N ARG G 286 22.41 5.99 -36.98
CA ARG G 286 23.64 5.61 -37.65
C ARG G 286 24.45 6.85 -38.03
N GLU G 287 23.78 7.88 -38.47
CA GLU G 287 24.47 9.12 -38.84
C GLU G 287 25.03 9.78 -37.59
N LEU G 288 24.27 9.81 -36.52
CA LEU G 288 24.78 10.42 -35.30
C LEU G 288 25.99 9.65 -34.76
N TYR G 289 26.02 8.34 -34.96
CA TYR G 289 27.19 7.56 -34.57
C TYR G 289 28.39 7.90 -35.45
N SER G 290 28.16 8.00 -36.74
CA SER G 290 29.24 8.16 -37.73
C SER G 290 29.90 9.53 -37.76
N ASN G 291 29.10 10.54 -37.84
CA ASN G 291 29.57 11.91 -38.08
C ASN G 291 29.79 12.72 -36.78
N SER G 292 31.06 12.89 -36.36
CA SER G 292 31.33 13.65 -35.12
C SER G 292 31.01 15.12 -35.26
N LYS G 293 30.78 15.62 -36.47
CA LYS G 293 30.45 17.02 -36.64
C LYS G 293 29.03 17.36 -36.21
N LEU G 294 28.19 16.36 -35.92
CA LEU G 294 26.78 16.63 -35.68
C LEU G 294 26.43 16.88 -34.22
N THR G 295 27.25 16.49 -33.25
CA THR G 295 26.88 16.67 -31.86
C THR G 295 28.04 17.23 -31.04
N LYS G 296 27.68 17.84 -29.90
CA LYS G 296 28.68 18.12 -28.88
C LYS G 296 29.03 16.82 -28.18
N ASP G 297 30.28 16.72 -27.74
CA ASP G 297 30.69 15.58 -26.91
C ASP G 297 30.43 14.25 -27.63
N HIS G 298 30.83 14.20 -28.90
CA HIS G 298 30.45 13.09 -29.76
C HIS G 298 30.93 11.75 -29.23
N SER G 299 32.03 11.72 -28.47
CA SER G 299 32.51 10.44 -27.95
C SER G 299 31.50 9.85 -26.96
N THR G 300 30.90 10.70 -26.13
CA THR G 300 29.88 10.23 -25.21
C THR G 300 28.62 9.82 -25.97
N VAL G 301 28.22 10.62 -26.96
CA VAL G 301 27.07 10.26 -27.80
C VAL G 301 27.27 8.87 -28.40
N SER G 302 28.47 8.57 -28.91
CA SER G 302 28.71 7.28 -29.57
C SER G 302 28.65 6.14 -28.55
N LYS G 303 29.21 6.37 -27.37
CA LYS G 303 29.17 5.32 -26.36
C LYS G 303 27.73 5.05 -25.91
N ILE G 304 26.86 6.07 -25.95
CA ILE G 304 25.45 5.86 -25.59
C ILE G 304 24.70 5.12 -26.69
N ILE G 305 24.94 5.50 -27.95
CA ILE G 305 24.27 4.81 -29.04
C ILE G 305 24.60 3.32 -28.99
N GLU G 306 25.83 2.99 -28.58
CA GLU G 306 26.20 1.58 -28.47
C GLU G 306 25.32 0.82 -27.49
N ILE G 307 24.62 1.51 -26.59
CA ILE G 307 23.69 0.83 -25.70
C ILE G 307 22.26 1.34 -25.89
N TRP G 308 21.97 1.96 -27.02
CA TRP G 308 20.65 2.51 -27.34
C TRP G 308 19.93 1.53 -28.27
N PHE G 309 19.16 0.63 -27.68
CA PHE G 309 18.49 -0.44 -28.45
C PHE G 309 17.10 -0.02 -28.90
N SER G 310 17.00 1.11 -29.59
CA SER G 310 15.70 1.71 -29.84
C SER G 310 15.79 2.59 -31.08
N PRO G 311 14.72 2.68 -31.88
CA PRO G 311 14.74 3.65 -32.98
C PRO G 311 14.40 5.06 -32.54
N PHE G 312 13.95 5.26 -31.32
CA PHE G 312 13.43 6.57 -30.96
C PHE G 312 14.56 7.54 -30.62
N SER G 313 14.25 8.84 -30.70
CA SER G 313 15.20 9.85 -30.24
C SER G 313 15.33 9.83 -28.73
N SER G 314 14.25 9.47 -28.01
CA SER G 314 14.24 9.71 -26.58
C SER G 314 13.31 8.76 -25.85
N LEU G 315 13.60 8.57 -24.56
CA LEU G 315 12.83 7.70 -23.69
C LEU G 315 12.62 8.38 -22.34
N SER G 316 11.40 8.38 -21.83
CA SER G 316 11.13 8.90 -20.50
C SER G 316 10.46 7.83 -19.66
N LEU G 317 10.96 7.63 -18.44
CA LEU G 317 10.40 6.70 -17.45
C LEU G 317 9.66 7.52 -16.40
N ILE G 318 8.37 7.27 -16.26
CA ILE G 318 7.49 7.98 -15.34
C ILE G 318 7.01 6.96 -14.31
N VAL G 319 7.43 7.09 -13.06
CA VAL G 319 7.14 6.14 -12.00
C VAL G 319 6.06 6.71 -11.08
N ASN G 320 4.96 5.98 -10.94
CA ASN G 320 3.90 6.26 -9.96
C ASN G 320 3.32 7.67 -10.10
N ARG G 321 2.99 8.05 -11.32
CA ARG G 321 2.41 9.35 -11.59
C ARG G 321 1.15 9.16 -12.43
N ALA G 322 0.06 9.80 -11.99
CA ALA G 322 -1.10 9.91 -12.86
C ALA G 322 -0.82 10.90 -13.98
N THR G 323 -1.56 10.79 -15.07
CA THR G 323 -1.30 11.60 -16.27
C THR G 323 -2.56 12.33 -16.72
N PRO G 324 -2.62 13.65 -16.54
CA PRO G 324 -3.77 14.41 -17.03
C PRO G 324 -3.85 14.42 -18.54
N ILE G 325 -5.05 14.76 -19.01
CA ILE G 325 -5.32 14.89 -20.45
C ILE G 325 -4.43 15.96 -21.02
N HIS G 326 -3.75 15.64 -22.11
CA HIS G 326 -2.74 16.52 -22.67
C HIS G 326 -2.40 16.06 -24.08
N ARG G 327 -1.73 16.93 -24.81
CA ARG G 327 -0.97 16.57 -26.00
C ARG G 327 0.51 16.82 -25.75
N ASP G 328 1.36 16.02 -26.38
CA ASP G 328 2.79 16.19 -26.28
C ASP G 328 3.28 17.06 -27.42
N THR G 329 3.86 18.23 -27.10
CA THR G 329 4.17 19.20 -28.14
C THR G 329 5.64 19.25 -28.53
N SER G 330 6.52 18.54 -27.82
CA SER G 330 7.94 18.70 -28.03
C SER G 330 8.44 17.97 -29.28
N GLY G 331 7.68 17.00 -29.79
CA GLY G 331 8.12 16.25 -30.94
C GLY G 331 7.49 16.79 -32.21
N PRO G 332 7.75 16.15 -33.33
CA PRO G 332 7.09 16.53 -34.58
C PRO G 332 5.68 15.99 -34.56
N ILE G 333 4.75 16.80 -35.05
CA ILE G 333 3.36 16.39 -35.06
C ILE G 333 3.16 15.12 -35.90
N GLU G 334 4.04 14.86 -36.87
CA GLU G 334 4.01 13.60 -37.62
C GLU G 334 4.50 12.39 -36.81
N GLY G 335 5.06 12.59 -35.63
CA GLY G 335 5.74 11.52 -34.93
C GLY G 335 4.79 10.61 -34.16
N MET G 336 5.02 9.32 -34.29
CA MET G 336 4.25 8.34 -33.53
C MET G 336 5.05 7.89 -32.32
N ASP G 337 4.55 8.24 -31.14
CA ASP G 337 5.12 7.85 -29.85
C ASP G 337 4.58 6.49 -29.43
N ILE G 338 5.34 5.81 -28.58
CA ILE G 338 4.91 4.52 -28.03
C ILE G 338 4.98 4.55 -26.50
N LEU G 339 3.88 4.19 -25.85
CA LEU G 339 3.78 4.06 -24.42
C LEU G 339 3.71 2.59 -24.03
N VAL G 340 4.49 2.21 -23.02
CA VAL G 340 4.41 0.89 -22.41
C VAL G 340 4.06 1.12 -20.96
N THR G 341 3.05 0.41 -20.45
CA THR G 341 2.74 0.62 -19.05
C THR G 341 2.96 -0.68 -18.28
N GLY G 342 3.45 -0.55 -17.05
CA GLY G 342 3.71 -1.72 -16.24
C GLY G 342 3.48 -1.43 -14.77
N GLY G 343 3.62 -2.48 -13.96
CA GLY G 343 3.54 -2.32 -12.52
C GLY G 343 2.62 -3.35 -11.88
N ASN G 344 2.23 -3.06 -10.64
CA ASN G 344 1.38 -3.91 -9.82
C ASN G 344 0.11 -3.12 -9.51
N TYR G 345 -0.84 -3.18 -10.44
CA TYR G 345 -2.14 -2.53 -10.33
C TYR G 345 -3.07 -3.24 -11.30
N SER G 346 -4.36 -2.91 -11.24
CA SER G 346 -5.33 -3.65 -12.06
C SER G 346 -6.47 -2.82 -12.65
N ASN G 347 -6.55 -1.53 -12.41
CA ASN G 347 -7.68 -0.76 -12.90
C ASN G 347 -7.23 0.35 -13.86
N GLY G 348 -6.21 0.06 -14.66
CA GLY G 348 -5.65 1.09 -15.52
C GLY G 348 -6.59 1.45 -16.66
N VAL G 349 -6.67 2.75 -16.95
CA VAL G 349 -7.51 3.29 -18.02
C VAL G 349 -6.73 4.39 -18.73
N LEU G 350 -6.72 4.35 -20.06
CA LEU G 350 -6.19 5.44 -20.86
C LEU G 350 -7.34 6.10 -21.62
N VAL G 351 -7.49 7.41 -21.46
CA VAL G 351 -8.65 8.13 -21.98
C VAL G 351 -8.24 8.91 -23.23
N THR G 352 -9.00 8.74 -24.32
CA THR G 352 -8.79 9.55 -25.52
C THR G 352 -10.11 10.26 -25.79
N PRO G 353 -10.28 11.48 -25.30
CA PRO G 353 -11.60 12.13 -25.38
C PRO G 353 -12.06 12.44 -26.80
N SER G 354 -11.14 12.76 -27.73
CA SER G 354 -11.55 13.07 -29.09
C SER G 354 -12.13 11.87 -29.83
N PHE G 355 -11.91 10.66 -29.32
CA PHE G 355 -12.49 9.46 -29.90
C PHE G 355 -13.66 8.94 -29.09
N ASN G 356 -14.05 9.64 -28.02
CA ASN G 356 -15.12 9.19 -27.14
C ASN G 356 -14.85 7.75 -26.66
N ARG G 357 -13.63 7.51 -26.19
CA ARG G 357 -13.23 6.18 -25.78
C ARG G 357 -12.36 6.20 -24.53
N ARG G 358 -12.51 5.14 -23.74
CA ARG G 358 -11.61 4.77 -22.67
C ARG G 358 -11.07 3.36 -22.96
N TRP G 359 -9.79 3.15 -22.70
CA TRP G 359 -9.09 1.92 -23.09
C TRP G 359 -8.49 1.24 -21.88
N THR G 360 -8.74 -0.05 -21.74
CA THR G 360 -8.11 -0.81 -20.68
C THR G 360 -6.60 -0.79 -20.84
N TYR G 361 -5.92 -0.39 -19.76
CA TYR G 361 -4.52 0.02 -19.79
C TYR G 361 -3.82 -0.59 -18.59
N ASN G 362 -3.75 -1.92 -18.59
CA ASN G 362 -3.18 -2.70 -17.50
C ASN G 362 -1.74 -3.12 -17.83
N PRO G 363 -0.99 -3.64 -16.86
CA PRO G 363 0.43 -3.94 -17.12
C PRO G 363 0.64 -4.75 -18.40
N GLY G 364 1.70 -4.38 -19.15
CA GLY G 364 2.01 -5.00 -20.42
C GLY G 364 1.28 -4.44 -21.61
N CYS G 365 0.43 -3.44 -21.40
CA CYS G 365 -0.27 -2.81 -22.50
C CYS G 365 0.65 -1.85 -23.22
N VAL G 366 0.55 -1.82 -24.56
CA VAL G 366 1.32 -0.93 -25.42
C VAL G 366 0.35 -0.09 -26.23
N VAL G 367 0.59 1.21 -26.28
CA VAL G 367 -0.25 2.13 -27.06
C VAL G 367 0.66 2.95 -27.93
N ALA G 368 0.43 2.91 -29.24
CA ALA G 368 1.14 3.76 -30.20
C ALA G 368 0.19 4.86 -30.63
N LEU G 369 0.69 6.09 -30.71
CA LEU G 369 -0.22 7.18 -31.03
C LEU G 369 0.56 8.40 -31.50
N LEU G 370 -0.10 9.23 -32.31
CA LEU G 370 0.40 10.57 -32.66
C LEU G 370 0.04 11.50 -31.50
N GLY G 371 0.92 11.53 -30.50
CA GLY G 371 0.65 12.23 -29.25
C GLY G 371 0.61 13.75 -29.34
N LYS G 372 1.06 14.34 -30.45
CA LYS G 372 0.94 15.78 -30.65
C LYS G 372 -0.40 16.16 -31.25
N LEU G 373 -1.15 15.17 -31.74
CA LEU G 373 -2.50 15.34 -32.22
C LEU G 373 -3.53 14.83 -31.22
N VAL G 374 -3.33 13.64 -30.68
CA VAL G 374 -4.34 12.91 -29.92
C VAL G 374 -4.23 13.25 -28.43
N LEU G 375 -5.27 13.87 -27.89
CA LEU G 375 -5.34 14.06 -26.45
C LEU G 375 -5.39 12.70 -25.76
N HIS G 376 -4.55 12.53 -24.72
CA HIS G 376 -4.53 11.28 -23.98
C HIS G 376 -4.26 11.59 -22.50
N GLY G 377 -4.83 10.74 -21.64
CA GLY G 377 -4.59 10.85 -20.20
C GLY G 377 -4.76 9.51 -19.53
N VAL G 378 -4.16 9.38 -18.35
CA VAL G 378 -4.23 8.14 -17.57
C VAL G 378 -4.52 8.48 -16.12
N PRO G 379 -5.72 8.22 -15.63
CA PRO G 379 -6.02 8.52 -14.23
C PRO G 379 -5.19 7.70 -13.27
N GLU G 380 -5.18 8.17 -12.02
CA GLU G 380 -4.59 7.43 -10.91
C GLU G 380 -5.11 6.01 -10.86
N VAL G 381 -4.23 5.07 -10.49
CA VAL G 381 -4.62 3.67 -10.37
C VAL G 381 -4.38 3.27 -8.92
N ASP G 382 -5.10 2.24 -8.50
CA ASP G 382 -5.01 1.73 -7.14
C ASP G 382 -3.97 0.60 -7.08
N GLY G 383 -2.72 1.03 -7.09
CA GLY G 383 -1.56 0.17 -7.04
C GLY G 383 -0.38 0.98 -7.53
N GLU G 384 0.73 0.31 -7.78
CA GLU G 384 1.92 1.01 -8.26
C GLU G 384 2.05 0.81 -9.77
N ARG G 385 2.54 1.84 -10.46
CA ARG G 385 2.56 1.86 -11.91
C ARG G 385 3.80 2.60 -12.38
N TYR G 386 4.28 2.24 -13.57
CA TYR G 386 5.27 3.06 -14.28
C TYR G 386 4.90 3.06 -15.75
N CYS G 387 5.43 4.07 -16.45
CA CYS G 387 5.21 4.26 -17.88
C CYS G 387 6.55 4.48 -18.53
N MET G 388 6.78 3.82 -19.67
CA MET G 388 7.89 4.11 -20.56
C MET G 388 7.31 4.81 -21.78
N ALA G 389 7.72 6.06 -22.01
CA ALA G 389 7.24 6.87 -23.13
C ALA G 389 8.38 7.10 -24.12
N HIS G 390 8.19 6.65 -25.36
CA HIS G 390 9.20 6.73 -26.41
C HIS G 390 8.77 7.78 -27.42
N PHE G 391 9.67 8.72 -27.75
CA PHE G 391 9.29 9.89 -28.54
C PHE G 391 10.48 10.42 -29.37
N TRP G 392 10.25 11.56 -30.04
CA TRP G 392 11.03 11.99 -31.21
C TRP G 392 11.54 13.41 -31.06
N ARG G 393 12.70 13.70 -31.68
CA ARG G 393 13.23 15.07 -31.83
C ARG G 393 13.47 15.26 -33.32
N GLU G 394 12.58 16.02 -33.97
CA GLU G 394 12.57 16.15 -35.43
C GLU G 394 13.88 16.71 -35.98
N ARG G 395 14.46 17.69 -35.28
CA ARG G 395 15.64 18.36 -35.81
C ARG G 395 16.86 17.42 -35.78
N LEU G 396 16.79 16.30 -35.06
CA LEU G 396 17.84 15.27 -35.27
C LEU G 396 17.73 14.67 -36.67
N PHE G 397 16.50 14.48 -37.17
CA PHE G 397 16.34 14.02 -38.55
C PHE G 397 16.88 15.08 -39.52
N ASP G 398 16.52 16.35 -39.28
CA ASP G 398 17.07 17.43 -40.09
C ASP G 398 18.60 17.41 -40.09
N ALA G 399 19.20 17.31 -38.91
CA ALA G 399 20.66 17.33 -38.80
C ALA G 399 21.31 16.15 -39.51
N ALA G 400 20.64 15.01 -39.55
CA ALA G 400 21.18 13.84 -40.24
C ALA G 400 20.84 13.81 -41.71
N GLY G 401 20.11 14.81 -42.21
CA GLY G 401 19.72 14.81 -43.60
C GLY G 401 18.72 13.72 -43.94
N VAL G 402 17.91 13.31 -42.98
CA VAL G 402 16.95 12.25 -43.18
C VAL G 402 15.52 12.91 -43.08
N PRO G 403 14.72 12.77 -44.11
CA PRO G 403 13.37 13.37 -44.03
C PRO G 403 12.56 12.69 -42.94
N PHE G 404 11.75 13.48 -42.23
CA PHE G 404 10.84 12.87 -41.26
C PHE G 404 9.55 12.45 -41.96
N PRO G 405 9.23 11.16 -42.00
CA PRO G 405 8.09 10.71 -42.81
C PRO G 405 6.75 11.09 -42.21
N TYR G 406 5.76 11.17 -43.08
CA TYR G 406 4.39 11.39 -42.70
C TYR G 406 3.80 10.10 -42.16
N PRO G 407 2.84 10.17 -41.24
CA PRO G 407 2.27 8.96 -40.64
C PRO G 407 1.83 7.96 -41.71
N SER G 408 2.09 6.69 -41.42
CA SER G 408 1.77 5.59 -42.32
C SER G 408 0.26 5.32 -42.37
N LYS G 409 -0.15 4.70 -43.48
CA LYS G 409 -1.50 4.20 -43.65
C LYS G 409 -1.52 2.73 -43.24
N TRP G 410 -2.71 2.25 -42.86
CA TRP G 410 -2.80 0.88 -42.36
C TRP G 410 -2.55 -0.15 -43.46
N GLN G 411 -2.82 0.20 -44.73
CA GLN G 411 -2.61 -0.77 -45.81
C GLN G 411 -1.14 -1.11 -45.97
N GLU G 412 -0.24 -0.27 -45.45
CA GLU G 412 1.18 -0.54 -45.56
C GLU G 412 1.54 -1.84 -44.87
N SER G 413 0.74 -2.23 -43.87
CA SER G 413 0.99 -3.46 -43.15
C SER G 413 0.94 -4.68 -44.06
N TYR G 414 0.13 -4.64 -45.11
CA TYR G 414 -0.18 -5.83 -45.91
C TYR G 414 0.71 -5.97 -47.13
N THR G 415 1.50 -4.97 -47.45
CA THR G 415 2.30 -4.95 -48.68
C THR G 415 3.50 -5.88 -48.60
N LEU J 17 -1.27 48.23 -8.76
CA LEU J 17 -2.56 48.21 -8.07
C LEU J 17 -2.97 49.51 -7.38
N PRO J 18 -3.81 50.28 -8.07
CA PRO J 18 -4.22 51.59 -7.52
C PRO J 18 -5.08 51.48 -6.28
N SER J 19 -5.88 50.41 -6.13
CA SER J 19 -6.73 50.27 -4.95
C SER J 19 -5.88 50.13 -3.69
N LEU J 20 -4.86 49.27 -3.75
CA LEU J 20 -4.01 49.05 -2.61
C LEU J 20 -3.15 50.27 -2.32
N LEU J 21 -2.76 51.01 -3.38
CA LEU J 21 -2.04 52.26 -3.18
C LEU J 21 -2.92 53.29 -2.49
N LEU J 22 -4.21 53.34 -2.84
CA LEU J 22 -5.11 54.27 -2.19
C LEU J 22 -5.22 53.95 -0.70
N ILE J 23 -5.36 52.66 -0.36
CA ILE J 23 -5.53 52.37 1.06
C ILE J 23 -4.21 52.55 1.81
N ASP J 24 -3.07 52.26 1.16
CA ASP J 24 -1.79 52.54 1.80
C ASP J 24 -1.64 54.02 2.11
N GLU J 25 -1.95 54.87 1.12
CA GLU J 25 -1.78 56.30 1.32
C GLU J 25 -2.75 56.82 2.37
N ALA J 26 -3.99 56.30 2.37
CA ALA J 26 -4.95 56.72 3.39
C ALA J 26 -4.47 56.36 4.78
N ALA J 27 -3.93 55.15 4.95
CA ALA J 27 -3.41 54.75 6.25
C ALA J 27 -2.27 55.67 6.70
N ALA J 28 -1.32 55.94 5.80
CA ALA J 28 -0.17 56.74 6.21
C ALA J 28 -0.60 58.17 6.54
N VAL J 29 -1.54 58.71 5.77
CA VAL J 29 -1.97 60.07 6.01
C VAL J 29 -2.76 60.16 7.31
N LEU J 30 -3.62 59.17 7.56
CA LEU J 30 -4.35 59.18 8.83
C LEU J 30 -3.39 59.15 10.03
N GLY J 31 -2.37 58.27 9.97
CA GLY J 31 -1.37 58.20 11.02
C GLY J 31 -0.68 59.53 11.24
N ARG J 32 -0.42 60.19 10.16
CA ARG J 32 0.30 61.44 10.03
C ARG J 32 -0.49 62.52 10.71
N MET J 33 -1.81 62.56 10.43
CA MET J 33 -2.78 63.45 11.10
C MET J 33 -2.80 63.23 12.61
N ILE J 34 -2.93 61.96 13.03
CA ILE J 34 -3.03 61.62 14.43
C ILE J 34 -1.76 62.07 15.15
N GLN J 35 -0.64 61.82 14.56
CA GLN J 35 0.60 62.24 15.24
C GLN J 35 0.63 63.77 15.31
N GLY J 36 0.21 64.46 14.28
CA GLY J 36 0.16 65.92 14.37
C GLY J 36 -0.72 66.39 15.51
N LEU J 37 -1.86 65.74 15.71
CA LEU J 37 -2.71 66.08 16.83
C LEU J 37 -1.98 65.82 18.13
N ARG J 38 -1.16 64.76 18.18
CA ARG J 38 -0.56 64.38 19.45
C ARG J 38 0.62 65.28 19.83
N THR J 39 1.38 65.77 18.87
CA THR J 39 2.51 66.62 19.21
C THR J 39 2.13 68.09 19.35
N GLY J 40 0.98 68.49 18.80
CA GLY J 40 0.63 69.89 18.75
C GLY J 40 1.12 70.62 17.52
N ILE J 41 1.86 69.94 16.65
CA ILE J 41 2.25 70.51 15.37
C ILE J 41 1.27 70.02 14.31
N PRO J 42 0.28 70.84 13.90
CA PRO J 42 -0.74 70.35 12.97
C PRO J 42 -0.12 69.85 11.67
N TYR J 43 -0.56 68.68 11.25
CA TYR J 43 -0.11 68.13 9.98
C TYR J 43 -0.88 68.77 8.83
N ILE J 44 -0.17 69.09 7.75
CA ILE J 44 -0.76 69.61 6.52
C ILE J 44 -0.43 68.68 5.36
N HIS J 45 -1.45 68.22 4.66
CA HIS J 45 -1.25 67.32 3.53
C HIS J 45 -0.80 68.10 2.31
N THR J 46 0.35 67.73 1.75
CA THR J 46 0.91 68.46 0.61
C THR J 46 1.18 67.66 -0.65
N GLU J 47 1.18 66.31 -0.59
CA GLU J 47 1.69 65.63 -1.77
C GLU J 47 0.62 65.70 -2.86
N ASN J 48 1.05 65.61 -4.11
CA ASN J 48 0.10 65.41 -5.21
C ASN J 48 -0.18 63.91 -5.34
N ASP J 49 -0.99 63.39 -4.41
CA ASP J 49 -1.32 61.97 -4.39
C ASP J 49 -2.81 61.68 -4.53
N SER J 50 -3.22 60.43 -4.21
CA SER J 50 -4.62 60.03 -4.28
C SER J 50 -5.48 60.67 -3.20
N ILE J 51 -4.85 61.17 -2.13
CA ILE J 51 -5.60 61.83 -1.07
C ILE J 51 -5.96 63.25 -1.48
N LYS J 52 -5.06 63.95 -2.19
CA LYS J 52 -5.44 65.23 -2.78
C LYS J 52 -6.53 65.05 -3.82
N ALA J 53 -6.49 63.93 -4.54
CA ALA J 53 -7.46 63.71 -5.60
C ALA J 53 -8.84 63.34 -5.06
N ASN J 54 -8.94 62.95 -3.78
CA ASN J 54 -10.21 62.60 -3.15
C ASN J 54 -10.38 63.47 -1.91
N PRO J 55 -10.76 64.74 -2.09
CA PRO J 55 -10.91 65.62 -0.92
C PRO J 55 -11.89 65.11 0.12
N ILE J 56 -12.95 64.42 -0.33
CA ILE J 56 -13.93 63.86 0.59
C ILE J 56 -13.26 62.88 1.55
N LEU J 57 -12.38 62.02 1.03
CA LEU J 57 -11.67 61.07 1.88
C LEU J 57 -10.68 61.78 2.80
N ARG J 58 -10.00 62.82 2.30
CA ARG J 58 -9.05 63.54 3.15
C ARG J 58 -9.75 64.13 4.37
N THR J 59 -10.88 64.79 4.12
CA THR J 59 -11.71 65.34 5.17
C THR J 59 -12.19 64.26 6.14
N ALA J 60 -12.62 63.11 5.60
CA ALA J 60 -13.09 62.02 6.45
C ALA J 60 -11.95 61.47 7.30
N LEU J 61 -10.74 61.44 6.74
CA LEU J 61 -9.58 61.01 7.51
C LEU J 61 -9.33 61.95 8.68
N TRP J 62 -9.49 63.25 8.45
CA TRP J 62 -9.35 64.20 9.56
C TRP J 62 -10.35 63.90 10.68
N GLN J 63 -11.61 63.67 10.31
CA GLN J 63 -12.63 63.40 11.33
C GLN J 63 -12.27 62.14 12.12
N ALA J 64 -11.88 61.08 11.41
CA ALA J 64 -11.47 59.86 12.08
C ALA J 64 -10.26 60.12 12.97
N ALA J 65 -9.35 60.98 12.53
CA ALA J 65 -8.18 61.27 13.35
C ALA J 65 -8.61 61.81 14.70
N TYR J 66 -9.55 62.75 14.70
CA TYR J 66 -9.96 63.30 15.99
C TYR J 66 -10.62 62.24 16.85
N VAL J 67 -11.41 61.36 16.24
CA VAL J 67 -12.12 60.36 17.04
C VAL J 67 -11.15 59.35 17.62
N LEU J 68 -10.22 58.84 16.81
CA LEU J 68 -9.26 57.85 17.31
C LEU J 68 -8.34 58.45 18.36
N GLU J 69 -7.88 59.69 18.15
CA GLU J 69 -7.03 60.32 19.16
C GLU J 69 -7.75 60.42 20.50
N LYS J 70 -9.03 60.71 20.50
CA LYS J 70 -9.72 60.76 21.79
C LYS J 70 -9.90 59.35 22.35
N ALA J 71 -10.23 58.43 21.49
CA ALA J 71 -10.49 57.08 21.99
C ALA J 71 -9.27 56.47 22.66
N TYR J 72 -8.07 56.79 22.18
CA TYR J 72 -6.86 56.22 22.78
C TYR J 72 -6.58 56.76 24.15
N ARG J 73 -7.25 57.82 24.55
CA ARG J 73 -6.99 58.44 25.84
C ARG J 73 -7.98 58.01 26.91
N ARG J 74 -8.81 57.05 26.61
CA ARG J 74 -9.89 56.60 27.48
C ARG J 74 -9.87 55.07 27.42
N ARG J 75 -8.99 54.48 28.24
CA ARG J 75 -8.68 53.06 28.19
C ARG J 75 -9.14 52.39 29.48
N TYR J 76 -10.11 51.49 29.37
CA TYR J 76 -10.45 50.57 30.44
C TYR J 76 -9.66 49.28 30.29
N ARG J 77 -9.27 48.69 31.43
CA ARG J 77 -8.49 47.45 31.45
C ARG J 77 -9.27 46.34 32.15
N VAL J 78 -9.28 45.16 31.56
CA VAL J 78 -9.85 43.97 32.18
C VAL J 78 -8.77 43.18 32.91
N PRO J 79 -9.12 42.42 33.96
CA PRO J 79 -8.09 41.80 34.81
C PRO J 79 -7.57 40.47 34.32
N TRP J 80 -7.62 40.24 33.01
CA TRP J 80 -7.14 39.01 32.43
C TRP J 80 -6.52 39.34 31.09
N THR J 81 -5.79 38.38 30.55
CA THR J 81 -5.20 38.54 29.25
C THR J 81 -6.14 37.97 28.20
N ALA J 82 -6.03 38.52 26.99
CA ALA J 82 -6.72 37.89 25.88
C ALA J 82 -6.25 36.46 25.69
N ARG J 83 -4.96 36.17 25.81
CA ARG J 83 -4.42 34.82 25.52
C ARG J 83 -5.09 33.73 26.36
N ARG J 84 -5.30 33.97 27.64
CA ARG J 84 -5.96 33.00 28.51
C ARG J 84 -7.44 32.83 28.17
N TYR J 85 -8.14 33.96 27.97
CA TYR J 85 -9.51 33.91 27.49
C TYR J 85 -9.60 33.06 26.22
N MET J 86 -8.64 33.24 25.30
CA MET J 86 -8.58 32.52 24.02
C MET J 86 -8.47 31.02 24.25
N ARG J 87 -7.61 30.65 25.20
CA ARG J 87 -7.29 29.28 25.54
C ARG J 87 -8.51 28.60 26.11
N GLU J 88 -9.25 29.34 26.92
CA GLU J 88 -10.43 28.77 27.55
C GLU J 88 -11.57 28.57 26.54
N LEU J 89 -11.61 29.37 25.48
CA LEU J 89 -12.69 29.27 24.52
C LEU J 89 -12.55 28.00 23.68
N THR J 90 -13.67 27.38 23.40
CA THR J 90 -13.53 26.29 22.44
C THR J 90 -13.69 26.83 21.02
N PRO J 91 -13.13 26.11 20.01
CA PRO J 91 -12.97 26.73 18.70
C PRO J 91 -14.26 27.26 18.19
N ARG J 92 -15.39 26.69 18.59
CA ARG J 92 -16.53 27.23 17.90
C ARG J 92 -17.53 27.83 18.89
N GLN J 93 -17.07 28.31 20.04
CA GLN J 93 -17.92 28.86 21.10
C GLN J 93 -18.51 30.22 20.70
N ASP J 94 -19.75 30.23 20.22
CA ASP J 94 -20.38 31.45 19.71
C ASP J 94 -21.29 32.13 20.74
N GLY J 95 -21.44 31.56 21.94
CA GLY J 95 -22.21 32.19 22.98
C GLY J 95 -23.57 31.56 23.24
N ARG J 96 -23.98 30.59 22.43
CA ARG J 96 -25.30 29.98 22.59
C ARG J 96 -25.37 28.97 23.74
N ASN J 97 -24.24 28.53 24.30
CA ASN J 97 -24.21 27.57 25.41
C ASN J 97 -24.19 28.35 26.73
N ALA J 98 -25.34 28.39 27.41
CA ALA J 98 -25.49 29.26 28.58
C ALA J 98 -24.58 28.83 29.74
N ASN J 99 -24.41 27.53 29.95
CA ASN J 99 -23.54 27.08 31.05
C ASN J 99 -22.09 27.47 30.79
N ARG J 100 -21.62 27.25 29.56
CA ARG J 100 -20.27 27.65 29.21
C ARG J 100 -20.08 29.14 29.40
N GLU J 101 -21.11 29.93 29.09
CA GLU J 101 -20.99 31.37 29.22
C GLU J 101 -21.03 31.83 30.67
N ALA J 102 -21.70 31.10 31.54
CA ALA J 102 -21.63 31.43 32.97
C ALA J 102 -20.20 31.19 33.47
N VAL J 103 -19.56 30.15 32.97
CA VAL J 103 -18.19 29.80 33.39
C VAL J 103 -17.25 30.91 32.94
N MET J 104 -17.44 31.35 31.72
CA MET J 104 -16.49 32.32 31.16
C MET J 104 -16.68 33.64 31.89
N ALA J 105 -17.89 33.89 32.34
CA ALA J 105 -18.17 35.20 32.96
C ALA J 105 -17.56 35.29 34.35
N LYS J 106 -17.22 34.16 34.93
CA LYS J 106 -16.65 34.15 36.31
C LYS J 106 -15.13 34.06 36.25
N GLU J 107 -14.59 33.26 35.35
CA GLU J 107 -13.11 33.20 35.22
C GLU J 107 -12.64 34.54 34.68
N PHE J 108 -13.48 35.16 33.85
CA PHE J 108 -13.10 36.45 33.24
C PHE J 108 -14.19 37.48 33.52
N PRO J 109 -14.19 38.06 34.73
CA PRO J 109 -15.17 39.08 35.09
C PRO J 109 -14.86 40.47 34.54
N PRO J 110 -15.76 41.48 34.58
CA PRO J 110 -15.37 42.78 34.03
C PRO J 110 -14.17 43.39 34.74
N GLY J 111 -13.97 43.09 36.02
CA GLY J 111 -12.88 43.68 36.75
C GLY J 111 -13.29 44.99 37.39
N ALA J 112 -12.38 45.53 38.20
CA ALA J 112 -12.72 46.65 39.07
C ALA J 112 -13.11 47.91 38.28
N GLU J 113 -12.44 48.20 37.16
CA GLU J 113 -12.75 49.42 36.41
C GLU J 113 -14.13 49.38 35.74
N LEU J 114 -14.68 48.19 35.51
CA LEU J 114 -15.93 48.07 34.76
C LEU J 114 -17.10 47.54 35.56
N ASN J 115 -16.88 46.83 36.66
CA ASN J 115 -18.02 46.33 37.40
C ASN J 115 -18.69 47.49 38.13
N SER J 116 -20.02 47.47 38.16
CA SER J 116 -20.80 48.63 38.58
C SER J 116 -22.27 48.26 38.60
N ASP J 117 -22.96 48.61 39.67
CA ASP J 117 -24.41 48.46 39.67
C ASP J 117 -24.98 49.40 38.62
N HIS J 118 -25.52 48.84 37.53
CA HIS J 118 -26.19 49.62 36.49
C HIS J 118 -25.33 50.78 36.00
N PRO J 119 -24.35 50.53 35.14
CA PRO J 119 -23.56 51.62 34.58
C PRO J 119 -24.29 52.36 33.47
N VAL J 120 -23.88 53.58 33.24
CA VAL J 120 -24.55 54.38 32.20
C VAL J 120 -24.04 53.93 30.84
N GLN J 121 -24.86 54.07 29.82
CA GLN J 121 -24.48 53.83 28.43
C GLN J 121 -23.37 54.78 27.99
N GLU J 122 -22.32 54.23 27.38
CA GLU J 122 -21.16 55.02 26.98
C GLU J 122 -21.46 55.84 25.72
N ILE J 123 -20.87 57.04 25.66
CA ILE J 123 -21.00 57.90 24.50
C ILE J 123 -19.67 58.43 23.99
N LEU J 124 -18.62 58.48 24.82
CA LEU J 124 -17.31 59.01 24.48
C LEU J 124 -16.48 57.92 23.78
N PRO J 125 -15.64 58.27 22.81
CA PRO J 125 -14.72 57.27 22.24
C PRO J 125 -13.85 56.64 23.32
N ALA J 126 -13.56 55.35 23.19
CA ALA J 126 -12.84 54.66 24.27
C ALA J 126 -12.30 53.34 23.74
N MET J 127 -11.51 52.67 24.58
CA MET J 127 -11.11 51.30 24.23
C MET J 127 -11.03 50.43 25.47
N ILE J 128 -11.11 49.13 25.23
CA ILE J 128 -10.93 48.09 26.22
C ILE J 128 -9.68 47.31 25.84
N ILE J 129 -8.77 47.20 26.81
CA ILE J 129 -7.48 46.55 26.71
C ILE J 129 -7.42 45.43 27.74
N ASP J 130 -6.53 44.47 27.51
CA ASP J 130 -6.37 43.37 28.44
C ASP J 130 -5.29 43.72 29.46
N ALA J 131 -4.95 42.76 30.33
CA ALA J 131 -4.00 43.03 31.40
C ALA J 131 -2.59 43.27 30.87
N GLU J 132 -2.32 42.93 29.62
CA GLU J 132 -1.03 43.19 28.99
C GLU J 132 -1.13 44.22 27.85
N ASP J 133 -2.14 45.09 27.89
CA ASP J 133 -2.32 46.27 27.04
C ASP J 133 -2.79 45.99 25.61
N HIS J 134 -3.15 44.76 25.29
CA HIS J 134 -3.65 44.45 23.96
C HIS J 134 -5.04 45.04 23.78
N ILE J 135 -5.28 45.68 22.64
CA ILE J 135 -6.59 46.28 22.39
C ILE J 135 -7.59 45.19 22.06
N LEU J 136 -8.63 45.08 22.89
CA LEU J 136 -9.67 44.12 22.65
C LEU J 136 -10.84 44.72 21.89
N PHE J 137 -11.05 46.01 22.08
CA PHE J 137 -12.30 46.62 21.62
C PHE J 137 -12.08 48.12 21.60
N CYS J 138 -12.40 48.76 20.48
CA CYS J 138 -12.18 50.19 20.29
C CYS J 138 -13.46 50.81 19.75
N TYR J 139 -13.98 51.80 20.47
CA TYR J 139 -15.29 52.39 20.23
C TYR J 139 -15.09 53.80 19.66
N LEU J 140 -15.60 54.02 18.44
CA LEU J 140 -15.39 55.25 17.65
C LEU J 140 -16.72 55.80 17.16
N PRO J 141 -17.51 56.40 18.06
CA PRO J 141 -18.76 57.03 17.63
C PRO J 141 -18.50 58.23 16.73
N SER J 142 -19.44 58.45 15.80
CA SER J 142 -19.38 59.57 14.87
C SER J 142 -18.05 59.61 14.12
N CYS J 143 -17.53 58.42 13.80
CA CYS J 143 -16.21 58.33 13.19
C CYS J 143 -16.26 58.62 11.70
N VAL J 144 -17.32 58.22 11.01
CA VAL J 144 -17.40 58.38 9.57
C VAL J 144 -18.07 59.71 9.24
N SER J 145 -17.41 60.50 8.40
CA SER J 145 -17.93 61.79 8.01
C SER J 145 -19.29 61.66 7.32
N PRO J 146 -20.16 62.67 7.46
CA PRO J 146 -21.48 62.66 6.79
C PRO J 146 -21.43 62.44 5.29
N ALA J 147 -20.44 62.99 4.60
CA ALA J 147 -20.35 62.80 3.14
C ALA J 147 -20.19 61.33 2.80
N ILE J 148 -19.31 60.63 3.53
CA ILE J 148 -19.07 59.23 3.24
C ILE J 148 -20.26 58.38 3.69
N MET J 149 -20.91 58.77 4.80
CA MET J 149 -22.15 58.08 5.17
C MET J 149 -23.21 58.24 4.09
N THR J 150 -23.26 59.41 3.43
CA THR J 150 -24.23 59.60 2.35
C THR J 150 -23.91 58.70 1.17
N ILE J 151 -22.63 58.62 0.80
CA ILE J 151 -22.21 57.73 -0.29
C ILE J 151 -22.55 56.27 0.03
N ILE J 152 -22.33 55.86 1.29
CA ILE J 152 -22.65 54.49 1.68
C ILE J 152 -24.16 54.27 1.66
N ASP J 153 -24.93 55.24 2.19
CA ASP J 153 -26.38 55.17 2.12
C ASP J 153 -26.82 54.90 0.69
N ALA J 154 -26.23 55.65 -0.25
CA ALA J 154 -26.62 55.54 -1.65
C ALA J 154 -26.28 54.17 -2.21
N ALA J 155 -25.07 53.67 -1.94
CA ALA J 155 -24.67 52.37 -2.47
C ALA J 155 -25.51 51.24 -1.90
N VAL J 156 -25.78 51.27 -0.59
CA VAL J 156 -26.63 50.23 0.00
C VAL J 156 -28.04 50.30 -0.56
N GLY J 157 -28.59 51.51 -0.69
CA GLY J 157 -29.91 51.63 -1.27
C GLY J 157 -29.99 51.06 -2.67
N THR J 158 -29.01 51.39 -3.50
CA THR J 158 -28.93 50.82 -4.85
C THR J 158 -28.88 49.29 -4.79
N LEU J 159 -28.06 48.73 -3.89
CA LEU J 159 -27.93 47.27 -3.84
C LEU J 159 -29.22 46.62 -3.37
N ALA J 160 -29.94 47.27 -2.46
CA ALA J 160 -31.11 46.70 -1.81
C ALA J 160 -32.42 47.02 -2.52
N THR J 161 -32.37 47.69 -3.67
CA THR J 161 -33.55 47.90 -4.51
C THR J 161 -33.38 47.37 -5.93
N THR J 162 -32.28 46.68 -6.22
CA THR J 162 -32.11 46.02 -7.51
C THR J 162 -33.21 44.97 -7.56
N LYS J 163 -34.28 45.19 -8.35
CA LYS J 163 -35.27 44.11 -8.36
C LYS J 163 -34.63 42.87 -8.94
N ASP J 164 -35.08 41.72 -8.44
CA ASP J 164 -34.52 40.45 -8.86
C ASP J 164 -33.03 40.39 -8.55
N GLY J 165 -32.63 41.21 -7.56
CA GLY J 165 -31.34 41.09 -6.92
C GLY J 165 -31.45 40.04 -5.82
N HIS J 166 -30.30 39.70 -5.22
CA HIS J 166 -30.29 38.71 -4.14
C HIS J 166 -31.28 39.08 -3.02
N LEU J 167 -31.34 40.36 -2.69
CA LEU J 167 -32.20 40.79 -1.59
C LEU J 167 -33.68 40.59 -1.88
N GLN J 168 -34.17 40.84 -3.12
CA GLN J 168 -35.57 40.52 -3.39
C GLN J 168 -35.83 39.05 -3.21
N LYS J 169 -34.90 38.19 -3.67
CA LYS J 169 -35.11 36.75 -3.72
C LYS J 169 -35.27 36.17 -2.34
N LYS J 170 -34.34 36.52 -1.46
CA LYS J 170 -34.47 36.14 -0.08
C LYS J 170 -35.66 36.81 0.58
N SER J 171 -35.93 38.04 0.23
CA SER J 171 -37.12 38.71 0.79
C SER J 171 -38.38 37.95 0.36
N ARG J 172 -38.47 37.47 -0.88
CA ARG J 172 -39.68 36.77 -1.34
C ARG J 172 -39.88 35.51 -0.51
N ALA J 173 -38.80 34.78 -0.27
CA ALA J 173 -38.85 33.59 0.60
C ALA J 173 -39.18 34.01 2.03
N ARG J 174 -38.70 35.16 2.44
CA ARG J 174 -39.04 35.68 3.78
C ARG J 174 -40.55 35.94 3.82
N GLU J 175 -41.10 36.56 2.82
CA GLU J 175 -42.55 36.80 2.88
C GLU J 175 -43.27 35.45 2.79
N GLY J 176 -42.77 34.55 1.96
CA GLY J 176 -43.41 33.23 1.91
C GLY J 176 -43.42 32.52 3.23
N GLU J 177 -42.31 32.48 3.95
CA GLU J 177 -42.37 31.74 5.23
C GLU J 177 -43.34 32.44 6.18
N ARG J 178 -43.33 33.76 6.25
CA ARG J 178 -44.25 34.46 7.17
C ARG J 178 -45.68 34.02 6.88
N ALA J 179 -46.02 33.95 5.62
CA ALA J 179 -47.36 33.48 5.26
C ALA J 179 -47.57 32.03 5.70
N ARG J 180 -46.62 31.15 5.39
CA ARG J 180 -46.77 29.72 5.72
C ARG J 180 -46.83 29.52 7.23
N VAL J 181 -45.92 30.17 7.96
CA VAL J 181 -45.84 29.99 9.41
C VAL J 181 -47.14 30.43 10.07
N GLU J 182 -47.64 31.61 9.69
CA GLU J 182 -48.81 32.17 10.36
C GLU J 182 -49.98 31.17 10.40
N MET J 183 -50.25 30.48 9.30
CA MET J 183 -51.33 29.50 9.27
C MET J 183 -51.05 28.33 10.23
N LEU J 200 -29.87 31.23 19.91
CA LEU J 200 -29.43 31.24 18.51
C LEU J 200 -29.86 29.92 17.91
N GLY J 201 -30.55 29.93 16.78
CA GLY J 201 -30.95 28.68 16.12
C GLY J 201 -30.06 28.39 14.95
N ALA J 202 -30.49 27.53 14.05
CA ALA J 202 -29.72 27.27 12.82
C ALA J 202 -29.79 28.50 11.93
N ASN J 203 -28.70 28.84 11.26
CA ASN J 203 -28.63 29.94 10.26
C ASN J 203 -29.20 31.20 10.87
N TRP J 204 -28.78 31.55 12.08
CA TRP J 204 -29.37 32.68 12.81
C TRP J 204 -29.02 33.95 12.05
N ARG J 205 -27.99 33.91 11.24
CA ARG J 205 -27.66 35.17 10.59
C ARG J 205 -28.70 35.58 9.56
N GLU J 206 -29.56 34.65 9.14
CA GLU J 206 -30.66 34.92 8.23
C GLU J 206 -32.00 34.52 8.83
N ALA J 207 -32.08 34.41 10.16
CA ALA J 207 -33.30 34.00 10.83
C ALA J 207 -34.43 35.01 10.55
N LEU J 208 -35.62 34.47 10.24
CA LEU J 208 -36.72 35.31 9.76
C LEU J 208 -37.04 36.44 10.74
N ASP J 209 -37.11 36.13 12.03
CA ASP J 209 -37.61 37.09 13.02
C ASP J 209 -36.65 38.22 13.35
N LEU J 210 -35.40 38.18 12.87
CA LEU J 210 -34.45 39.26 13.14
C LEU J 210 -34.55 40.43 12.16
N PHE J 211 -35.15 40.22 11.00
CA PHE J 211 -35.22 41.24 9.96
C PHE J 211 -36.37 42.21 10.19
N ARG J 212 -36.14 43.45 9.79
CA ARG J 212 -37.18 44.45 9.90
C ARG J 212 -38.46 44.03 9.18
N GLN J 213 -39.56 44.27 9.86
CA GLN J 213 -40.97 44.12 9.50
C GLN J 213 -41.59 45.41 9.00
N GLY J 214 -42.40 45.24 7.99
CA GLY J 214 -43.12 46.32 7.37
C GLY J 214 -42.47 46.75 6.07
N ALA J 215 -42.99 47.84 5.55
CA ALA J 215 -42.45 48.45 4.34
C ALA J 215 -41.09 49.06 4.65
N CYS J 216 -40.10 48.73 3.81
CA CYS J 216 -38.75 49.22 4.00
C CYS J 216 -38.23 49.84 2.72
N LYS J 217 -37.55 50.99 2.85
CA LYS J 217 -36.87 51.55 1.68
C LYS J 217 -35.75 50.62 1.21
N MET J 218 -35.14 49.89 2.13
CA MET J 218 -34.06 48.96 1.85
C MET J 218 -34.56 47.55 2.14
N THR J 219 -34.57 46.71 1.12
CA THR J 219 -34.97 45.32 1.34
C THR J 219 -34.08 44.68 2.40
N PRO J 220 -34.62 44.13 3.48
CA PRO J 220 -33.77 43.45 4.46
C PRO J 220 -33.09 42.22 3.88
N GLY J 221 -31.94 41.86 4.42
CA GLY J 221 -31.25 40.68 3.96
C GLY J 221 -29.77 40.72 4.29
N VAL J 222 -29.03 39.74 3.75
CA VAL J 222 -27.61 39.63 4.02
C VAL J 222 -26.86 39.28 2.73
N LEU J 223 -25.78 40.01 2.46
CA LEU J 223 -24.88 39.69 1.35
C LEU J 223 -23.44 39.80 1.78
N THR J 224 -22.64 38.80 1.42
CA THR J 224 -21.24 38.75 1.82
C THR J 224 -20.37 38.73 0.56
N PHE J 225 -19.22 39.39 0.64
CA PHE J 225 -18.32 39.59 -0.48
C PHE J 225 -16.90 39.23 -0.05
N ALA J 226 -16.16 38.58 -0.97
CA ALA J 226 -14.78 38.24 -0.67
C ALA J 226 -14.07 37.99 -1.99
N PRO J 227 -12.85 38.50 -2.17
CA PRO J 227 -12.07 38.12 -3.36
C PRO J 227 -11.80 36.62 -3.43
N ALA J 228 -11.60 35.94 -2.30
CA ALA J 228 -11.32 34.52 -2.31
C ALA J 228 -11.63 33.94 -0.94
N TRP J 229 -12.37 32.83 -0.88
CA TRP J 229 -12.72 32.28 0.42
C TRP J 229 -13.27 30.87 0.18
N TRP J 230 -13.67 30.19 1.24
CA TRP J 230 -14.08 28.82 1.00
C TRP J 230 -15.57 28.60 1.28
N PRO J 231 -16.19 27.65 0.60
CA PRO J 231 -17.56 27.26 0.98
C PRO J 231 -17.54 26.61 2.35
N VAL J 232 -18.66 26.74 3.07
CA VAL J 232 -18.77 26.11 4.38
C VAL J 232 -18.50 24.62 4.24
N GLY J 233 -17.60 24.11 5.07
CA GLY J 233 -17.26 22.69 5.07
C GLY J 233 -16.42 22.15 3.92
N HIS J 234 -15.90 23.06 3.09
CA HIS J 234 -15.12 22.70 1.90
C HIS J 234 -13.79 23.40 2.02
N GLU J 235 -13.16 23.25 3.17
CA GLU J 235 -11.87 23.88 3.51
C GLU J 235 -10.72 23.32 2.68
N ASN J 236 -10.84 22.08 2.25
CA ASN J 236 -9.79 21.30 1.54
C ASN J 236 -9.38 21.89 0.22
N GLN J 237 -10.31 22.36 -0.57
CA GLN J 237 -10.03 22.93 -1.90
C GLN J 237 -9.36 24.31 -1.90
N LEU J 238 -8.90 24.70 -3.08
CA LEU J 238 -8.30 26.01 -3.38
C LEU J 238 -9.43 27.00 -3.19
N PRO J 239 -9.35 28.30 -2.49
CA PRO J 239 -10.33 29.32 -2.29
C PRO J 239 -10.68 29.98 -3.62
N GLY J 240 -11.93 30.36 -3.75
CA GLY J 240 -12.41 31.01 -4.94
C GLY J 240 -13.23 32.27 -4.66
N PRO J 241 -13.60 32.98 -5.72
CA PRO J 241 -14.34 34.23 -5.54
C PRO J 241 -15.73 33.96 -4.97
N ALA J 242 -16.17 34.89 -4.13
CA ALA J 242 -17.53 34.81 -3.59
C ALA J 242 -18.54 34.93 -4.72
N SER J 243 -19.59 34.12 -4.65
CA SER J 243 -20.58 34.07 -5.73
C SER J 243 -21.23 35.43 -5.95
N THR J 244 -21.36 36.25 -4.89
CA THR J 244 -21.92 37.59 -5.05
C THR J 244 -21.09 38.41 -6.04
N LEU J 245 -19.85 38.02 -6.27
CA LEU J 245 -18.94 38.78 -7.12
C LEU J 245 -18.61 38.15 -8.48
N LYS J 246 -19.05 36.93 -8.69
CA LYS J 246 -18.68 36.27 -9.93
C LYS J 246 -19.05 37.11 -11.13
N PRO J 247 -20.36 37.72 -11.46
CA PRO J 247 -20.80 38.51 -12.65
C PRO J 247 -20.02 39.86 -12.72
N PRO J 248 -19.13 40.13 -13.81
CA PRO J 248 -18.14 41.37 -14.31
C PRO J 248 -19.06 42.55 -14.02
N LYS J 249 -20.35 42.48 -14.27
CA LYS J 249 -21.14 43.70 -14.01
C LYS J 249 -22.42 43.50 -13.19
N GLY J 250 -22.38 42.59 -12.23
CA GLY J 250 -23.51 42.34 -11.33
C GLY J 250 -23.56 43.31 -10.16
N GLU J 251 -24.62 43.21 -9.38
CA GLU J 251 -24.84 44.12 -8.24
C GLU J 251 -23.66 44.11 -7.28
N GLY J 252 -23.01 42.97 -7.09
CA GLY J 252 -21.94 42.93 -6.10
C GLY J 252 -20.77 43.84 -6.48
N ARG J 253 -20.26 43.67 -7.69
CA ARG J 253 -19.12 44.50 -8.08
C ARG J 253 -19.51 45.96 -8.17
N MET J 254 -20.77 46.24 -8.46
CA MET J 254 -21.21 47.65 -8.54
C MET J 254 -21.19 48.20 -7.12
N PHE J 255 -21.69 47.43 -6.15
CA PHE J 255 -21.68 47.90 -4.78
C PHE J 255 -20.25 48.24 -4.35
N LEU J 256 -19.30 47.37 -4.65
CA LEU J 256 -17.91 47.71 -4.31
C LEU J 256 -17.44 48.92 -5.10
N SER J 257 -17.84 49.05 -6.35
CA SER J 257 -17.45 50.21 -7.16
C SER J 257 -18.03 51.51 -6.59
N ASP J 258 -19.18 51.47 -5.96
CA ASP J 258 -19.70 52.70 -5.36
C ASP J 258 -19.03 53.08 -4.04
N ILE J 259 -18.29 52.21 -3.37
CA ILE J 259 -17.79 52.57 -2.01
C ILE J 259 -16.29 52.63 -1.81
N PRO J 260 -15.39 52.80 -2.78
CA PRO J 260 -13.97 52.75 -2.51
C PRO J 260 -13.51 53.75 -1.47
N ILE J 261 -14.10 54.92 -1.40
CA ILE J 261 -13.70 55.93 -0.43
C ILE J 261 -14.03 55.46 0.99
N ALA J 262 -15.17 54.78 1.16
CA ALA J 262 -15.57 54.29 2.47
C ALA J 262 -14.69 53.11 2.91
N SER J 263 -14.47 52.17 2.01
CA SER J 263 -13.64 51.02 2.35
C SER J 263 -12.21 51.47 2.65
N ALA J 264 -11.72 52.47 1.93
CA ALA J 264 -10.39 53.01 2.21
C ALA J 264 -10.34 53.65 3.59
N LEU J 265 -11.37 54.42 3.94
CA LEU J 265 -11.42 55.00 5.29
C LEU J 265 -11.37 53.90 6.35
N VAL J 266 -12.16 52.84 6.16
CA VAL J 266 -12.20 51.73 7.12
C VAL J 266 -10.83 51.08 7.25
N GLY J 267 -10.17 50.85 6.11
CA GLY J 267 -8.83 50.29 6.12
C GLY J 267 -7.84 51.16 6.87
N ALA J 268 -7.95 52.49 6.68
CA ALA J 268 -7.02 53.40 7.35
C ALA J 268 -7.24 53.38 8.86
N ILE J 269 -8.49 53.28 9.28
CA ILE J 269 -8.80 53.15 10.70
C ILE J 269 -8.14 51.89 11.26
N LEU J 270 -8.32 50.75 10.57
CA LEU J 270 -7.68 49.52 11.03
C LEU J 270 -6.18 49.73 11.16
N ALA J 271 -5.55 50.35 10.16
CA ALA J 271 -4.11 50.57 10.19
C ALA J 271 -3.69 51.38 11.41
N GLN J 272 -4.53 52.30 11.88
CA GLN J 272 -4.15 53.03 13.09
C GLN J 272 -4.27 52.15 14.33
N ILE J 273 -5.20 51.20 14.33
CA ILE J 273 -5.37 50.41 15.54
C ILE J 273 -4.44 49.21 15.57
N ASN J 274 -4.21 48.57 14.41
CA ASN J 274 -3.36 47.39 14.35
C ASN J 274 -2.59 47.44 13.01
N GLN J 275 -1.48 48.20 12.99
CA GLN J 275 -0.71 48.35 11.75
C GLN J 275 -0.17 47.05 11.20
N PRO J 276 0.42 46.15 12.00
CA PRO J 276 0.87 44.89 11.40
C PRO J 276 -0.25 44.16 10.72
N LEU J 277 -1.45 44.16 11.30
CA LEU J 277 -2.55 43.45 10.65
C LEU J 277 -2.90 44.10 9.31
N PHE J 278 -2.90 45.43 9.26
CA PHE J 278 -3.18 46.10 7.98
C PHE J 278 -2.13 45.72 6.93
N GLU J 279 -0.85 45.83 7.26
CA GLU J 279 0.19 45.56 6.26
C GLU J 279 0.17 44.10 5.83
N SER J 280 -0.11 43.18 6.78
CA SER J 280 -0.19 41.78 6.43
C SER J 280 -1.37 41.51 5.51
N GLY J 281 -2.53 42.10 5.80
CA GLY J 281 -3.67 41.91 4.92
C GLY J 281 -3.41 42.41 3.52
N VAL J 282 -2.71 43.54 3.43
CA VAL J 282 -2.38 44.06 2.10
C VAL J 282 -1.43 43.12 1.37
N LYS J 283 -0.42 42.60 2.07
CA LYS J 283 0.49 41.64 1.45
C LYS J 283 -0.25 40.39 0.97
N VAL J 284 -1.19 39.90 1.78
CA VAL J 284 -2.00 38.76 1.37
C VAL J 284 -2.73 39.07 0.07
N LEU J 285 -3.32 40.27 -0.02
CA LEU J 285 -4.02 40.62 -1.26
C LEU J 285 -3.05 40.69 -2.44
N ARG J 286 -1.85 41.21 -2.21
CA ARG J 286 -0.86 41.28 -3.28
C ARG J 286 -0.48 39.90 -3.77
N GLU J 287 -0.29 38.95 -2.84
CA GLU J 287 0.05 37.58 -3.21
C GLU J 287 -1.10 36.89 -3.94
N LEU J 288 -2.34 37.10 -3.47
CA LEU J 288 -3.49 36.48 -4.13
C LEU J 288 -3.70 37.04 -5.53
N TYR J 289 -3.47 38.34 -5.70
CA TYR J 289 -3.56 38.95 -7.03
C TYR J 289 -2.48 38.43 -7.95
N SER J 290 -1.21 38.43 -7.49
CA SER J 290 -0.04 38.10 -8.30
C SER J 290 0.13 36.59 -8.55
N ASN J 291 -0.15 35.73 -7.56
CA ASN J 291 0.19 34.28 -7.61
C ASN J 291 -1.05 33.46 -8.02
N SER J 292 -1.15 33.05 -9.29
CA SER J 292 -2.33 32.35 -9.79
C SER J 292 -2.48 30.94 -9.24
N LYS J 293 -1.46 30.43 -8.58
CA LYS J 293 -1.58 29.04 -8.19
C LYS J 293 -2.42 28.89 -6.90
N LEU J 294 -2.74 29.99 -6.20
CA LEU J 294 -3.38 29.97 -4.89
C LEU J 294 -4.90 29.95 -4.94
N THR J 295 -5.51 30.30 -6.08
CA THR J 295 -6.96 30.42 -6.14
C THR J 295 -7.57 29.72 -7.34
N LYS J 296 -8.83 29.35 -7.15
CA LYS J 296 -9.75 28.95 -8.21
C LYS J 296 -10.13 30.20 -8.97
N ASP J 297 -10.36 30.05 -10.28
CA ASP J 297 -10.87 31.17 -11.08
C ASP J 297 -9.99 32.40 -10.92
N HIS J 298 -8.66 32.22 -10.97
CA HIS J 298 -7.78 33.31 -10.60
C HIS J 298 -8.04 34.57 -11.41
N SER J 299 -8.69 34.40 -12.52
CA SER J 299 -8.94 35.57 -13.38
C SER J 299 -9.96 36.47 -12.69
N THR J 300 -11.00 35.87 -12.17
CA THR J 300 -12.00 36.64 -11.43
C THR J 300 -11.46 37.11 -10.08
N VAL J 301 -10.75 36.24 -9.35
CA VAL J 301 -10.18 36.64 -8.07
C VAL J 301 -9.36 37.90 -8.21
N SER J 302 -8.43 37.89 -9.15
CA SER J 302 -7.53 39.03 -9.28
C SER J 302 -8.32 40.26 -9.71
N LYS J 303 -9.30 40.10 -10.58
CA LYS J 303 -10.08 41.25 -11.08
C LYS J 303 -10.89 41.88 -9.95
N ILE J 304 -11.43 41.09 -9.04
CA ILE J 304 -12.13 41.61 -7.87
C ILE J 304 -11.15 42.35 -6.97
N ILE J 305 -9.92 41.81 -6.83
CA ILE J 305 -8.92 42.54 -6.07
C ILE J 305 -8.72 43.94 -6.64
N GLU J 306 -8.80 44.06 -7.97
CA GLU J 306 -8.61 45.39 -8.55
C GLU J 306 -9.63 46.42 -8.05
N ILE J 307 -10.80 45.99 -7.58
CA ILE J 307 -11.78 46.92 -7.03
C ILE J 307 -12.04 46.64 -5.54
N TRP J 308 -11.09 46.00 -4.87
CA TRP J 308 -11.20 45.66 -3.45
C TRP J 308 -10.38 46.69 -2.67
N PHE J 309 -11.04 47.75 -2.22
CA PHE J 309 -10.36 48.86 -1.57
C PHE J 309 -10.25 48.67 -0.07
N SER J 310 -9.72 47.52 0.34
CA SER J 310 -9.82 47.09 1.71
C SER J 310 -8.68 46.16 2.01
N PRO J 311 -8.15 46.18 3.23
CA PRO J 311 -7.15 45.18 3.64
C PRO J 311 -7.76 43.86 4.13
N PHE J 312 -9.08 43.80 4.34
CA PHE J 312 -9.73 42.65 4.98
C PHE J 312 -9.93 41.50 4.00
N SER J 313 -10.11 40.30 4.54
CA SER J 313 -10.44 39.16 3.69
C SER J 313 -11.85 39.25 3.16
N SER J 314 -12.76 39.85 3.93
CA SER J 314 -14.16 39.70 3.59
C SER J 314 -14.98 40.84 4.18
N LEU J 315 -16.12 41.12 3.55
CA LEU J 315 -17.04 42.16 3.99
C LEU J 315 -18.46 41.63 3.89
N SER J 316 -19.26 41.81 4.94
CA SER J 316 -20.65 41.41 4.91
C SER J 316 -21.55 42.62 5.16
N LEU J 317 -22.57 42.78 4.31
CA LEU J 317 -23.57 43.81 4.46
C LEU J 317 -24.85 43.18 5.01
N ILE J 318 -25.26 43.63 6.19
CA ILE J 318 -26.41 43.12 6.90
C ILE J 318 -27.42 44.26 6.90
N VAL J 319 -28.52 44.12 6.17
CA VAL J 319 -29.48 45.19 5.95
C VAL J 319 -30.73 44.92 6.78
N ASN J 320 -31.06 45.89 7.64
CA ASN J 320 -32.32 45.90 8.41
C ASN J 320 -32.50 44.63 9.25
N ARG J 321 -31.43 44.24 9.95
CA ARG J 321 -31.47 43.06 10.82
C ARG J 321 -30.90 43.41 12.17
N ALA J 322 -31.62 43.04 13.23
CA ALA J 322 -31.06 43.08 14.58
C ALA J 322 -30.04 41.94 14.73
N THR J 323 -29.17 42.08 15.72
CA THR J 323 -28.06 41.15 15.90
C THR J 323 -28.03 40.66 17.35
N PRO J 324 -28.42 39.40 17.59
CA PRO J 324 -28.33 38.86 18.95
C PRO J 324 -26.90 38.71 19.41
N ILE J 325 -26.76 38.61 20.75
CA ILE J 325 -25.45 38.45 21.38
C ILE J 325 -24.79 37.18 20.86
N HIS J 326 -23.53 37.31 20.45
CA HIS J 326 -22.81 36.21 19.82
C HIS J 326 -21.32 36.54 19.79
N ARG J 327 -20.52 35.52 19.53
CA ARG J 327 -19.17 35.67 19.02
C ARG J 327 -19.14 35.09 17.62
N ASP J 328 -18.28 35.65 16.77
CA ASP J 328 -18.09 35.16 15.41
C ASP J 328 -16.93 34.15 15.41
N THR J 329 -17.21 32.91 14.99
CA THR J 329 -16.25 31.82 15.14
C THR J 329 -15.48 31.47 13.87
N SER J 330 -15.87 32.00 12.72
CA SER J 330 -15.29 31.50 11.48
C SER J 330 -13.95 32.13 11.14
N GLY J 331 -13.62 33.27 11.73
CA GLY J 331 -12.38 33.93 11.45
C GLY J 331 -11.35 33.58 12.48
N PRO J 332 -10.17 34.19 12.39
CA PRO J 332 -9.19 33.94 13.42
C PRO J 332 -9.44 34.69 14.70
N ILE J 333 -9.10 34.00 15.77
CA ILE J 333 -9.20 34.53 17.15
C ILE J 333 -8.26 35.71 17.26
N GLU J 334 -7.16 35.74 16.52
CA GLU J 334 -6.32 36.94 16.53
C GLU J 334 -6.93 38.13 15.77
N GLY J 335 -8.02 37.93 15.05
CA GLY J 335 -8.49 38.91 14.07
C GLY J 335 -9.33 40.03 14.66
N MET J 336 -9.02 41.26 14.26
CA MET J 336 -9.79 42.43 14.66
C MET J 336 -10.73 42.78 13.52
N ASP J 337 -12.02 42.65 13.77
CA ASP J 337 -13.07 43.03 12.83
C ASP J 337 -13.47 44.48 13.04
N ILE J 338 -14.03 45.08 12.00
CA ILE J 338 -14.55 46.43 12.12
C ILE J 338 -15.99 46.48 11.63
N LEU J 339 -16.86 47.02 12.47
CA LEU J 339 -18.27 47.22 12.15
C LEU J 339 -18.53 48.70 11.90
N VAL J 340 -19.28 48.98 10.83
CA VAL J 340 -19.80 50.31 10.51
C VAL J 340 -21.32 50.19 10.45
N THR J 341 -22.01 51.12 11.11
CA THR J 341 -23.47 51.10 11.13
C THR J 341 -24.03 52.39 10.51
N GLY J 342 -25.14 52.27 9.78
CA GLY J 342 -25.75 53.42 9.14
C GLY J 342 -27.25 53.27 9.06
N GLY J 343 -27.91 54.32 8.53
CA GLY J 343 -29.34 54.29 8.31
C GLY J 343 -30.02 55.51 8.91
N ASN J 344 -31.33 55.41 9.11
CA ASN J 344 -32.14 56.46 9.73
C ASN J 344 -32.76 55.89 11.00
N TYR J 345 -32.04 56.02 12.11
CA TYR J 345 -32.53 55.56 13.42
C TYR J 345 -31.83 56.38 14.49
N SER J 346 -32.27 56.21 15.74
CA SER J 346 -31.74 57.05 16.82
C SER J 346 -31.52 56.35 18.14
N ASN J 347 -31.88 55.07 18.26
CA ASN J 347 -31.78 54.36 19.53
C ASN J 347 -30.81 53.19 19.41
N GLY J 348 -29.77 53.35 18.61
CA GLY J 348 -28.85 52.24 18.39
C GLY J 348 -28.01 51.98 19.63
N VAL J 349 -27.86 50.69 19.96
CA VAL J 349 -27.07 50.26 21.11
C VAL J 349 -26.32 48.99 20.73
N LEU J 350 -25.03 48.94 21.04
CA LEU J 350 -24.25 47.73 20.91
C LEU J 350 -23.90 47.24 22.31
N VAL J 351 -24.20 45.97 22.60
CA VAL J 351 -24.08 45.41 23.95
C VAL J 351 -22.84 44.52 24.03
N THR J 352 -21.97 44.78 25.01
CA THR J 352 -20.82 43.92 25.30
C THR J 352 -20.97 43.46 26.74
N PRO J 353 -21.57 42.27 26.96
CA PRO J 353 -21.83 41.84 28.34
C PRO J 353 -20.59 41.51 29.13
N SER J 354 -19.55 40.95 28.50
CA SER J 354 -18.34 40.63 29.23
C SER J 354 -17.61 41.86 29.73
N PHE J 355 -17.92 43.05 29.21
CA PHE J 355 -17.34 44.29 29.68
C PHE J 355 -18.33 45.07 30.52
N ASN J 356 -19.50 44.50 30.78
CA ASN J 356 -20.59 45.19 31.47
C ASN J 356 -20.84 46.57 30.85
N ARG J 357 -20.95 46.60 29.51
CA ARG J 357 -21.14 47.90 28.88
C ARG J 357 -22.18 47.82 27.77
N ARG J 358 -22.79 48.98 27.57
CA ARG J 358 -23.76 49.30 26.49
C ARG J 358 -23.16 50.51 25.77
N TRP J 359 -23.10 50.51 24.46
CA TRP J 359 -22.43 51.55 23.69
C TRP J 359 -23.42 52.20 22.72
N THR J 360 -23.51 53.52 22.75
CA THR J 360 -24.34 54.21 21.77
C THR J 360 -23.82 53.94 20.37
N TYR J 361 -24.71 53.48 19.49
CA TYR J 361 -24.35 52.85 18.21
C TYR J 361 -25.24 53.40 17.09
N ASN J 362 -25.12 54.69 16.85
CA ASN J 362 -25.92 55.41 15.88
C ASN J 362 -25.16 55.56 14.56
N PRO J 363 -25.84 55.98 13.48
CA PRO J 363 -25.20 56.02 12.17
C PRO J 363 -23.85 56.73 12.18
N GLY J 364 -22.89 56.17 11.44
CA GLY J 364 -21.53 56.68 11.41
C GLY J 364 -20.63 56.16 12.50
N CYS J 365 -21.14 55.31 13.41
CA CYS J 365 -20.31 54.73 14.46
C CYS J 365 -19.46 53.59 13.91
N VAL J 366 -18.22 53.52 14.36
CA VAL J 366 -17.31 52.45 13.97
C VAL J 366 -16.84 51.75 15.23
N VAL J 367 -16.86 50.43 15.22
CA VAL J 367 -16.40 49.62 16.35
C VAL J 367 -15.40 48.60 15.83
N ALA J 368 -14.18 48.60 16.38
CA ALA J 368 -13.16 47.60 16.09
C ALA J 368 -13.11 46.65 17.27
N LEU J 369 -13.04 45.35 17.00
CA LEU J 369 -13.12 44.42 18.13
C LEU J 369 -12.62 43.05 17.72
N LEU J 370 -12.09 42.32 18.72
CA LEU J 370 -11.77 40.90 18.57
C LEU J 370 -13.08 40.14 18.65
N GLY J 371 -13.73 39.99 17.49
CA GLY J 371 -15.09 39.48 17.44
C GLY J 371 -15.22 38.00 17.79
N LYS J 372 -14.12 37.27 17.79
CA LYS J 372 -14.17 35.88 18.21
C LYS J 372 -13.99 35.73 19.71
N LEU J 373 -13.57 36.80 20.39
CA LEU J 373 -13.43 36.85 21.83
C LEU J 373 -14.59 37.58 22.52
N VAL J 374 -14.98 38.74 22.00
CA VAL J 374 -15.92 39.65 22.65
C VAL J 374 -17.35 39.34 22.23
N LEU J 375 -18.18 38.94 23.19
CA LEU J 375 -19.61 38.85 22.90
C LEU J 375 -20.13 40.23 22.52
N HIS J 376 -20.90 40.29 21.42
CA HIS J 376 -21.48 41.56 20.99
C HIS J 376 -22.85 41.30 20.37
N GLY J 377 -23.75 42.27 20.57
CA GLY J 377 -25.09 42.21 20.00
C GLY J 377 -25.67 43.60 19.82
N VAL J 378 -26.66 43.69 18.94
CA VAL J 378 -27.29 44.97 18.60
C VAL J 378 -28.80 44.80 18.55
N PRO J 379 -29.55 45.37 19.50
CA PRO J 379 -31.01 45.23 19.46
C PRO J 379 -31.65 45.91 18.25
N GLU J 380 -32.89 45.50 18.00
CA GLU J 380 -33.76 46.13 17.00
C GLU J 380 -33.84 47.64 17.21
N VAL J 381 -33.90 48.40 16.11
CA VAL J 381 -33.89 49.86 16.17
C VAL J 381 -35.17 50.42 15.59
N ASP J 382 -35.45 51.68 15.94
CA ASP J 382 -36.65 52.39 15.51
C ASP J 382 -36.43 53.05 14.15
N GLY J 383 -36.14 52.23 13.17
CA GLY J 383 -35.89 52.76 11.85
C GLY J 383 -35.09 51.77 11.04
N GLU J 384 -34.54 52.29 9.96
CA GLU J 384 -33.78 51.47 9.02
C GLU J 384 -32.30 51.58 9.34
N ARG J 385 -31.62 50.44 9.22
CA ARG J 385 -30.22 50.32 9.61
C ARG J 385 -29.55 49.34 8.66
N TYR J 386 -28.26 49.55 8.45
CA TYR J 386 -27.41 48.56 7.80
C TYR J 386 -26.09 48.52 8.55
N CYS J 387 -25.40 47.40 8.40
CA CYS J 387 -24.10 47.22 9.00
C CYS J 387 -23.16 46.65 7.95
N MET J 388 -21.94 47.21 7.87
CA MET J 388 -20.84 46.62 7.14
C MET J 388 -19.86 46.02 8.12
N ALA J 389 -19.68 44.70 8.05
CA ALA J 389 -18.82 43.96 8.95
C ALA J 389 -17.61 43.49 8.15
N HIS J 390 -16.43 43.90 8.58
CA HIS J 390 -15.16 43.60 7.91
C HIS J 390 -14.41 42.58 8.74
N PHE J 391 -13.98 41.48 8.12
CA PHE J 391 -13.40 40.37 8.88
C PHE J 391 -12.42 39.58 8.00
N TRP J 392 -11.92 38.47 8.56
CA TRP J 392 -10.70 37.79 8.11
C TRP J 392 -10.92 36.30 7.88
N ARG J 393 -10.12 35.74 6.97
CA ARG J 393 -9.99 34.28 6.78
C ARG J 393 -8.51 33.94 6.90
N GLU J 394 -8.11 33.36 8.05
CA GLU J 394 -6.70 33.11 8.36
C GLU J 394 -6.01 32.25 7.30
N ARG J 395 -6.73 31.27 6.76
CA ARG J 395 -6.08 30.37 5.83
C ARG J 395 -5.66 31.04 4.53
N LEU J 396 -6.23 32.21 4.21
CA LEU J 396 -5.67 33.01 3.12
C LEU J 396 -4.28 33.54 3.47
N PHE J 397 -4.05 33.90 4.74
CA PHE J 397 -2.70 34.28 5.17
C PHE J 397 -1.76 33.10 5.06
N ASP J 398 -2.22 31.92 5.52
CA ASP J 398 -1.40 30.71 5.36
C ASP J 398 -1.02 30.48 3.90
N ALA J 399 -2.01 30.50 3.00
CA ALA J 399 -1.76 30.21 1.59
C ALA J 399 -0.83 31.23 0.95
N ALA J 400 -0.82 32.46 1.43
CA ALA J 400 0.03 33.52 0.89
C ALA J 400 1.39 33.59 1.57
N GLY J 401 1.65 32.74 2.56
CA GLY J 401 2.91 32.77 3.27
C GLY J 401 3.13 33.97 4.16
N VAL J 402 2.07 34.56 4.70
CA VAL J 402 2.16 35.72 5.58
C VAL J 402 1.66 35.32 6.96
N PRO J 403 2.47 35.46 8.01
CA PRO J 403 1.99 35.11 9.35
C PRO J 403 0.87 36.05 9.79
N PHE J 404 -0.11 35.50 10.48
CA PHE J 404 -1.17 36.35 11.01
C PHE J 404 -0.72 36.94 12.34
N PRO J 405 -0.62 38.26 12.45
CA PRO J 405 -0.06 38.87 13.65
C PRO J 405 -1.00 38.74 14.84
N TYR J 406 -0.41 38.79 16.03
CA TYR J 406 -1.16 38.82 17.26
C TYR J 406 -1.72 40.21 17.50
N PRO J 407 -2.86 40.32 18.19
CA PRO J 407 -3.45 41.64 18.39
C PRO J 407 -2.44 42.64 18.93
N SER J 408 -2.52 43.85 18.41
CA SER J 408 -1.61 44.92 18.76
C SER J 408 -1.88 45.44 20.18
N LYS J 409 -0.85 46.05 20.76
CA LYS J 409 -0.91 46.75 22.02
C LYS J 409 -1.21 48.22 21.72
N TRP J 410 -1.73 48.93 22.71
CA TRP J 410 -2.05 50.32 22.42
C TRP J 410 -0.82 51.22 22.29
N GLN J 411 0.31 50.83 22.88
CA GLN J 411 1.45 51.73 22.80
C GLN J 411 2.02 51.80 21.37
N GLU J 412 1.71 50.82 20.52
CA GLU J 412 2.17 50.90 19.13
C GLU J 412 1.61 52.14 18.44
N SER J 413 0.52 52.70 18.97
CA SER J 413 -0.01 53.92 18.39
C SER J 413 0.99 55.06 18.50
N TYR J 414 1.69 55.16 19.64
CA TYR J 414 2.55 56.29 19.96
C TYR J 414 3.98 56.11 19.47
N THR J 415 4.20 55.21 18.51
CA THR J 415 5.53 54.98 17.96
C THR J 415 5.81 55.94 16.78
#